data_2GTL
#
_entry.id   2GTL
#
_cell.length_a   176.080
_cell.length_b   257.960
_cell.length_c   436.530
_cell.angle_alpha   89.69
_cell.angle_beta   97.15
_cell.angle_gamma   90.98
#
_symmetry.space_group_name_H-M   'P 1'
#
loop_
_entity.id
_entity.type
_entity.pdbx_description
1 polymer 'Extracellular globin 4'
2 polymer 'Extracellular globin 2'
3 polymer 'Extracellular globin-3'
4 polymer 'Hemoglobin chain d1'
5 polymer 'Hemoglobin linker chain L1'
6 polymer 'Extracellular hemoglobin linker L2 subunit'
7 polymer 'Extracellular hemoglobin linker L3 subunit'
8 non-polymer 'CARBON MONOXIDE'
9 non-polymer 'PROTOPORPHYRIN IX CONTAINING FE'
10 non-polymer 'CALCIUM ION'
11 non-polymer 'ZINC ION'
#
loop_
_entity_poly.entity_id
_entity_poly.type
_entity_poly.pdbx_seq_one_letter_code
_entity_poly.pdbx_strand_id
1 'polypeptide(L)'
;ADDEDCCSYEDRREIRHIWDDVWSSSFTDRRVAIVRAVFDDLFKHYPTSKALFERVKIDEPESGEFKSHLVRVANGLKLL
INLLDDTLVLQSHLGHLADQHIQRKGVTKEYFRGIGEAFARVLPQVLSCFNVDAWNRCFHRLVARIAKDLP
;
A,E,I
2 'polypeptide(L)'
;KKQCGVLEGLKVKSEWGRAYGSGHDREAFSQAIWRATFAQVPESRSLFKRVHGDDTSHPAFIAHADRVLGGLDIAISTLD
QPATLKEELDHLQVQHEGRKIPDNYFDAFKTAILHVVAAQLGRCYDREAWDACIDHIEDGIKGHH
;
B,F,J
3 'polypeptide(L)'
;DEHEHCCSEEDHRIVQKQWDILWRDTESSKIKIGFGRLLLTKLAKDIPEVNDLFKRVDIEHAEGPKFSAHALRILNGLDL
AINLLDDPPALDAALDHLAHQHEVREGVQKAHFKKFGEILATGLPQVLDDYDALAWKSCLKGILTKISSRLNA
;
C,G,K
4 'polypeptide(L)'
;ECLVTESLKVKLQWASAFGHAHERVAFGLELWRDIIDDHPEIKAPFSRVRGDNIYSPEFGAHSQRVLSGLDITISMLDTP
DMLAAQLAHLKVQHVERNLKPEFFDIFLKHLLHVLGDRLGTHFDFGAWHDCVDQIIDGIK
;
D,H,L
5 'polypeptide(L)'
;RFQYLVKNQNLHIDYLAKKLHDIEEEYNKLTHDVDKKTIRQLKARISNLEEHHCDEHESECRGDVPECIHDLLFCDGEKD
CRDGSDEDPETCSLNITHVGSSYTGLATWTSCEDLNPDHAIVTITAAHRKSFFPNRVWLRATLSYELDEHDHTVSTTQLR
GFYNFGKRELLLAPLKGQSEGYGVICDFNLGDDDHADCKIVVPSSLFVCAHFNAQRY
;
M
6 'polypeptide(L)'
;LDPRLGANAFLIIRLDRIIEKLRTKLDEAEKIDPEHFVSEIDARVTKIEGTHCEKRTFQCGGNEQECISDLLVCDGHKDC
HNAHDEDPDVCDTSVVKAGNVFSGTSTWHGCLAREDHVTRITITASKRRKFFTARIWLRALVESELERHGENVTSSFNAK
GYYNFASRRLILLPTDDHDDHLAVVCSFNRGDNERAECHRVTEATLHQCADLFVTLEEHD
;
N
7 'polypeptide(L)'
;QSHDEIIDKLIERTNKITTSISHVESLLDDRLDPKRIRKAGSLRHRVEELEDPSCDEHEHQCGGDDPQCISKLFVCDGHN
DCRNGEDEKDCTLPTKAGDKFIGDVCFDHCTKRRPEHMTLAFESSSIAAFFTPIADLHVHIEIESETDEDESEVSMPADG
EYSFADHRLTIHPPEEDGLGLVGEFDGYNFDRFVGHIVHELSEEVCAEFIFHRKK
;
O
#
# COMPACT_ATOMS: atom_id res chain seq x y z
N ASP A 5 32.00 -22.98 -10.28
CA ASP A 5 31.05 -24.14 -10.26
C ASP A 5 30.08 -24.13 -9.07
N CYS A 6 29.68 -22.93 -8.66
CA CYS A 6 28.76 -22.73 -7.56
C CYS A 6 27.53 -22.04 -8.13
N CYS A 7 26.35 -22.49 -7.75
CA CYS A 7 25.13 -21.86 -8.25
C CYS A 7 24.78 -20.69 -7.33
N SER A 8 25.18 -19.49 -7.74
CA SER A 8 24.94 -18.28 -6.96
C SER A 8 23.47 -17.92 -6.95
N TYR A 9 23.10 -17.06 -6.03
CA TYR A 9 21.72 -16.63 -5.93
C TYR A 9 21.40 -15.82 -7.15
N GLU A 10 22.35 -14.99 -7.58
CA GLU A 10 22.14 -14.15 -8.76
C GLU A 10 21.87 -15.05 -9.94
N ASP A 11 22.70 -16.08 -10.09
CA ASP A 11 22.56 -17.02 -11.18
C ASP A 11 21.16 -17.63 -11.15
N ARG A 12 20.71 -17.99 -9.96
CA ARG A 12 19.38 -18.58 -9.85
C ARG A 12 18.39 -17.58 -10.44
N ARG A 13 18.48 -16.34 -9.98
CA ARG A 13 17.59 -15.31 -10.51
C ARG A 13 17.68 -15.24 -12.03
N GLU A 14 18.89 -15.32 -12.56
CA GLU A 14 19.11 -15.27 -14.00
C GLU A 14 18.27 -16.34 -14.67
N ILE A 15 18.40 -17.56 -14.20
CA ILE A 15 17.67 -18.69 -14.75
C ILE A 15 16.17 -18.55 -14.50
N ARG A 16 15.79 -18.24 -13.27
CA ARG A 16 14.37 -18.10 -12.94
C ARG A 16 13.70 -17.17 -13.93
N HIS A 17 14.52 -16.44 -14.70
CA HIS A 17 14.03 -15.53 -15.72
C HIS A 17 14.19 -16.17 -17.09
N ILE A 18 15.40 -16.59 -17.40
CA ILE A 18 15.67 -17.25 -18.68
C ILE A 18 14.58 -18.28 -18.97
N TRP A 19 14.17 -19.01 -17.95
CA TRP A 19 13.16 -20.05 -18.11
C TRP A 19 11.85 -19.42 -18.52
N ASP A 20 11.43 -18.37 -17.80
CA ASP A 20 10.17 -17.70 -18.09
C ASP A 20 10.04 -17.31 -19.56
N ASP A 21 11.11 -17.49 -20.33
CA ASP A 21 11.07 -17.13 -21.75
C ASP A 21 10.83 -18.36 -22.61
N VAL A 22 11.29 -19.52 -22.14
CA VAL A 22 11.09 -20.75 -22.90
C VAL A 22 9.75 -21.39 -22.48
N TRP A 23 9.48 -21.34 -21.19
CA TRP A 23 8.26 -21.91 -20.61
C TRP A 23 7.16 -20.86 -20.51
N SER A 24 6.98 -20.11 -21.59
CA SER A 24 5.98 -19.05 -21.62
C SER A 24 4.56 -19.56 -21.76
N SER A 25 4.25 -20.16 -22.90
CA SER A 25 2.89 -20.65 -23.15
C SER A 25 2.52 -21.86 -22.31
N SER A 26 1.22 -21.98 -22.05
CA SER A 26 0.69 -23.11 -21.30
C SER A 26 0.19 -24.15 -22.30
N PHE A 27 0.78 -24.10 -23.50
CA PHE A 27 0.48 -25.03 -24.59
C PHE A 27 1.73 -25.83 -24.91
N THR A 28 1.59 -27.14 -24.86
CA THR A 28 2.69 -28.05 -25.12
C THR A 28 3.59 -27.64 -26.29
N ASP A 29 3.00 -27.53 -27.48
CA ASP A 29 3.72 -27.17 -28.71
C ASP A 29 5.16 -26.65 -28.59
N ARG A 30 5.33 -25.50 -27.96
CA ARG A 30 6.66 -24.91 -27.81
C ARG A 30 7.63 -25.78 -27.00
N ARG A 31 7.33 -25.94 -25.72
CA ARG A 31 8.19 -26.73 -24.85
C ARG A 31 8.61 -28.03 -25.51
N VAL A 32 7.66 -28.64 -26.22
CA VAL A 32 7.93 -29.92 -26.90
C VAL A 32 9.07 -29.76 -27.88
N ALA A 33 8.86 -28.93 -28.89
CA ALA A 33 9.88 -28.69 -29.90
C ALA A 33 11.26 -28.43 -29.30
N ILE A 34 11.30 -27.65 -28.22
CA ILE A 34 12.57 -27.36 -27.57
C ILE A 34 13.18 -28.59 -26.92
N VAL A 35 12.47 -29.23 -26.00
CA VAL A 35 12.99 -30.43 -25.35
C VAL A 35 13.39 -31.47 -26.38
N ARG A 36 12.60 -31.56 -27.45
CA ARG A 36 12.91 -32.50 -28.52
C ARG A 36 14.24 -32.08 -29.10
N ALA A 37 14.29 -30.89 -29.67
CA ALA A 37 15.52 -30.36 -30.24
C ALA A 37 16.73 -30.62 -29.35
N VAL A 38 16.50 -30.68 -28.04
CA VAL A 38 17.57 -30.93 -27.08
C VAL A 38 18.00 -32.38 -27.21
N PHE A 39 17.05 -33.29 -27.11
CA PHE A 39 17.36 -34.68 -27.24
C PHE A 39 18.00 -35.03 -28.58
N ASP A 40 17.47 -34.47 -29.67
CA ASP A 40 18.02 -34.76 -30.98
C ASP A 40 19.51 -34.49 -30.96
N ASP A 41 19.93 -33.52 -30.16
CA ASP A 41 21.34 -33.16 -30.05
C ASP A 41 22.06 -34.15 -29.15
N LEU A 42 21.31 -34.78 -28.26
CA LEU A 42 21.89 -35.76 -27.37
C LEU A 42 22.15 -37.03 -28.16
N PHE A 43 21.19 -37.38 -28.99
CA PHE A 43 21.32 -38.58 -29.79
C PHE A 43 22.32 -38.44 -30.92
N LYS A 44 22.45 -37.26 -31.47
CA LYS A 44 23.40 -37.07 -32.56
C LYS A 44 24.82 -37.18 -32.02
N HIS A 45 24.98 -37.00 -30.71
CA HIS A 45 26.29 -37.05 -30.08
C HIS A 45 26.55 -38.34 -29.28
N TYR A 46 25.51 -38.86 -28.63
CA TYR A 46 25.64 -40.10 -27.85
C TYR A 46 24.52 -40.99 -28.32
N PRO A 47 24.57 -41.42 -29.59
CA PRO A 47 23.57 -42.28 -30.23
C PRO A 47 23.15 -43.48 -29.42
N THR A 48 24.06 -43.90 -28.59
CA THR A 48 23.79 -45.00 -27.78
C THR A 48 22.49 -44.84 -26.96
N SER A 49 22.43 -43.75 -26.24
CA SER A 49 21.29 -43.45 -25.40
C SER A 49 19.94 -43.65 -26.07
N LYS A 50 19.89 -43.40 -27.36
CA LYS A 50 18.63 -43.52 -28.10
C LYS A 50 17.84 -44.74 -27.67
N ALA A 51 18.46 -45.90 -27.77
CA ALA A 51 17.79 -47.14 -27.40
C ALA A 51 17.03 -47.10 -26.06
N LEU A 52 17.58 -46.41 -25.08
CA LEU A 52 16.96 -46.31 -23.77
C LEU A 52 15.48 -45.93 -23.73
N PHE A 53 15.04 -45.20 -24.73
CA PHE A 53 13.65 -44.75 -24.78
C PHE A 53 12.70 -45.53 -25.70
N GLU A 54 12.99 -46.81 -25.91
CA GLU A 54 12.09 -47.58 -26.77
C GLU A 54 10.82 -47.78 -25.99
N ARG A 55 10.92 -47.69 -24.68
CA ARG A 55 9.78 -47.88 -23.81
C ARG A 55 8.70 -46.83 -24.08
N VAL A 56 9.13 -45.65 -24.53
CA VAL A 56 8.20 -44.57 -24.80
C VAL A 56 7.96 -44.40 -26.29
N LYS A 57 8.53 -45.31 -27.06
CA LYS A 57 8.38 -45.29 -28.51
C LYS A 57 9.03 -44.13 -29.23
N ILE A 58 10.36 -44.03 -29.14
CA ILE A 58 11.07 -42.95 -29.82
C ILE A 58 11.10 -43.19 -31.33
N ASP A 59 10.85 -44.44 -31.72
CA ASP A 59 10.83 -44.79 -33.13
C ASP A 59 9.65 -44.11 -33.81
N GLU A 60 8.71 -43.63 -33.00
CA GLU A 60 7.53 -42.94 -33.49
C GLU A 60 7.58 -41.52 -32.94
N PRO A 61 8.43 -40.66 -33.53
CA PRO A 61 8.57 -39.29 -33.08
C PRO A 61 7.27 -38.56 -32.73
N GLU A 62 6.30 -38.56 -33.63
CA GLU A 62 5.04 -37.86 -33.38
C GLU A 62 4.03 -38.71 -32.62
N SER A 63 4.48 -39.88 -32.19
CA SER A 63 3.63 -40.83 -31.48
C SER A 63 2.63 -40.24 -30.49
N GLY A 64 3.14 -39.47 -29.55
CA GLY A 64 2.26 -38.91 -28.53
C GLY A 64 2.61 -39.64 -27.26
N GLU A 65 2.91 -40.93 -27.40
CA GLU A 65 3.30 -41.75 -26.25
C GLU A 65 4.66 -41.18 -25.90
N PHE A 66 5.36 -40.72 -26.93
CA PHE A 66 6.68 -40.14 -26.82
C PHE A 66 6.59 -38.66 -26.58
N LYS A 67 5.74 -37.96 -27.33
CA LYS A 67 5.60 -36.52 -27.10
C LYS A 67 5.32 -36.28 -25.62
N SER A 68 4.32 -36.97 -25.07
CA SER A 68 3.98 -36.84 -23.67
C SER A 68 5.25 -36.98 -22.83
N HIS A 69 6.07 -37.96 -23.17
CA HIS A 69 7.33 -38.17 -22.47
C HIS A 69 8.12 -36.88 -22.46
N LEU A 70 8.48 -36.39 -23.64
CA LEU A 70 9.22 -35.14 -23.77
C LEU A 70 8.72 -34.11 -22.79
N VAL A 71 7.40 -33.93 -22.77
CA VAL A 71 6.78 -32.99 -21.87
C VAL A 71 7.14 -33.30 -20.44
N ARG A 72 6.96 -34.55 -20.03
CA ARG A 72 7.29 -34.95 -18.65
C ARG A 72 8.72 -34.53 -18.30
N VAL A 73 9.62 -34.70 -19.26
CA VAL A 73 11.02 -34.35 -19.07
C VAL A 73 11.08 -32.86 -18.89
N ALA A 74 10.49 -32.15 -19.84
CA ALA A 74 10.44 -30.69 -19.79
C ALA A 74 9.92 -30.28 -18.40
N ASN A 75 8.68 -30.65 -18.10
CA ASN A 75 8.08 -30.34 -16.81
C ASN A 75 8.94 -30.73 -15.62
N GLY A 76 9.66 -31.84 -15.73
CA GLY A 76 10.51 -32.24 -14.63
C GLY A 76 11.63 -31.23 -14.41
N LEU A 77 12.07 -30.62 -15.49
CA LEU A 77 13.12 -29.62 -15.48
C LEU A 77 12.50 -28.38 -14.91
N LYS A 78 11.33 -28.03 -15.44
CA LYS A 78 10.57 -26.87 -14.99
C LYS A 78 10.45 -26.93 -13.47
N LEU A 79 10.01 -28.08 -12.97
CA LEU A 79 9.84 -28.28 -11.55
C LEU A 79 11.13 -27.98 -10.79
N LEU A 80 12.27 -28.39 -11.35
CA LEU A 80 13.54 -28.13 -10.71
C LEU A 80 13.77 -26.64 -10.57
N ILE A 81 13.88 -25.98 -11.69
CA ILE A 81 14.10 -24.55 -11.75
C ILE A 81 13.15 -23.82 -10.82
N ASN A 82 11.87 -24.13 -10.92
CA ASN A 82 10.85 -23.50 -10.07
C ASN A 82 10.95 -23.95 -8.61
N LEU A 83 12.10 -24.49 -8.23
CA LEU A 83 12.29 -24.92 -6.87
C LEU A 83 13.55 -24.26 -6.32
N LEU A 84 14.32 -23.64 -7.21
CA LEU A 84 15.58 -22.97 -6.87
C LEU A 84 15.46 -21.95 -5.74
N ASP A 85 14.25 -21.58 -5.38
CA ASP A 85 14.08 -20.62 -4.31
C ASP A 85 13.72 -21.34 -3.04
N ASP A 86 13.44 -22.63 -3.11
CA ASP A 86 13.10 -23.40 -1.90
C ASP A 86 14.11 -24.52 -1.56
N THR A 87 15.38 -24.21 -1.79
CA THR A 87 16.51 -25.10 -1.52
C THR A 87 16.20 -26.46 -0.93
N LEU A 88 15.85 -26.49 0.36
CA LEU A 88 15.57 -27.75 1.05
C LEU A 88 14.70 -28.74 0.31
N VAL A 89 13.66 -28.26 -0.35
CA VAL A 89 12.77 -29.14 -1.10
C VAL A 89 13.49 -29.58 -2.35
N LEU A 90 14.16 -28.64 -3.00
CA LEU A 90 14.88 -28.93 -4.21
C LEU A 90 15.87 -30.04 -3.93
N GLN A 91 16.59 -29.91 -2.82
CA GLN A 91 17.60 -30.89 -2.43
C GLN A 91 17.02 -32.29 -2.29
N SER A 92 15.75 -32.38 -1.91
CA SER A 92 15.11 -33.68 -1.76
C SER A 92 14.62 -34.24 -3.09
N HIS A 93 13.77 -33.48 -3.76
CA HIS A 93 13.25 -33.91 -5.06
C HIS A 93 14.42 -34.16 -5.99
N LEU A 94 15.51 -33.45 -5.77
CA LEU A 94 16.67 -33.62 -6.63
C LEU A 94 17.17 -35.02 -6.43
N GLY A 95 17.07 -35.52 -5.20
CA GLY A 95 17.49 -36.88 -4.92
C GLY A 95 16.51 -37.84 -5.57
N HIS A 96 15.24 -37.66 -5.25
CA HIS A 96 14.16 -38.47 -5.81
C HIS A 96 14.31 -38.57 -7.34
N LEU A 97 14.78 -37.50 -7.96
CA LEU A 97 14.94 -37.46 -9.40
C LEU A 97 16.09 -38.34 -9.82
N ALA A 98 17.03 -38.56 -8.90
CA ALA A 98 18.17 -39.41 -9.18
C ALA A 98 17.68 -40.85 -9.15
N ASP A 99 17.08 -41.23 -8.04
CA ASP A 99 16.57 -42.58 -7.88
C ASP A 99 15.72 -43.04 -9.06
N GLN A 100 14.98 -42.11 -9.66
CA GLN A 100 14.14 -42.47 -10.79
C GLN A 100 14.98 -42.77 -12.02
N HIS A 101 16.26 -42.44 -11.95
CA HIS A 101 17.14 -42.69 -13.07
C HIS A 101 18.14 -43.78 -12.76
N ILE A 102 18.31 -44.08 -11.48
CA ILE A 102 19.25 -45.14 -11.11
C ILE A 102 18.57 -46.46 -11.39
N GLN A 103 17.27 -46.53 -11.17
CA GLN A 103 16.53 -47.75 -11.43
C GLN A 103 16.26 -47.94 -12.93
N ARG A 104 16.71 -46.98 -13.73
CA ARG A 104 16.56 -47.06 -15.18
C ARG A 104 17.88 -47.62 -15.68
N LYS A 105 17.91 -48.93 -15.83
CA LYS A 105 19.11 -49.61 -16.28
C LYS A 105 19.61 -49.11 -17.63
N GLY A 106 20.88 -48.70 -17.67
CA GLY A 106 21.45 -48.21 -18.92
C GLY A 106 21.76 -46.74 -18.95
N VAL A 107 21.38 -46.02 -17.89
CA VAL A 107 21.62 -44.58 -17.82
C VAL A 107 22.97 -44.25 -17.21
N THR A 108 23.92 -43.79 -18.03
CA THR A 108 25.27 -43.47 -17.56
C THR A 108 25.41 -42.07 -16.98
N LYS A 109 26.52 -41.86 -16.30
CA LYS A 109 26.81 -40.57 -15.70
C LYS A 109 27.12 -39.66 -16.87
N GLU A 110 27.61 -40.28 -17.94
CA GLU A 110 27.98 -39.57 -19.14
C GLU A 110 26.78 -38.96 -19.88
N TYR A 111 25.77 -39.79 -20.15
CA TYR A 111 24.61 -39.31 -20.88
C TYR A 111 24.11 -37.99 -20.30
N PHE A 112 24.22 -37.84 -18.99
CA PHE A 112 23.78 -36.60 -18.37
C PHE A 112 24.67 -35.46 -18.78
N ARG A 113 25.97 -35.62 -18.59
CA ARG A 113 26.89 -34.57 -18.97
C ARG A 113 26.63 -34.25 -20.44
N GLY A 114 26.06 -35.22 -21.15
CA GLY A 114 25.78 -35.04 -22.56
C GLY A 114 24.55 -34.21 -22.85
N ILE A 115 23.50 -34.41 -22.06
CA ILE A 115 22.28 -33.66 -22.27
C ILE A 115 22.52 -32.24 -21.79
N GLY A 116 23.50 -32.09 -20.91
CA GLY A 116 23.83 -30.77 -20.39
C GLY A 116 24.38 -29.94 -21.52
N GLU A 117 25.25 -30.55 -22.31
CA GLU A 117 25.86 -29.88 -23.45
C GLU A 117 24.72 -29.54 -24.39
N ALA A 118 23.80 -30.49 -24.54
CA ALA A 118 22.64 -30.30 -25.41
C ALA A 118 21.98 -28.95 -25.18
N PHE A 119 21.44 -28.72 -24.00
CA PHE A 119 20.78 -27.47 -23.70
C PHE A 119 21.66 -26.29 -24.04
N ALA A 120 22.90 -26.35 -23.58
CA ALA A 120 23.86 -25.27 -23.80
C ALA A 120 24.08 -24.95 -25.27
N ARG A 121 23.56 -25.80 -26.14
CA ARG A 121 23.71 -25.61 -27.57
C ARG A 121 22.36 -25.24 -28.18
N VAL A 122 21.28 -25.72 -27.57
CA VAL A 122 19.93 -25.45 -28.06
C VAL A 122 19.38 -24.14 -27.55
N LEU A 123 19.23 -24.04 -26.24
CA LEU A 123 18.69 -22.83 -25.64
C LEU A 123 19.20 -21.54 -26.27
N PRO A 124 20.52 -21.38 -26.42
CA PRO A 124 21.04 -20.14 -27.02
C PRO A 124 20.49 -19.83 -28.40
N GLN A 125 19.72 -20.76 -28.96
CA GLN A 125 19.14 -20.59 -30.28
C GLN A 125 17.64 -20.32 -30.23
N VAL A 126 16.98 -20.75 -29.16
CA VAL A 126 15.54 -20.56 -29.04
C VAL A 126 15.18 -19.24 -28.39
N LEU A 127 16.15 -18.59 -27.76
CA LEU A 127 15.88 -17.32 -27.13
C LEU A 127 17.16 -16.51 -27.10
N SER A 128 17.03 -15.20 -27.08
CA SER A 128 18.18 -14.34 -27.02
C SER A 128 18.39 -13.96 -25.57
N CYS A 129 19.56 -13.38 -25.28
CA CYS A 129 19.88 -12.96 -23.93
C CYS A 129 19.95 -14.19 -23.03
N PHE A 130 20.73 -15.18 -23.46
CA PHE A 130 20.89 -16.39 -22.69
C PHE A 130 22.26 -16.36 -22.04
N ASN A 131 22.29 -16.37 -20.71
CA ASN A 131 23.56 -16.33 -19.99
C ASN A 131 24.12 -17.74 -19.88
N VAL A 132 24.54 -18.28 -21.02
CA VAL A 132 25.07 -19.64 -21.09
C VAL A 132 25.86 -20.07 -19.88
N ASP A 133 26.75 -19.21 -19.40
CA ASP A 133 27.57 -19.55 -18.23
C ASP A 133 26.69 -19.77 -17.01
N ALA A 134 25.89 -18.77 -16.66
CA ALA A 134 25.01 -18.88 -15.50
C ALA A 134 24.19 -20.13 -15.58
N TRP A 135 23.62 -20.39 -16.74
CA TRP A 135 22.83 -21.60 -16.92
C TRP A 135 23.75 -22.77 -16.61
N ASN A 136 24.78 -22.92 -17.41
CA ASN A 136 25.74 -24.00 -17.23
C ASN A 136 26.07 -24.24 -15.76
N ARG A 137 26.43 -23.18 -15.04
CA ARG A 137 26.76 -23.35 -13.63
C ARG A 137 25.67 -24.06 -12.85
N CYS A 138 24.49 -23.44 -12.76
CA CYS A 138 23.42 -24.05 -12.00
C CYS A 138 22.90 -25.35 -12.56
N PHE A 139 23.09 -25.58 -13.84
CA PHE A 139 22.60 -26.82 -14.41
C PHE A 139 23.49 -27.93 -13.95
N HIS A 140 24.79 -27.66 -13.90
CA HIS A 140 25.75 -28.66 -13.45
C HIS A 140 25.46 -29.06 -12.01
N ARG A 141 25.26 -28.08 -11.14
CA ARG A 141 24.97 -28.40 -9.75
C ARG A 141 23.76 -29.33 -9.72
N LEU A 142 22.77 -29.08 -10.57
CA LEU A 142 21.58 -29.93 -10.60
C LEU A 142 21.88 -31.32 -11.10
N VAL A 143 22.62 -31.41 -12.20
CA VAL A 143 22.98 -32.69 -12.79
C VAL A 143 23.84 -33.52 -11.84
N ALA A 144 24.92 -32.94 -11.35
CA ALA A 144 25.82 -33.63 -10.43
C ALA A 144 25.04 -34.42 -9.41
N ARG A 145 24.16 -33.75 -8.67
CA ARG A 145 23.36 -34.42 -7.64
C ARG A 145 22.43 -35.48 -8.21
N ILE A 146 21.95 -35.32 -9.43
CA ILE A 146 21.05 -36.32 -10.03
C ILE A 146 21.77 -37.61 -10.40
N ALA A 147 22.93 -37.49 -11.00
CA ALA A 147 23.68 -38.66 -11.40
C ALA A 147 24.92 -38.87 -10.56
N LYS A 148 24.80 -38.75 -9.25
CA LYS A 148 25.96 -38.92 -8.38
C LYS A 148 26.31 -40.39 -8.32
N ASP A 149 25.29 -41.25 -8.34
CA ASP A 149 25.47 -42.69 -8.26
C ASP A 149 25.11 -43.41 -9.57
N LEU A 150 24.88 -42.65 -10.63
CA LEU A 150 24.47 -43.20 -11.92
C LEU A 150 25.44 -44.00 -12.80
N PRO A 151 26.69 -43.56 -12.93
CA PRO A 151 27.65 -44.27 -13.79
C PRO A 151 27.58 -45.78 -13.78
N LYS B 1 23.30 -16.06 -44.06
CA LYS B 1 24.26 -16.44 -42.97
C LYS B 1 23.64 -17.51 -42.08
N LYS B 2 22.35 -17.74 -42.27
CA LYS B 2 21.61 -18.74 -41.50
C LYS B 2 20.27 -18.95 -42.21
N GLN B 3 19.69 -20.14 -42.07
CA GLN B 3 18.40 -20.43 -42.71
C GLN B 3 17.25 -20.44 -41.69
N CYS B 4 16.07 -19.99 -42.12
CA CYS B 4 14.90 -19.95 -41.24
C CYS B 4 14.38 -21.34 -40.98
N GLY B 5 15.09 -22.06 -40.12
CA GLY B 5 14.72 -23.42 -39.78
C GLY B 5 13.67 -23.56 -38.68
N VAL B 6 13.85 -24.56 -37.83
CA VAL B 6 12.90 -24.81 -36.74
C VAL B 6 13.09 -23.82 -35.61
N LEU B 7 14.28 -23.85 -35.03
CA LEU B 7 14.62 -22.98 -33.92
C LEU B 7 14.57 -21.51 -34.29
N GLU B 8 15.38 -21.11 -35.28
CA GLU B 8 15.43 -19.71 -35.70
C GLU B 8 14.03 -19.18 -35.90
N GLY B 9 13.10 -20.08 -36.17
CA GLY B 9 11.72 -19.67 -36.34
C GLY B 9 11.17 -19.33 -34.97
N LEU B 10 11.19 -20.31 -34.09
CA LEU B 10 10.70 -20.10 -32.74
C LEU B 10 11.25 -18.81 -32.17
N LYS B 11 12.51 -18.52 -32.44
CA LYS B 11 13.08 -17.30 -31.89
C LYS B 11 12.38 -16.09 -32.47
N VAL B 12 12.35 -15.98 -33.80
CA VAL B 12 11.70 -14.84 -34.41
C VAL B 12 10.26 -14.76 -33.99
N LYS B 13 9.56 -15.88 -34.03
CA LYS B 13 8.16 -15.92 -33.67
C LYS B 13 7.93 -15.33 -32.28
N SER B 14 8.86 -15.59 -31.38
CA SER B 14 8.77 -15.11 -30.01
C SER B 14 9.11 -13.62 -29.95
N GLU B 15 10.27 -13.27 -30.47
CA GLU B 15 10.72 -11.88 -30.48
C GLU B 15 9.70 -10.97 -31.17
N TRP B 16 9.09 -11.48 -32.23
CA TRP B 16 8.11 -10.70 -32.96
C TRP B 16 6.98 -10.41 -32.01
N GLY B 17 6.62 -11.38 -31.18
CA GLY B 17 5.54 -11.18 -30.24
C GLY B 17 5.76 -9.92 -29.40
N ARG B 18 6.99 -9.74 -28.94
CA ARG B 18 7.35 -8.60 -28.12
C ARG B 18 7.39 -7.30 -28.92
N ALA B 19 8.02 -7.34 -30.09
CA ALA B 19 8.12 -6.14 -30.91
C ALA B 19 6.77 -5.67 -31.47
N TYR B 20 5.94 -6.60 -31.92
CA TYR B 20 4.65 -6.25 -32.48
C TYR B 20 3.84 -5.52 -31.44
N GLY B 21 3.64 -6.16 -30.28
CA GLY B 21 2.87 -5.54 -29.22
C GLY B 21 1.42 -5.31 -29.62
N SER B 22 0.79 -4.31 -29.03
CA SER B 22 -0.60 -4.02 -29.35
C SER B 22 -1.01 -2.58 -29.08
N GLY B 23 -2.25 -2.25 -29.41
CA GLY B 23 -2.77 -0.91 -29.18
C GLY B 23 -2.07 0.17 -29.96
N HIS B 24 -1.52 1.16 -29.25
CA HIS B 24 -0.82 2.25 -29.88
C HIS B 24 0.57 1.84 -30.31
N ASP B 25 1.26 1.09 -29.45
CA ASP B 25 2.59 0.62 -29.79
C ASP B 25 2.56 0.09 -31.21
N ARG B 26 1.47 -0.61 -31.52
CA ARG B 26 1.30 -1.19 -32.84
C ARG B 26 1.10 -0.10 -33.89
N GLU B 27 0.08 0.73 -33.70
CA GLU B 27 -0.19 1.81 -34.64
C GLU B 27 1.08 2.59 -34.97
N ALA B 28 2.04 2.57 -34.06
CA ALA B 28 3.31 3.30 -34.27
C ALA B 28 4.32 2.36 -34.91
N PHE B 29 4.50 1.21 -34.29
CA PHE B 29 5.42 0.20 -34.79
C PHE B 29 5.29 0.16 -36.30
N SER B 30 4.05 0.03 -36.78
CA SER B 30 3.80 -0.01 -38.21
C SER B 30 4.21 1.33 -38.82
N GLN B 31 3.72 2.41 -38.22
CA GLN B 31 4.06 3.75 -38.69
C GLN B 31 5.57 3.85 -38.94
N ALA B 32 6.34 3.59 -37.90
CA ALA B 32 7.80 3.66 -37.97
C ALA B 32 8.32 2.86 -39.14
N ILE B 33 7.89 1.61 -39.22
CA ILE B 33 8.33 0.73 -40.29
C ILE B 33 8.12 1.34 -41.65
N TRP B 34 6.90 1.77 -41.94
CA TRP B 34 6.64 2.35 -43.23
C TRP B 34 7.48 3.58 -43.51
N ARG B 35 7.60 4.46 -42.53
CA ARG B 35 8.39 5.66 -42.72
C ARG B 35 9.80 5.26 -43.11
N ALA B 36 10.32 4.23 -42.48
CA ALA B 36 11.66 3.74 -42.78
C ALA B 36 11.70 3.17 -44.19
N THR B 37 10.64 2.50 -44.58
CA THR B 37 10.58 1.92 -45.92
C THR B 37 10.58 3.02 -46.98
N PHE B 38 9.58 3.89 -46.92
CA PHE B 38 9.46 4.97 -47.89
C PHE B 38 10.69 5.87 -47.93
N ALA B 39 11.34 6.05 -46.78
CA ALA B 39 12.52 6.90 -46.73
C ALA B 39 13.61 6.29 -47.59
N GLN B 40 13.65 4.96 -47.63
CA GLN B 40 14.63 4.25 -48.42
C GLN B 40 14.35 4.32 -49.92
N VAL B 41 13.12 3.99 -50.29
CA VAL B 41 12.71 4.00 -51.68
C VAL B 41 11.49 4.87 -51.91
N PRO B 42 11.66 6.19 -51.93
CA PRO B 42 10.51 7.09 -52.14
C PRO B 42 9.72 6.70 -53.40
N GLU B 43 10.38 6.05 -54.35
CA GLU B 43 9.75 5.64 -55.59
C GLU B 43 8.47 4.84 -55.30
N SER B 44 8.53 3.98 -54.29
CA SER B 44 7.43 3.09 -53.93
C SER B 44 6.16 3.75 -53.45
N ARG B 45 6.24 5.01 -53.06
CA ARG B 45 5.03 5.67 -52.60
C ARG B 45 3.93 5.60 -53.64
N SER B 46 4.33 5.61 -54.91
CA SER B 46 3.38 5.57 -56.01
C SER B 46 2.44 4.36 -56.03
N LEU B 47 2.88 3.25 -55.45
CA LEU B 47 2.04 2.05 -55.43
C LEU B 47 0.87 2.14 -54.45
N PHE B 48 1.06 2.90 -53.38
CA PHE B 48 0.01 3.03 -52.38
C PHE B 48 -0.73 4.32 -52.54
N LYS B 49 -0.85 4.75 -53.79
CA LYS B 49 -1.56 5.98 -54.08
C LYS B 49 -3.02 5.76 -53.73
N ARG B 50 -3.45 4.51 -53.83
CA ARG B 50 -4.84 4.15 -53.57
C ARG B 50 -5.24 4.30 -52.11
N VAL B 51 -4.27 4.08 -51.23
CA VAL B 51 -4.53 4.15 -49.81
C VAL B 51 -3.70 5.25 -49.17
N HIS B 52 -3.86 6.46 -49.71
CA HIS B 52 -3.15 7.64 -49.24
C HIS B 52 -1.71 7.38 -48.79
N GLY B 53 -0.88 7.00 -49.75
CA GLY B 53 0.51 6.74 -49.45
C GLY B 53 1.25 8.05 -49.35
N ASP B 54 0.63 9.11 -49.83
CA ASP B 54 1.25 10.43 -49.79
C ASP B 54 1.44 10.90 -48.34
N ASP B 55 0.45 10.63 -47.48
CA ASP B 55 0.51 11.01 -46.07
C ASP B 55 0.44 9.79 -45.17
N THR B 56 1.60 9.34 -44.73
CA THR B 56 1.72 8.16 -43.87
C THR B 56 0.83 8.22 -42.62
N SER B 57 0.41 9.41 -42.22
CA SER B 57 -0.43 9.59 -41.03
C SER B 57 -1.94 9.63 -41.31
N HIS B 58 -2.32 9.44 -42.56
CA HIS B 58 -3.73 9.46 -42.92
C HIS B 58 -4.39 8.16 -42.49
N PRO B 59 -5.56 8.24 -41.86
CA PRO B 59 -6.25 7.03 -41.40
C PRO B 59 -6.25 5.88 -42.41
N ALA B 60 -6.57 6.20 -43.66
CA ALA B 60 -6.60 5.19 -44.71
C ALA B 60 -5.32 4.38 -44.70
N PHE B 61 -4.19 5.08 -44.70
CA PHE B 61 -2.89 4.44 -44.68
C PHE B 61 -2.63 3.77 -43.36
N ILE B 62 -3.03 4.41 -42.26
CA ILE B 62 -2.84 3.85 -40.94
C ILE B 62 -3.44 2.46 -40.94
N ALA B 63 -4.65 2.39 -41.49
CA ALA B 63 -5.37 1.13 -41.61
C ALA B 63 -4.49 0.20 -42.42
N HIS B 64 -4.22 0.60 -43.66
CA HIS B 64 -3.36 -0.19 -44.54
C HIS B 64 -2.16 -0.77 -43.79
N ALA B 65 -1.36 0.09 -43.18
CA ALA B 65 -0.19 -0.37 -42.44
C ALA B 65 -0.57 -1.43 -41.43
N ASP B 66 -1.40 -1.06 -40.47
CA ASP B 66 -1.84 -1.98 -39.43
C ASP B 66 -2.35 -3.28 -40.08
N ARG B 67 -2.86 -3.15 -41.30
CA ARG B 67 -3.42 -4.29 -42.04
C ARG B 67 -2.33 -5.16 -42.61
N VAL B 68 -1.24 -4.54 -43.02
CA VAL B 68 -0.11 -5.24 -43.61
C VAL B 68 0.57 -6.05 -42.56
N LEU B 69 0.96 -5.40 -41.48
CA LEU B 69 1.63 -6.09 -40.39
C LEU B 69 0.79 -7.31 -40.05
N GLY B 70 -0.53 -7.13 -40.11
CA GLY B 70 -1.44 -8.23 -39.83
C GLY B 70 -1.03 -9.52 -40.53
N GLY B 71 -0.86 -9.42 -41.84
CA GLY B 71 -0.45 -10.57 -42.60
C GLY B 71 0.90 -11.06 -42.10
N LEU B 72 1.87 -10.15 -42.03
CA LEU B 72 3.19 -10.52 -41.55
C LEU B 72 3.05 -11.30 -40.27
N ASP B 73 2.07 -10.94 -39.44
CA ASP B 73 1.85 -11.64 -38.18
C ASP B 73 1.52 -13.08 -38.53
N ILE B 74 0.41 -13.29 -39.21
CA ILE B 74 0.02 -14.63 -39.59
C ILE B 74 1.23 -15.42 -40.11
N ALA B 75 2.02 -14.79 -40.99
CA ALA B 75 3.18 -15.45 -41.55
C ALA B 75 4.08 -15.93 -40.44
N ILE B 76 4.72 -14.98 -39.77
CA ILE B 76 5.62 -15.31 -38.67
C ILE B 76 4.96 -16.29 -37.67
N SER B 77 3.77 -15.94 -37.21
CA SER B 77 3.05 -16.75 -36.22
C SER B 77 2.81 -18.18 -36.65
N THR B 78 3.28 -18.56 -37.83
CA THR B 78 3.07 -19.91 -38.28
C THR B 78 4.31 -20.49 -38.92
N LEU B 79 5.47 -19.96 -38.57
CA LEU B 79 6.71 -20.48 -39.14
C LEU B 79 6.97 -21.89 -38.61
N ASP B 80 6.13 -22.33 -37.67
CA ASP B 80 6.27 -23.66 -37.09
C ASP B 80 5.15 -24.59 -37.57
N GLN B 81 4.46 -24.19 -38.63
CA GLN B 81 3.39 -24.99 -39.20
C GLN B 81 3.46 -24.81 -40.71
N PRO B 82 4.53 -25.31 -41.33
CA PRO B 82 4.74 -25.20 -42.78
C PRO B 82 3.47 -25.34 -43.59
N ALA B 83 2.66 -26.31 -43.22
CA ALA B 83 1.39 -26.58 -43.90
C ALA B 83 0.57 -25.31 -44.05
N THR B 84 0.22 -24.72 -42.92
CA THR B 84 -0.58 -23.51 -42.88
C THR B 84 0.13 -22.31 -43.46
N LEU B 85 1.32 -22.01 -42.95
CA LEU B 85 2.10 -20.89 -43.45
C LEU B 85 2.05 -20.88 -44.97
N LYS B 86 2.44 -22.01 -45.55
CA LYS B 86 2.43 -22.17 -46.99
C LYS B 86 1.20 -21.48 -47.53
N GLU B 87 0.03 -21.84 -47.01
CA GLU B 87 -1.23 -21.27 -47.48
C GLU B 87 -1.29 -19.76 -47.35
N GLU B 88 -1.09 -19.23 -46.15
CA GLU B 88 -1.11 -17.79 -45.96
C GLU B 88 -0.18 -17.09 -46.96
N LEU B 89 1.06 -17.53 -47.03
CA LEU B 89 2.00 -16.93 -47.95
C LEU B 89 1.41 -16.95 -49.33
N ASP B 90 0.96 -18.11 -49.79
CA ASP B 90 0.37 -18.24 -51.12
C ASP B 90 -0.76 -17.24 -51.29
N HIS B 91 -1.62 -17.14 -50.29
CA HIS B 91 -2.72 -16.20 -50.34
C HIS B 91 -2.17 -14.81 -50.61
N LEU B 92 -1.18 -14.39 -49.84
CA LEU B 92 -0.58 -13.09 -50.02
C LEU B 92 -0.04 -12.98 -51.41
N GLN B 93 0.77 -13.95 -51.78
CA GLN B 93 1.38 -13.98 -53.09
C GLN B 93 0.43 -13.47 -54.15
N VAL B 94 -0.82 -13.93 -54.08
CA VAL B 94 -1.84 -13.53 -55.04
C VAL B 94 -2.18 -12.05 -54.94
N GLN B 95 -2.51 -11.60 -53.74
CA GLN B 95 -2.88 -10.20 -53.55
C GLN B 95 -1.79 -9.27 -54.04
N HIS B 96 -0.60 -9.83 -54.30
CA HIS B 96 0.51 -9.01 -54.75
C HIS B 96 0.92 -9.17 -56.21
N GLU B 97 0.91 -10.39 -56.72
CA GLU B 97 1.27 -10.60 -58.12
C GLU B 97 0.39 -9.69 -58.95
N GLY B 98 0.96 -9.12 -60.00
CA GLY B 98 0.18 -8.21 -60.83
C GLY B 98 0.73 -6.82 -60.65
N ARG B 99 1.06 -6.49 -59.41
CA ARG B 99 1.63 -5.18 -59.10
C ARG B 99 3.12 -5.29 -59.40
N LYS B 100 3.64 -4.34 -60.17
CA LYS B 100 5.05 -4.37 -60.54
C LYS B 100 5.94 -4.09 -59.34
N ILE B 101 5.96 -5.01 -58.37
CA ILE B 101 6.79 -4.81 -57.21
C ILE B 101 8.15 -5.46 -57.38
N PRO B 102 9.21 -4.65 -57.56
CA PRO B 102 10.59 -5.13 -57.74
C PRO B 102 11.18 -5.71 -56.46
N ASP B 103 12.05 -6.71 -56.58
CA ASP B 103 12.67 -7.30 -55.40
C ASP B 103 13.40 -6.21 -54.64
N ASN B 104 13.56 -5.07 -55.30
CA ASN B 104 14.20 -3.90 -54.74
C ASN B 104 13.43 -3.38 -53.51
N TYR B 105 12.12 -3.21 -53.65
CA TYR B 105 11.27 -2.74 -52.56
C TYR B 105 11.23 -3.71 -51.39
N PHE B 106 10.88 -4.96 -51.64
CA PHE B 106 10.84 -5.95 -50.57
C PHE B 106 12.08 -5.84 -49.72
N ASP B 107 13.22 -5.67 -50.36
CA ASP B 107 14.49 -5.56 -49.66
C ASP B 107 14.43 -4.43 -48.65
N ALA B 108 14.03 -3.26 -49.10
CA ALA B 108 13.92 -2.09 -48.23
C ALA B 108 12.94 -2.33 -47.08
N PHE B 109 11.77 -2.84 -47.41
CA PHE B 109 10.77 -3.13 -46.40
C PHE B 109 11.31 -4.08 -45.34
N LYS B 110 12.14 -5.03 -45.74
CA LYS B 110 12.72 -5.96 -44.77
C LYS B 110 13.62 -5.14 -43.85
N THR B 111 14.53 -4.41 -44.47
CA THR B 111 15.45 -3.58 -43.73
C THR B 111 14.66 -2.75 -42.74
N ALA B 112 13.62 -2.09 -43.23
CA ALA B 112 12.79 -1.27 -42.37
C ALA B 112 12.40 -2.09 -41.15
N ILE B 113 11.63 -3.15 -41.36
CA ILE B 113 11.20 -4.03 -40.28
C ILE B 113 12.33 -4.31 -39.32
N LEU B 114 13.43 -4.85 -39.83
CA LEU B 114 14.57 -5.16 -38.98
C LEU B 114 15.04 -3.98 -38.13
N HIS B 115 15.29 -2.82 -38.73
CA HIS B 115 15.73 -1.68 -37.95
C HIS B 115 14.73 -1.30 -36.88
N VAL B 116 13.45 -1.24 -37.21
CA VAL B 116 12.46 -0.88 -36.22
C VAL B 116 12.42 -1.91 -35.12
N VAL B 117 12.24 -3.18 -35.48
CA VAL B 117 12.21 -4.26 -34.48
C VAL B 117 13.41 -4.16 -33.53
N ALA B 118 14.60 -3.96 -34.07
CA ALA B 118 15.80 -3.83 -33.24
C ALA B 118 15.66 -2.66 -32.30
N ALA B 119 15.10 -1.56 -32.79
CA ALA B 119 14.93 -0.39 -31.97
C ALA B 119 13.95 -0.70 -30.87
N GLN B 120 12.92 -1.49 -31.17
CA GLN B 120 11.88 -1.84 -30.20
C GLN B 120 12.29 -2.86 -29.17
N LEU B 121 13.10 -3.85 -29.56
CA LEU B 121 13.49 -4.90 -28.62
C LEU B 121 14.69 -4.56 -27.76
N GLY B 122 15.34 -3.45 -28.05
CA GLY B 122 16.49 -3.08 -27.25
C GLY B 122 17.71 -3.98 -27.40
N ARG B 123 17.79 -4.99 -26.57
CA ARG B 123 18.94 -5.90 -26.57
C ARG B 123 18.75 -7.36 -26.99
N CYS B 124 17.65 -7.96 -26.57
CA CYS B 124 17.40 -9.35 -26.92
C CYS B 124 16.77 -9.46 -28.29
N TYR B 125 17.62 -9.64 -29.30
CA TYR B 125 17.19 -9.74 -30.68
C TYR B 125 18.31 -10.25 -31.59
N ASP B 126 18.05 -11.39 -32.23
CA ASP B 126 19.02 -12.00 -33.14
C ASP B 126 18.76 -11.48 -34.53
N ARG B 127 19.73 -10.75 -35.09
CA ARG B 127 19.56 -10.20 -36.43
C ARG B 127 19.47 -11.27 -37.51
N GLU B 128 20.53 -12.05 -37.65
CA GLU B 128 20.58 -13.12 -38.66
C GLU B 128 19.26 -13.87 -38.73
N ALA B 129 18.78 -14.33 -37.59
CA ALA B 129 17.52 -15.07 -37.50
C ALA B 129 16.37 -14.36 -38.18
N TRP B 130 16.11 -13.11 -37.79
CA TRP B 130 15.03 -12.38 -38.41
C TRP B 130 15.29 -12.29 -39.90
N ASP B 131 16.46 -11.81 -40.26
CA ASP B 131 16.81 -11.67 -41.66
C ASP B 131 16.38 -12.93 -42.39
N ALA B 132 16.87 -14.07 -41.92
CA ALA B 132 16.56 -15.36 -42.53
C ALA B 132 15.08 -15.61 -42.70
N CYS B 133 14.31 -15.41 -41.64
CA CYS B 133 12.87 -15.65 -41.70
C CYS B 133 12.06 -14.62 -42.48
N ILE B 134 12.34 -13.34 -42.27
CA ILE B 134 11.61 -12.33 -43.00
C ILE B 134 11.82 -12.65 -44.46
N ASP B 135 13.02 -13.12 -44.76
CA ASP B 135 13.36 -13.49 -46.12
C ASP B 135 12.44 -14.60 -46.56
N HIS B 136 12.51 -15.75 -45.88
CA HIS B 136 11.67 -16.88 -46.24
C HIS B 136 10.21 -16.47 -46.43
N ILE B 137 9.73 -15.54 -45.60
CA ILE B 137 8.36 -15.08 -45.72
C ILE B 137 8.18 -14.25 -46.97
N GLU B 138 9.13 -13.39 -47.27
CA GLU B 138 9.04 -12.57 -48.48
C GLU B 138 9.13 -13.43 -49.72
N ASP B 139 10.03 -14.41 -49.74
CA ASP B 139 10.16 -15.28 -50.89
C ASP B 139 8.80 -15.87 -51.18
N GLY B 140 8.12 -16.34 -50.13
CA GLY B 140 6.80 -16.92 -50.31
C GLY B 140 5.76 -15.98 -50.89
N ILE B 141 6.07 -14.69 -50.93
CA ILE B 141 5.13 -13.72 -51.46
C ILE B 141 5.50 -13.29 -52.86
N LYS B 142 6.79 -13.36 -53.18
CA LYS B 142 7.25 -12.99 -54.51
C LYS B 142 7.19 -14.20 -55.43
N GLY B 143 7.74 -15.32 -54.96
CA GLY B 143 7.78 -16.54 -55.73
C GLY B 143 9.23 -16.84 -56.08
N HIS B 144 10.04 -15.77 -56.07
CA HIS B 144 11.46 -15.80 -56.37
C HIS B 144 12.29 -16.31 -55.19
N HIS B 145 13.55 -15.85 -55.10
CA HIS B 145 14.50 -16.23 -54.03
C HIS B 145 15.03 -15.03 -53.23
N HIS C 3 -27.58 7.18 -29.68
CA HIS C 3 -26.95 6.61 -30.91
C HIS C 3 -25.43 6.86 -30.94
N GLU C 4 -24.96 7.77 -30.09
CA GLU C 4 -23.53 8.11 -30.02
C GLU C 4 -22.91 7.63 -28.69
N HIS C 5 -23.73 6.98 -27.87
CA HIS C 5 -23.29 6.47 -26.59
C HIS C 5 -22.98 5.00 -26.70
N CYS C 6 -23.02 4.49 -27.92
CA CYS C 6 -22.72 3.09 -28.15
C CYS C 6 -21.21 2.88 -28.34
N CYS C 7 -20.65 1.97 -27.56
CA CYS C 7 -19.23 1.69 -27.62
C CYS C 7 -18.45 2.98 -27.43
N SER C 8 -18.52 3.51 -26.20
CA SER C 8 -17.86 4.75 -25.80
C SER C 8 -16.41 4.48 -25.41
N GLU C 9 -15.68 5.55 -25.11
CA GLU C 9 -14.29 5.39 -24.72
C GLU C 9 -14.14 4.35 -23.63
N GLU C 10 -14.86 4.51 -22.52
CA GLU C 10 -14.75 3.54 -21.45
C GLU C 10 -15.13 2.17 -22.02
N ASP C 11 -16.28 2.13 -22.70
CA ASP C 11 -16.76 0.89 -23.28
C ASP C 11 -15.64 0.11 -23.95
N HIS C 12 -15.07 0.67 -25.02
CA HIS C 12 -14.02 -0.05 -25.71
C HIS C 12 -12.73 -0.15 -24.94
N ARG C 13 -12.44 0.85 -24.11
CA ARG C 13 -11.22 0.76 -23.33
C ARG C 13 -11.32 -0.59 -22.62
N ILE C 14 -12.54 -0.92 -22.21
CA ILE C 14 -12.79 -2.19 -21.52
C ILE C 14 -12.57 -3.34 -22.46
N VAL C 15 -13.33 -3.31 -23.56
CA VAL C 15 -13.22 -4.37 -24.53
C VAL C 15 -11.75 -4.64 -24.79
N GLN C 16 -11.02 -3.60 -25.18
CA GLN C 16 -9.61 -3.76 -25.48
C GLN C 16 -8.86 -4.49 -24.38
N LYS C 17 -9.06 -4.04 -23.15
CA LYS C 17 -8.35 -4.65 -22.03
C LYS C 17 -8.67 -6.12 -21.92
N GLN C 18 -9.96 -6.46 -22.01
CA GLN C 18 -10.40 -7.83 -21.86
C GLN C 18 -9.98 -8.73 -23.01
N TRP C 19 -9.91 -8.16 -24.21
CA TRP C 19 -9.52 -8.93 -25.38
C TRP C 19 -8.04 -9.26 -25.31
N ASP C 20 -7.32 -8.51 -24.50
CA ASP C 20 -5.88 -8.76 -24.35
C ASP C 20 -5.55 -9.93 -23.43
N ILE C 21 -6.46 -10.21 -22.49
CA ILE C 21 -6.25 -11.32 -21.56
C ILE C 21 -5.88 -12.53 -22.38
N LEU C 22 -6.36 -12.58 -23.61
CA LEU C 22 -6.11 -13.69 -24.49
C LEU C 22 -4.68 -13.88 -24.99
N TRP C 23 -4.10 -12.82 -25.55
CA TRP C 23 -2.76 -12.90 -26.12
C TRP C 23 -1.59 -12.77 -25.14
N ARG C 24 -1.76 -13.26 -23.92
CA ARG C 24 -0.68 -13.18 -22.95
C ARG C 24 0.42 -14.17 -23.28
N ASP C 25 0.05 -15.35 -23.80
CA ASP C 25 1.05 -16.35 -24.15
C ASP C 25 1.39 -16.34 -25.64
N THR C 26 2.67 -16.58 -25.93
CA THR C 26 3.19 -16.56 -27.29
C THR C 26 2.49 -17.46 -28.30
N GLU C 27 1.78 -18.48 -27.85
CA GLU C 27 1.10 -19.36 -28.79
C GLU C 27 -0.26 -18.85 -29.23
N SER C 28 -0.28 -17.56 -29.63
CA SER C 28 -1.51 -16.92 -30.09
C SER C 28 -2.12 -17.69 -31.27
N SER C 29 -1.26 -18.14 -32.18
CA SER C 29 -1.72 -18.89 -33.35
C SER C 29 -2.64 -20.03 -32.96
N LYS C 30 -2.14 -20.90 -32.10
CA LYS C 30 -2.93 -22.05 -31.66
C LYS C 30 -4.30 -21.61 -31.15
N ILE C 31 -4.32 -20.50 -30.41
CA ILE C 31 -5.56 -19.96 -29.87
C ILE C 31 -6.42 -19.37 -30.97
N LYS C 32 -5.97 -18.25 -31.55
CA LYS C 32 -6.70 -17.59 -32.61
C LYS C 32 -7.33 -18.61 -33.56
N ILE C 33 -6.52 -19.57 -34.00
CA ILE C 33 -7.02 -20.61 -34.90
C ILE C 33 -8.16 -21.38 -34.25
N GLY C 34 -7.83 -22.13 -33.20
CA GLY C 34 -8.83 -22.91 -32.52
C GLY C 34 -10.10 -22.12 -32.27
N PHE C 35 -9.95 -20.92 -31.73
CA PHE C 35 -11.11 -20.07 -31.44
C PHE C 35 -11.85 -19.68 -32.72
N GLY C 36 -11.12 -19.11 -33.68
CA GLY C 36 -11.74 -18.70 -34.92
C GLY C 36 -12.34 -19.89 -35.62
N ARG C 37 -11.67 -21.03 -35.53
CA ARG C 37 -12.12 -22.25 -36.16
C ARG C 37 -13.50 -22.55 -35.59
N LEU C 38 -13.57 -22.69 -34.28
CA LEU C 38 -14.83 -22.97 -33.60
C LEU C 38 -15.89 -21.96 -33.97
N LEU C 39 -15.57 -20.67 -33.89
CA LEU C 39 -16.54 -19.61 -34.23
C LEU C 39 -17.18 -19.79 -35.60
N LEU C 40 -16.38 -20.07 -36.62
CA LEU C 40 -16.93 -20.26 -37.94
C LEU C 40 -17.72 -21.57 -38.00
N THR C 41 -17.18 -22.64 -37.42
CA THR C 41 -17.86 -23.93 -37.40
C THR C 41 -19.26 -23.76 -36.85
N LYS C 42 -19.35 -23.27 -35.63
CA LYS C 42 -20.62 -23.03 -34.95
C LYS C 42 -21.54 -22.15 -35.78
N LEU C 43 -20.98 -21.47 -36.77
CA LEU C 43 -21.81 -20.63 -37.60
C LEU C 43 -22.42 -21.54 -38.65
N ALA C 44 -21.59 -22.33 -39.32
CA ALA C 44 -22.05 -23.26 -40.35
C ALA C 44 -23.04 -24.25 -39.76
N LYS C 45 -22.92 -24.48 -38.46
CA LYS C 45 -23.79 -25.40 -37.74
C LYS C 45 -25.22 -24.85 -37.75
N ASP C 46 -25.37 -23.60 -37.36
CA ASP C 46 -26.69 -22.96 -37.30
C ASP C 46 -27.20 -22.47 -38.65
N ILE C 47 -26.31 -22.25 -39.62
CA ILE C 47 -26.71 -21.81 -40.94
C ILE C 47 -25.76 -22.43 -41.96
N PRO C 48 -26.17 -23.55 -42.56
CA PRO C 48 -25.40 -24.31 -43.55
C PRO C 48 -25.07 -23.63 -44.88
N GLU C 49 -25.97 -22.77 -45.36
CA GLU C 49 -25.72 -22.11 -46.62
C GLU C 49 -24.37 -21.42 -46.55
N VAL C 50 -23.77 -21.45 -45.37
CA VAL C 50 -22.47 -20.85 -45.12
C VAL C 50 -21.38 -21.78 -45.61
N ASN C 51 -21.54 -23.06 -45.31
CA ASN C 51 -20.56 -24.06 -45.73
C ASN C 51 -20.11 -23.87 -47.18
N ASP C 52 -21.03 -23.43 -48.03
CA ASP C 52 -20.70 -23.24 -49.43
C ASP C 52 -19.86 -22.00 -49.67
N LEU C 53 -19.99 -21.02 -48.79
CA LEU C 53 -19.25 -19.77 -48.92
C LEU C 53 -17.79 -19.99 -48.55
N PHE C 54 -17.59 -20.72 -47.47
CA PHE C 54 -16.26 -21.03 -46.98
C PHE C 54 -15.69 -22.25 -47.67
N LYS C 55 -16.37 -22.69 -48.71
CA LYS C 55 -15.95 -23.85 -49.48
C LYS C 55 -14.57 -23.57 -50.06
N ARG C 56 -14.42 -22.37 -50.58
CA ARG C 56 -13.19 -21.89 -51.19
C ARG C 56 -11.96 -22.07 -50.29
N VAL C 57 -12.16 -22.00 -48.99
CA VAL C 57 -11.07 -22.14 -48.03
C VAL C 57 -11.06 -23.51 -47.35
N ASP C 58 -11.65 -24.49 -48.01
CA ASP C 58 -11.67 -25.86 -47.48
C ASP C 58 -12.17 -25.92 -46.04
N ILE C 59 -13.34 -25.35 -45.79
CA ILE C 59 -13.92 -25.36 -44.45
C ILE C 59 -14.27 -26.80 -44.10
N GLU C 60 -14.35 -27.63 -45.12
CA GLU C 60 -14.67 -29.02 -44.95
C GLU C 60 -13.64 -29.64 -44.00
N HIS C 61 -12.39 -29.19 -44.10
CA HIS C 61 -11.31 -29.70 -43.24
C HIS C 61 -10.96 -28.63 -42.21
N ALA C 62 -11.70 -28.60 -41.13
CA ALA C 62 -11.48 -27.62 -40.08
C ALA C 62 -10.01 -27.45 -39.69
N GLU C 63 -9.32 -28.56 -39.52
CA GLU C 63 -7.91 -28.55 -39.11
C GLU C 63 -6.98 -28.38 -40.30
N GLY C 64 -7.56 -28.41 -41.50
CA GLY C 64 -6.78 -28.27 -42.72
C GLY C 64 -6.13 -26.92 -42.81
N PRO C 65 -4.83 -26.84 -43.06
CA PRO C 65 -4.16 -25.55 -43.16
C PRO C 65 -4.95 -24.53 -43.95
N LYS C 66 -5.51 -24.95 -45.07
CA LYS C 66 -6.30 -24.05 -45.91
C LYS C 66 -7.24 -23.21 -45.07
N PHE C 67 -7.99 -23.89 -44.20
CA PHE C 67 -8.95 -23.23 -43.33
C PHE C 67 -8.27 -22.59 -42.13
N SER C 68 -7.33 -23.29 -41.50
CA SER C 68 -6.63 -22.74 -40.35
C SER C 68 -6.11 -21.34 -40.69
N ALA C 69 -5.54 -21.19 -41.88
CA ALA C 69 -5.02 -19.90 -42.28
C ALA C 69 -6.17 -18.94 -42.21
N HIS C 70 -7.26 -19.28 -42.90
CA HIS C 70 -8.44 -18.43 -42.93
C HIS C 70 -8.88 -18.06 -41.52
N ALA C 71 -8.99 -19.06 -40.67
CA ALA C 71 -9.40 -18.86 -39.29
C ALA C 71 -8.62 -17.67 -38.74
N LEU C 72 -7.32 -17.62 -39.04
CA LEU C 72 -6.51 -16.51 -38.58
C LEU C 72 -6.97 -15.23 -39.22
N ARG C 73 -6.84 -15.15 -40.54
CA ARG C 73 -7.23 -13.95 -41.25
C ARG C 73 -8.46 -13.29 -40.67
N ILE C 74 -9.55 -14.04 -40.52
CA ILE C 74 -10.76 -13.46 -39.95
C ILE C 74 -10.58 -13.02 -38.51
N LEU C 75 -10.30 -13.99 -37.66
CA LEU C 75 -10.09 -13.74 -36.25
C LEU C 75 -9.12 -12.57 -36.09
N ASN C 76 -8.08 -12.53 -36.92
CA ASN C 76 -7.09 -11.47 -36.88
C ASN C 76 -7.66 -10.13 -37.34
N GLY C 77 -8.68 -10.19 -38.20
CA GLY C 77 -9.31 -8.99 -38.69
C GLY C 77 -10.08 -8.40 -37.55
N LEU C 78 -10.77 -9.26 -36.81
CA LEU C 78 -11.52 -8.81 -35.65
C LEU C 78 -10.56 -8.09 -34.71
N ASP C 79 -9.33 -8.61 -34.62
CA ASP C 79 -8.30 -8.00 -33.78
C ASP C 79 -8.13 -6.56 -34.27
N LEU C 80 -7.76 -6.42 -35.53
CA LEU C 80 -7.57 -5.11 -36.12
C LEU C 80 -8.71 -4.17 -35.73
N ALA C 81 -9.94 -4.62 -35.93
CA ALA C 81 -11.10 -3.81 -35.59
C ALA C 81 -11.00 -3.32 -34.16
N ILE C 82 -10.89 -4.27 -33.23
CA ILE C 82 -10.80 -3.94 -31.83
C ILE C 82 -9.63 -2.99 -31.55
N ASN C 83 -8.45 -3.30 -32.06
CA ASN C 83 -7.29 -2.45 -31.82
C ASN C 83 -7.33 -1.06 -32.43
N LEU C 84 -8.34 -0.79 -33.24
CA LEU C 84 -8.46 0.52 -33.85
C LEU C 84 -9.65 1.22 -33.27
N LEU C 85 -10.27 0.62 -32.25
CA LEU C 85 -11.44 1.21 -31.62
C LEU C 85 -11.15 2.62 -31.09
N ASP C 86 -9.89 2.90 -30.77
CA ASP C 86 -9.55 4.20 -30.26
C ASP C 86 -8.96 5.07 -31.35
N ASP C 87 -9.74 5.30 -32.41
CA ASP C 87 -9.35 6.13 -33.56
C ASP C 87 -10.43 5.92 -34.61
N PRO C 88 -11.66 6.36 -34.30
CA PRO C 88 -12.81 6.23 -35.18
C PRO C 88 -12.57 6.34 -36.69
N PRO C 89 -11.89 7.42 -37.14
CA PRO C 89 -11.65 7.58 -38.57
C PRO C 89 -10.90 6.41 -39.18
N ALA C 90 -9.85 5.97 -38.49
CA ALA C 90 -9.04 4.82 -38.94
C ALA C 90 -9.89 3.56 -38.90
N LEU C 91 -10.46 3.27 -37.74
CA LEU C 91 -11.31 2.12 -37.60
C LEU C 91 -12.35 2.11 -38.69
N ASP C 92 -12.97 3.27 -38.92
CA ASP C 92 -13.98 3.39 -39.95
C ASP C 92 -13.39 2.87 -41.23
N ALA C 93 -12.37 3.54 -41.74
CA ALA C 93 -11.71 3.12 -42.97
C ALA C 93 -11.40 1.63 -42.97
N ALA C 94 -10.76 1.17 -41.91
CA ALA C 94 -10.37 -0.24 -41.77
C ALA C 94 -11.56 -1.20 -41.97
N LEU C 95 -12.71 -0.83 -41.43
CA LEU C 95 -13.91 -1.65 -41.55
C LEU C 95 -14.54 -1.50 -42.94
N ASP C 96 -14.63 -0.28 -43.44
CA ASP C 96 -15.22 -0.06 -44.76
C ASP C 96 -14.53 -1.00 -45.71
N HIS C 97 -13.20 -1.08 -45.60
CA HIS C 97 -12.40 -1.96 -46.44
C HIS C 97 -12.92 -3.38 -46.29
N LEU C 98 -13.19 -3.80 -45.06
CA LEU C 98 -13.69 -5.15 -44.82
C LEU C 98 -15.05 -5.34 -45.46
N ALA C 99 -15.82 -4.26 -45.55
CA ALA C 99 -17.12 -4.33 -46.17
C ALA C 99 -16.93 -4.77 -47.61
N HIS C 100 -16.09 -4.03 -48.34
CA HIS C 100 -15.81 -4.32 -49.74
C HIS C 100 -15.31 -5.74 -49.94
N GLN C 101 -14.49 -6.23 -49.02
CA GLN C 101 -13.96 -7.59 -49.16
C GLN C 101 -15.05 -8.63 -49.02
N HIS C 102 -16.19 -8.22 -48.48
CA HIS C 102 -17.32 -9.11 -48.29
C HIS C 102 -18.42 -8.84 -49.32
N GLU C 103 -18.44 -7.64 -49.86
CA GLU C 103 -19.43 -7.28 -50.87
C GLU C 103 -19.32 -8.17 -52.10
N VAL C 104 -18.10 -8.34 -52.59
CA VAL C 104 -17.86 -9.14 -53.78
C VAL C 104 -17.92 -10.63 -53.55
N ARG C 105 -18.33 -11.04 -52.37
CA ARG C 105 -18.44 -12.46 -52.05
C ARG C 105 -19.93 -12.78 -51.97
N GLU C 106 -20.55 -13.05 -53.11
CA GLU C 106 -21.98 -13.32 -53.12
C GLU C 106 -22.33 -14.54 -52.30
N GLY C 107 -23.49 -14.49 -51.67
CA GLY C 107 -23.96 -15.57 -50.84
C GLY C 107 -23.99 -15.11 -49.40
N VAL C 108 -23.10 -14.19 -49.09
CA VAL C 108 -22.98 -13.63 -47.76
C VAL C 108 -24.05 -12.60 -47.53
N GLN C 109 -25.01 -12.91 -46.66
CA GLN C 109 -26.10 -11.98 -46.36
C GLN C 109 -26.05 -11.48 -44.91
N LYS C 110 -26.70 -10.36 -44.65
CA LYS C 110 -26.71 -9.76 -43.32
C LYS C 110 -27.02 -10.74 -42.21
N ALA C 111 -28.14 -11.45 -42.35
CA ALA C 111 -28.55 -12.41 -41.32
C ALA C 111 -27.40 -13.27 -40.81
N HIS C 112 -26.37 -13.45 -41.64
CA HIS C 112 -25.19 -14.23 -41.27
C HIS C 112 -24.44 -13.57 -40.14
N PHE C 113 -24.16 -12.28 -40.30
CA PHE C 113 -23.45 -11.51 -39.28
C PHE C 113 -24.26 -11.44 -38.01
N LYS C 114 -25.55 -11.13 -38.11
CA LYS C 114 -26.38 -11.08 -36.91
C LYS C 114 -26.13 -12.33 -36.10
N LYS C 115 -26.14 -13.49 -36.77
CA LYS C 115 -25.93 -14.77 -36.08
C LYS C 115 -24.51 -14.87 -35.54
N PHE C 116 -23.52 -14.61 -36.38
CA PHE C 116 -22.14 -14.68 -35.97
C PHE C 116 -21.96 -13.83 -34.71
N GLY C 117 -22.68 -12.72 -34.65
CA GLY C 117 -22.57 -11.85 -33.50
C GLY C 117 -23.03 -12.56 -32.26
N GLU C 118 -24.21 -13.15 -32.34
CA GLU C 118 -24.78 -13.86 -31.22
C GLU C 118 -23.83 -14.96 -30.77
N ILE C 119 -23.20 -15.62 -31.73
CA ILE C 119 -22.27 -16.72 -31.44
C ILE C 119 -21.04 -16.20 -30.73
N LEU C 120 -20.50 -15.12 -31.27
CA LEU C 120 -19.31 -14.49 -30.74
C LEU C 120 -19.55 -14.03 -29.32
N ALA C 121 -20.75 -13.54 -29.06
CA ALA C 121 -21.11 -13.06 -27.75
C ALA C 121 -21.27 -14.18 -26.74
N THR C 122 -21.55 -15.39 -27.22
CA THR C 122 -21.73 -16.51 -26.31
C THR C 122 -20.41 -17.20 -26.13
N GLY C 123 -19.50 -16.98 -27.07
CA GLY C 123 -18.19 -17.61 -27.03
C GLY C 123 -17.14 -16.90 -26.18
N LEU C 124 -16.96 -15.61 -26.43
CA LEU C 124 -15.97 -14.83 -25.70
C LEU C 124 -15.97 -15.12 -24.20
N PRO C 125 -17.12 -14.95 -23.53
CA PRO C 125 -17.20 -15.20 -22.09
C PRO C 125 -16.80 -16.61 -21.64
N GLN C 126 -16.50 -17.47 -22.60
CA GLN C 126 -16.11 -18.83 -22.27
C GLN C 126 -14.60 -18.94 -22.17
N VAL C 127 -13.89 -17.99 -22.77
CA VAL C 127 -12.44 -18.00 -22.73
C VAL C 127 -11.90 -16.87 -21.89
N LEU C 128 -12.72 -15.85 -21.68
CA LEU C 128 -12.30 -14.72 -20.88
C LEU C 128 -13.03 -14.76 -19.55
N ASP C 129 -12.28 -14.81 -18.45
CA ASP C 129 -12.91 -14.85 -17.13
C ASP C 129 -13.56 -13.51 -16.83
N ASP C 130 -12.93 -12.43 -17.30
CA ASP C 130 -13.48 -11.10 -17.08
C ASP C 130 -14.09 -10.61 -18.38
N TYR C 131 -15.43 -10.60 -18.43
CA TYR C 131 -16.17 -10.19 -19.62
C TYR C 131 -17.29 -9.24 -19.24
N ASP C 132 -17.42 -8.15 -19.98
CA ASP C 132 -18.47 -7.17 -19.72
C ASP C 132 -19.40 -7.18 -20.89
N ALA C 133 -20.35 -8.10 -20.87
CA ALA C 133 -21.33 -8.24 -21.94
C ALA C 133 -21.83 -6.92 -22.53
N LEU C 134 -22.22 -5.98 -21.67
CA LEU C 134 -22.74 -4.72 -22.14
C LEU C 134 -21.77 -3.98 -23.02
N ALA C 135 -20.54 -3.81 -22.56
CA ALA C 135 -19.53 -3.11 -23.35
C ALA C 135 -19.30 -3.81 -24.67
N TRP C 136 -19.01 -5.10 -24.62
CA TRP C 136 -18.77 -5.85 -25.82
C TRP C 136 -19.89 -5.77 -26.84
N LYS C 137 -21.10 -6.14 -26.43
CA LYS C 137 -22.23 -6.12 -27.35
C LYS C 137 -22.27 -4.77 -28.05
N SER C 138 -22.12 -3.70 -27.28
CA SER C 138 -22.13 -2.34 -27.83
C SER C 138 -21.13 -2.18 -28.97
N CYS C 139 -19.88 -2.58 -28.73
CA CYS C 139 -18.84 -2.48 -29.73
C CYS C 139 -18.94 -3.50 -30.86
N LEU C 140 -19.14 -4.75 -30.54
CA LEU C 140 -19.25 -5.75 -31.59
C LEU C 140 -20.32 -5.35 -32.58
N LYS C 141 -21.42 -4.79 -32.08
CA LYS C 141 -22.52 -4.36 -32.95
C LYS C 141 -21.99 -3.38 -33.98
N GLY C 142 -21.44 -2.27 -33.50
CA GLY C 142 -20.89 -1.26 -34.40
C GLY C 142 -19.97 -1.85 -35.45
N ILE C 143 -19.14 -2.81 -35.06
CA ILE C 143 -18.21 -3.43 -35.97
C ILE C 143 -18.90 -4.28 -36.98
N LEU C 144 -19.57 -5.33 -36.52
CA LEU C 144 -20.28 -6.23 -37.41
C LEU C 144 -21.16 -5.47 -38.40
N THR C 145 -21.88 -4.46 -37.93
CA THR C 145 -22.74 -3.69 -38.81
C THR C 145 -21.97 -3.03 -39.94
N LYS C 146 -20.99 -2.21 -39.60
CA LYS C 146 -20.18 -1.51 -40.58
C LYS C 146 -19.51 -2.44 -41.57
N ILE C 147 -19.23 -3.67 -41.15
CA ILE C 147 -18.59 -4.64 -42.05
C ILE C 147 -19.54 -5.21 -43.10
N SER C 148 -20.80 -5.40 -42.72
CA SER C 148 -21.79 -5.96 -43.61
C SER C 148 -22.65 -4.91 -44.31
N SER C 149 -22.38 -3.64 -44.08
CA SER C 149 -23.16 -2.58 -44.69
C SER C 149 -23.12 -2.56 -46.20
N ARG C 150 -22.73 -3.67 -46.82
CA ARG C 150 -22.69 -3.78 -48.27
C ARG C 150 -23.05 -5.19 -48.69
N LEU C 151 -24.32 -5.47 -48.98
CA LEU C 151 -24.73 -6.84 -49.36
C LEU C 151 -26.04 -6.96 -50.16
N GLU D 1 -17.89 -32.51 -20.15
CA GLU D 1 -17.22 -32.45 -21.49
C GLU D 1 -16.40 -31.19 -21.61
N CYS D 2 -15.11 -31.37 -21.84
CA CYS D 2 -14.21 -30.24 -21.96
C CYS D 2 -13.79 -30.01 -23.40
N LEU D 3 -14.45 -29.05 -24.04
CA LEU D 3 -14.17 -28.69 -25.44
C LEU D 3 -12.91 -27.85 -25.61
N VAL D 4 -12.97 -26.85 -26.50
CA VAL D 4 -11.81 -26.00 -26.79
C VAL D 4 -11.65 -24.79 -25.87
N THR D 5 -12.73 -24.04 -25.68
CA THR D 5 -12.67 -22.87 -24.81
C THR D 5 -12.60 -23.28 -23.34
N GLU D 6 -13.49 -24.18 -22.95
CA GLU D 6 -13.54 -24.65 -21.57
C GLU D 6 -12.16 -25.10 -21.10
N SER D 7 -11.23 -25.32 -22.03
CA SER D 7 -9.88 -25.75 -21.68
C SER D 7 -9.04 -24.51 -21.49
N LEU D 8 -8.89 -23.75 -22.57
CA LEU D 8 -8.11 -22.52 -22.56
C LEU D 8 -8.40 -21.73 -21.30
N LYS D 9 -9.67 -21.72 -20.90
CA LYS D 9 -10.09 -21.03 -19.69
C LYS D 9 -9.34 -21.59 -18.49
N VAL D 10 -9.31 -22.91 -18.37
CA VAL D 10 -8.62 -23.55 -17.27
C VAL D 10 -7.12 -23.36 -17.43
N LYS D 11 -6.60 -23.62 -18.63
CA LYS D 11 -5.17 -23.47 -18.89
C LYS D 11 -4.73 -22.09 -18.40
N LEU D 12 -5.57 -21.10 -18.69
CA LEU D 12 -5.28 -19.71 -18.32
C LEU D 12 -5.39 -19.48 -16.83
N GLN D 13 -6.53 -19.82 -16.24
CA GLN D 13 -6.73 -19.62 -14.82
C GLN D 13 -5.72 -20.40 -13.98
N TRP D 14 -5.34 -21.58 -14.44
CA TRP D 14 -4.36 -22.37 -13.71
C TRP D 14 -3.12 -21.53 -13.55
N ALA D 15 -2.75 -20.84 -14.62
CA ALA D 15 -1.58 -20.00 -14.60
C ALA D 15 -1.58 -19.04 -13.41
N SER D 16 -2.59 -18.17 -13.37
CA SER D 16 -2.71 -17.17 -12.30
C SER D 16 -2.74 -17.79 -10.91
N ALA D 17 -3.56 -18.83 -10.76
CA ALA D 17 -3.71 -19.50 -9.49
C ALA D 17 -2.45 -20.19 -8.97
N PHE D 18 -1.96 -21.15 -9.76
CA PHE D 18 -0.77 -21.91 -9.40
C PHE D 18 0.36 -20.94 -9.08
N GLY D 19 0.80 -20.18 -10.07
CA GLY D 19 1.85 -19.22 -9.83
C GLY D 19 3.23 -19.69 -10.17
N HIS D 20 4.22 -19.11 -9.50
CA HIS D 20 5.62 -19.46 -9.73
C HIS D 20 6.42 -19.56 -8.44
N ALA D 21 7.47 -20.36 -8.47
CA ALA D 21 8.34 -20.56 -7.31
C ALA D 21 7.60 -20.83 -6.02
N HIS D 22 8.02 -20.17 -4.96
CA HIS D 22 7.43 -20.35 -3.66
C HIS D 22 5.90 -20.30 -3.70
N GLU D 23 5.36 -19.32 -4.42
CA GLU D 23 3.92 -19.16 -4.52
C GLU D 23 3.21 -20.49 -4.69
N ARG D 24 3.91 -21.43 -5.31
CA ARG D 24 3.39 -22.78 -5.57
C ARG D 24 3.41 -23.65 -4.33
N VAL D 25 4.59 -23.81 -3.74
CA VAL D 25 4.70 -24.64 -2.55
C VAL D 25 3.57 -24.26 -1.60
N ALA D 26 3.31 -22.96 -1.50
CA ALA D 26 2.28 -22.42 -0.64
C ALA D 26 0.95 -23.01 -1.05
N PHE D 27 0.70 -23.00 -2.34
CA PHE D 27 -0.53 -23.55 -2.87
C PHE D 27 -0.60 -25.03 -2.52
N GLY D 28 0.39 -25.79 -2.95
CA GLY D 28 0.41 -27.21 -2.67
C GLY D 28 0.11 -27.48 -1.21
N LEU D 29 0.89 -26.85 -0.34
CA LEU D 29 0.68 -27.03 1.09
C LEU D 29 -0.77 -26.76 1.51
N GLU D 30 -1.25 -25.55 1.26
CA GLU D 30 -2.63 -25.20 1.60
C GLU D 30 -3.61 -26.29 1.14
N LEU D 31 -3.39 -26.79 -0.08
CA LEU D 31 -4.24 -27.83 -0.64
C LEU D 31 -4.24 -29.10 0.17
N TRP D 32 -3.08 -29.76 0.24
CA TRP D 32 -2.99 -31.00 0.99
C TRP D 32 -3.43 -30.90 2.43
N ARG D 33 -3.20 -29.76 3.07
CA ARG D 33 -3.63 -29.61 4.46
C ARG D 33 -5.13 -29.79 4.52
N ASP D 34 -5.85 -28.98 3.77
CA ASP D 34 -7.30 -29.05 3.74
C ASP D 34 -7.78 -30.47 3.44
N ILE D 35 -7.09 -31.17 2.53
CA ILE D 35 -7.45 -32.53 2.15
C ILE D 35 -7.27 -33.50 3.30
N ILE D 36 -6.09 -33.49 3.90
CA ILE D 36 -5.81 -34.40 4.99
C ILE D 36 -6.66 -34.16 6.25
N ASP D 37 -7.04 -32.91 6.51
CA ASP D 37 -7.85 -32.65 7.68
C ASP D 37 -9.24 -33.21 7.49
N ASP D 38 -9.71 -33.20 6.25
CA ASP D 38 -11.04 -33.68 5.92
C ASP D 38 -11.08 -35.21 5.93
N HIS D 39 -10.02 -35.84 5.42
CA HIS D 39 -9.96 -37.30 5.35
C HIS D 39 -8.58 -37.82 5.77
N PRO D 40 -8.31 -37.87 7.08
CA PRO D 40 -7.03 -38.35 7.60
C PRO D 40 -6.65 -39.77 7.17
N GLU D 41 -7.56 -40.44 6.49
CA GLU D 41 -7.28 -41.79 6.03
C GLU D 41 -6.14 -41.75 5.02
N ILE D 42 -5.95 -40.60 4.40
CA ILE D 42 -4.92 -40.45 3.38
C ILE D 42 -3.49 -40.43 3.90
N LYS D 43 -3.29 -40.00 5.13
CA LYS D 43 -1.94 -39.96 5.67
C LYS D 43 -1.28 -41.34 5.55
N ALA D 44 -2.08 -42.35 5.24
CA ALA D 44 -1.58 -43.71 5.12
C ALA D 44 -0.62 -43.95 3.96
N PRO D 45 -1.10 -43.90 2.72
CA PRO D 45 -0.22 -44.13 1.57
C PRO D 45 0.92 -43.12 1.43
N PHE D 46 0.74 -41.95 2.04
CA PHE D 46 1.73 -40.89 1.99
C PHE D 46 2.78 -41.12 3.05
N SER D 47 2.86 -42.35 3.53
CA SER D 47 3.82 -42.72 4.58
C SER D 47 5.25 -42.60 4.07
N ARG D 48 5.46 -42.89 2.80
CA ARG D 48 6.79 -42.84 2.21
C ARG D 48 7.31 -41.41 2.16
N VAL D 49 6.41 -40.47 1.92
CA VAL D 49 6.76 -39.06 1.84
C VAL D 49 6.28 -38.28 3.07
N ARG D 50 6.67 -38.74 4.25
CA ARG D 50 6.29 -38.10 5.51
C ARG D 50 4.99 -37.33 5.39
N GLY D 51 3.89 -38.05 5.29
CA GLY D 51 2.59 -37.44 5.17
C GLY D 51 2.06 -36.97 6.50
N ASP D 52 2.71 -37.37 7.59
CA ASP D 52 2.27 -36.96 8.91
C ASP D 52 2.57 -35.48 9.11
N ASN D 53 3.73 -35.06 8.60
CA ASN D 53 4.19 -33.67 8.68
C ASN D 53 4.24 -33.07 7.27
N ILE D 54 3.13 -32.48 6.83
CA ILE D 54 3.06 -31.92 5.50
C ILE D 54 3.97 -30.73 5.30
N TYR D 55 4.45 -30.15 6.38
CA TYR D 55 5.35 -28.99 6.27
C TYR D 55 6.79 -29.42 6.02
N SER D 56 7.05 -30.72 6.18
CA SER D 56 8.39 -31.26 6.00
C SER D 56 8.84 -31.12 4.58
N PRO D 57 10.16 -31.12 4.35
CA PRO D 57 10.67 -31.00 2.99
C PRO D 57 10.35 -32.27 2.21
N GLU D 58 10.42 -33.41 2.87
CA GLU D 58 10.13 -34.69 2.21
C GLU D 58 8.76 -34.60 1.55
N PHE D 59 7.75 -34.22 2.31
CA PHE D 59 6.38 -34.10 1.78
C PHE D 59 6.31 -32.93 0.83
N GLY D 60 6.93 -31.82 1.21
CA GLY D 60 6.93 -30.64 0.36
C GLY D 60 7.31 -31.02 -1.06
N ALA D 61 8.40 -31.80 -1.16
CA ALA D 61 8.89 -32.25 -2.46
C ALA D 61 7.73 -32.91 -3.15
N HIS D 62 7.22 -33.96 -2.53
CA HIS D 62 6.08 -34.70 -3.07
C HIS D 62 5.00 -33.74 -3.56
N SER D 63 4.49 -32.93 -2.64
CA SER D 63 3.47 -31.95 -2.94
C SER D 63 3.69 -31.32 -4.28
N GLN D 64 4.90 -30.81 -4.49
CA GLN D 64 5.28 -30.17 -5.75
C GLN D 64 5.21 -31.13 -6.93
N ARG D 65 5.83 -32.30 -6.82
CA ARG D 65 5.83 -33.28 -7.88
C ARG D 65 4.42 -33.50 -8.38
N VAL D 66 3.48 -33.57 -7.44
CA VAL D 66 2.07 -33.77 -7.73
C VAL D 66 1.54 -32.63 -8.57
N LEU D 67 1.47 -31.46 -7.98
CA LEU D 67 0.99 -30.30 -8.69
C LEU D 67 1.59 -30.26 -10.09
N SER D 68 2.89 -30.52 -10.19
CA SER D 68 3.56 -30.47 -11.48
C SER D 68 2.85 -31.34 -12.47
N GLY D 69 2.63 -32.60 -12.10
CA GLY D 69 1.94 -33.52 -12.99
C GLY D 69 0.59 -32.94 -13.39
N LEU D 70 -0.10 -32.36 -12.42
CA LEU D 70 -1.39 -31.75 -12.68
C LEU D 70 -1.17 -30.67 -13.71
N ASP D 71 -0.07 -29.94 -13.62
CA ASP D 71 0.22 -28.89 -14.58
C ASP D 71 0.29 -29.52 -15.96
N ILE D 72 1.08 -30.58 -16.08
CA ILE D 72 1.22 -31.28 -17.37
C ILE D 72 -0.13 -31.63 -17.94
N THR D 73 -0.88 -32.47 -17.23
CA THR D 73 -2.20 -32.86 -17.69
C THR D 73 -2.96 -31.65 -18.19
N ILE D 74 -3.10 -30.62 -17.37
CA ILE D 74 -3.82 -29.40 -17.77
C ILE D 74 -3.25 -28.78 -19.04
N SER D 75 -1.94 -28.83 -19.21
CA SER D 75 -1.35 -28.26 -20.39
C SER D 75 -1.51 -29.17 -21.61
N MET D 76 -2.22 -30.27 -21.43
CA MET D 76 -2.42 -31.22 -22.53
C MET D 76 -3.90 -31.35 -22.88
N LEU D 77 -4.74 -30.59 -22.21
CA LEU D 77 -6.18 -30.66 -22.46
C LEU D 77 -6.53 -30.37 -23.91
N ASP D 78 -5.69 -29.59 -24.59
CA ASP D 78 -5.96 -29.26 -25.98
C ASP D 78 -5.55 -30.37 -26.94
N THR D 79 -4.48 -31.09 -26.60
CA THR D 79 -3.99 -32.19 -27.43
C THR D 79 -4.37 -33.52 -26.79
N PRO D 80 -5.40 -34.19 -27.32
CA PRO D 80 -5.91 -35.47 -26.83
C PRO D 80 -4.94 -36.65 -26.83
N ASP D 81 -4.21 -36.82 -27.92
CA ASP D 81 -3.26 -37.94 -28.02
C ASP D 81 -2.23 -37.94 -26.91
N MET D 82 -1.78 -36.75 -26.51
CA MET D 82 -0.78 -36.64 -25.45
C MET D 82 -1.43 -36.83 -24.09
N LEU D 83 -2.61 -36.27 -23.92
CA LEU D 83 -3.32 -36.40 -22.65
C LEU D 83 -3.65 -37.85 -22.37
N ALA D 84 -4.35 -38.48 -23.32
CA ALA D 84 -4.75 -39.87 -23.18
C ALA D 84 -3.54 -40.70 -22.75
N ALA D 85 -2.38 -40.40 -23.31
CA ALA D 85 -1.15 -41.10 -23.00
C ALA D 85 -0.65 -40.76 -21.61
N GLN D 86 -0.53 -39.47 -21.35
CA GLN D 86 -0.07 -38.96 -20.07
C GLN D 86 -0.94 -39.50 -18.95
N LEU D 87 -2.26 -39.41 -19.13
CA LEU D 87 -3.18 -39.90 -18.12
C LEU D 87 -2.91 -41.36 -17.85
N ALA D 88 -2.87 -42.16 -18.90
CA ALA D 88 -2.62 -43.59 -18.74
C ALA D 88 -1.34 -43.80 -17.95
N HIS D 89 -0.32 -43.01 -18.23
CA HIS D 89 0.96 -43.10 -17.55
C HIS D 89 0.80 -42.83 -16.07
N LEU D 90 -0.04 -41.85 -15.72
CA LEU D 90 -0.25 -41.51 -14.32
C LEU D 90 -1.02 -42.59 -13.60
N LYS D 91 -2.01 -43.16 -14.28
CA LYS D 91 -2.83 -44.21 -13.66
C LYS D 91 -1.95 -45.33 -13.13
N VAL D 92 -0.95 -45.69 -13.90
CA VAL D 92 -0.04 -46.75 -13.50
C VAL D 92 0.70 -46.42 -12.22
N GLN D 93 1.29 -45.23 -12.15
CA GLN D 93 2.04 -44.82 -10.96
C GLN D 93 1.18 -44.81 -9.71
N HIS D 94 -0.13 -44.97 -9.90
CA HIS D 94 -1.07 -44.97 -8.77
C HIS D 94 -1.69 -46.31 -8.46
N VAL D 95 -2.31 -46.93 -9.45
CA VAL D 95 -2.95 -48.23 -9.26
C VAL D 95 -2.20 -49.18 -8.32
N GLU D 96 -0.87 -49.13 -8.38
CA GLU D 96 -0.02 -50.00 -7.56
C GLU D 96 -0.19 -49.83 -6.05
N ARG D 97 -1.17 -49.05 -5.62
CA ARG D 97 -1.39 -48.82 -4.19
C ARG D 97 -2.86 -48.88 -3.85
N ASN D 98 -3.18 -49.23 -2.61
CA ASN D 98 -4.57 -49.30 -2.18
C ASN D 98 -5.14 -47.90 -2.23
N LEU D 99 -5.73 -47.55 -3.36
CA LEU D 99 -6.29 -46.22 -3.51
C LEU D 99 -7.78 -46.19 -3.80
N LYS D 100 -8.58 -45.87 -2.79
CA LYS D 100 -10.03 -45.78 -2.94
C LYS D 100 -10.32 -44.73 -4.01
N PRO D 101 -10.96 -45.14 -5.11
CA PRO D 101 -11.28 -44.21 -6.20
C PRO D 101 -11.95 -42.94 -5.70
N GLU D 102 -12.51 -42.98 -4.50
CA GLU D 102 -13.15 -41.80 -3.94
C GLU D 102 -12.14 -40.73 -3.51
N PHE D 103 -10.90 -41.15 -3.26
CA PHE D 103 -9.85 -40.22 -2.85
C PHE D 103 -9.71 -39.11 -3.86
N PHE D 104 -9.72 -39.47 -5.14
CA PHE D 104 -9.58 -38.50 -6.20
C PHE D 104 -10.77 -37.57 -6.23
N ASP D 105 -11.97 -38.11 -6.00
CA ASP D 105 -13.17 -37.28 -5.98
C ASP D 105 -13.00 -36.24 -4.89
N ILE D 106 -12.23 -36.60 -3.86
CA ILE D 106 -11.95 -35.71 -2.75
C ILE D 106 -10.93 -34.68 -3.20
N PHE D 107 -9.81 -35.15 -3.70
CA PHE D 107 -8.76 -34.28 -4.19
C PHE D 107 -9.38 -33.19 -5.05
N LEU D 108 -10.21 -33.58 -6.01
CA LEU D 108 -10.86 -32.64 -6.89
C LEU D 108 -11.68 -31.63 -6.10
N LYS D 109 -12.49 -32.12 -5.17
CA LYS D 109 -13.32 -31.24 -4.36
C LYS D 109 -12.49 -30.07 -3.84
N HIS D 110 -11.37 -30.38 -3.20
CA HIS D 110 -10.49 -29.34 -2.65
C HIS D 110 -9.76 -28.50 -3.69
N LEU D 111 -9.16 -29.14 -4.67
CA LEU D 111 -8.46 -28.40 -5.71
C LEU D 111 -9.34 -27.26 -6.19
N LEU D 112 -10.63 -27.52 -6.30
CA LEU D 112 -11.59 -26.50 -6.74
C LEU D 112 -11.84 -25.48 -5.65
N HIS D 113 -11.99 -25.98 -4.43
CA HIS D 113 -12.20 -25.11 -3.29
C HIS D 113 -11.06 -24.11 -3.22
N VAL D 114 -9.82 -24.59 -3.30
CA VAL D 114 -8.65 -23.75 -3.25
C VAL D 114 -8.60 -22.75 -4.40
N LEU D 115 -8.68 -23.25 -5.63
CA LEU D 115 -8.65 -22.35 -6.78
C LEU D 115 -9.74 -21.30 -6.59
N GLY D 116 -10.83 -21.70 -5.95
CA GLY D 116 -11.93 -20.79 -5.71
C GLY D 116 -11.41 -19.58 -4.96
N ASP D 117 -10.66 -19.83 -3.89
CA ASP D 117 -10.11 -18.74 -3.08
C ASP D 117 -9.15 -17.93 -3.93
N ARG D 118 -8.15 -18.60 -4.48
CA ARG D 118 -7.15 -17.94 -5.31
C ARG D 118 -7.73 -17.06 -6.43
N LEU D 119 -8.61 -17.63 -7.23
CA LEU D 119 -9.18 -16.90 -8.35
C LEU D 119 -10.34 -15.96 -8.03
N GLY D 120 -11.08 -16.25 -6.97
CA GLY D 120 -12.19 -15.40 -6.62
C GLY D 120 -13.49 -15.76 -7.30
N THR D 121 -14.27 -14.76 -7.67
CA THR D 121 -15.56 -15.00 -8.32
C THR D 121 -15.42 -15.27 -9.81
N HIS D 122 -14.29 -14.90 -10.38
CA HIS D 122 -14.04 -15.11 -11.80
C HIS D 122 -13.89 -16.60 -12.10
N PHE D 123 -13.45 -17.34 -11.08
CA PHE D 123 -13.22 -18.76 -11.19
C PHE D 123 -14.31 -19.46 -11.96
N ASP D 124 -13.98 -20.01 -13.12
CA ASP D 124 -14.98 -20.70 -13.93
C ASP D 124 -15.16 -22.14 -13.47
N PHE D 125 -15.90 -22.30 -12.39
CA PHE D 125 -16.18 -23.60 -11.81
C PHE D 125 -16.57 -24.59 -12.89
N GLY D 126 -17.59 -24.22 -13.66
CA GLY D 126 -18.05 -25.10 -14.71
C GLY D 126 -16.89 -25.67 -15.50
N ALA D 127 -16.13 -24.79 -16.15
CA ALA D 127 -15.01 -25.21 -16.97
C ALA D 127 -14.08 -26.19 -16.25
N TRP D 128 -13.68 -25.84 -15.03
CA TRP D 128 -12.79 -26.70 -14.29
C TRP D 128 -13.41 -28.06 -14.01
N HIS D 129 -14.58 -28.07 -13.38
CA HIS D 129 -15.24 -29.34 -13.05
C HIS D 129 -15.28 -30.24 -14.27
N ASP D 130 -15.82 -29.71 -15.35
CA ASP D 130 -15.91 -30.48 -16.60
C ASP D 130 -14.54 -30.92 -17.05
N CYS D 131 -13.56 -30.04 -16.89
CA CYS D 131 -12.22 -30.36 -17.36
C CYS D 131 -11.25 -31.16 -16.47
N VAL D 132 -11.13 -30.78 -15.20
CA VAL D 132 -10.24 -31.51 -14.33
C VAL D 132 -10.80 -32.90 -14.09
N ASP D 133 -12.13 -33.01 -14.09
CA ASP D 133 -12.78 -34.29 -13.87
C ASP D 133 -12.17 -35.26 -14.86
N GLN D 134 -12.25 -34.92 -16.15
CA GLN D 134 -11.70 -35.72 -17.26
C GLN D 134 -10.20 -36.18 -17.02
N ILE D 135 -9.50 -35.41 -16.21
CA ILE D 135 -8.13 -35.78 -15.88
C ILE D 135 -8.10 -36.80 -14.74
N ILE D 136 -9.04 -36.70 -13.82
CA ILE D 136 -9.07 -37.62 -12.71
C ILE D 136 -9.49 -39.03 -13.14
N ASP D 137 -10.63 -39.14 -13.83
CA ASP D 137 -11.09 -40.45 -14.25
C ASP D 137 -10.01 -41.22 -15.00
N GLY D 138 -9.13 -40.51 -15.69
CA GLY D 138 -8.07 -41.20 -16.41
C GLY D 138 -7.02 -41.75 -15.48
N ILE D 139 -7.16 -41.49 -14.18
CA ILE D 139 -6.21 -41.94 -13.18
C ILE D 139 -6.87 -42.73 -12.06
N LYS D 140 -8.11 -42.36 -11.77
CA LYS D 140 -8.90 -42.98 -10.71
C LYS D 140 -8.72 -44.49 -10.61
N ASP E 5 -5.13 10.84 37.86
CA ASP E 5 -5.40 9.40 38.16
C ASP E 5 -6.30 8.72 37.13
N CYS E 6 -6.14 9.12 35.88
CA CYS E 6 -6.92 8.56 34.77
C CYS E 6 -5.91 7.91 33.81
N CYS E 7 -6.20 6.71 33.34
CA CYS E 7 -5.28 6.06 32.42
C CYS E 7 -5.61 6.51 31.02
N SER E 8 -4.86 7.50 30.54
CA SER E 8 -5.07 8.06 29.21
C SER E 8 -4.68 7.08 28.12
N TYR E 9 -5.15 7.34 26.91
CA TYR E 9 -4.82 6.48 25.80
C TYR E 9 -3.34 6.61 25.53
N GLU E 10 -2.82 7.83 25.62
CA GLU E 10 -1.40 8.06 25.38
C GLU E 10 -0.61 7.22 26.36
N ASP E 11 -1.01 7.30 27.63
CA ASP E 11 -0.34 6.54 28.67
C ASP E 11 -0.34 5.06 28.34
N ARG E 12 -1.48 4.56 27.88
CA ARG E 12 -1.55 3.17 27.52
C ARG E 12 -0.47 2.90 26.49
N ARG E 13 -0.42 3.72 25.45
CA ARG E 13 0.60 3.58 24.42
C ARG E 13 2.00 3.58 25.03
N GLU E 14 2.23 4.49 25.97
CA GLU E 14 3.53 4.57 26.64
C GLU E 14 3.90 3.21 27.23
N ILE E 15 2.97 2.66 28.00
CA ILE E 15 3.18 1.38 28.64
C ILE E 15 3.30 0.26 27.60
N ARG E 16 2.36 0.19 26.68
CA ARG E 16 2.38 -0.86 25.65
C ARG E 16 3.75 -0.93 25.02
N HIS E 17 4.57 0.09 25.26
CA HIS E 17 5.93 0.16 24.74
C HIS E 17 6.91 -0.18 25.86
N ILE E 18 6.80 0.56 26.96
CA ILE E 18 7.67 0.31 28.08
C ILE E 18 7.75 -1.20 28.35
N TRP E 19 6.62 -1.88 28.25
CA TRP E 19 6.57 -3.31 28.50
C TRP E 19 7.42 -4.07 27.49
N ASP E 20 7.23 -3.77 26.21
CA ASP E 20 7.98 -4.43 25.15
C ASP E 20 9.50 -4.40 25.38
N ASP E 21 9.94 -3.69 26.41
CA ASP E 21 11.37 -3.61 26.71
C ASP E 21 11.75 -4.58 27.84
N VAL E 22 10.80 -4.85 28.73
CA VAL E 22 11.06 -5.76 29.83
C VAL E 22 10.71 -7.17 29.39
N TRP E 23 9.59 -7.27 28.67
CA TRP E 23 9.08 -8.55 28.18
C TRP E 23 9.59 -8.83 26.77
N SER E 24 10.88 -8.63 26.57
CA SER E 24 11.47 -8.84 25.27
C SER E 24 11.67 -10.31 24.91
N SER E 25 12.54 -10.98 25.64
CA SER E 25 12.83 -12.38 25.36
C SER E 25 11.70 -13.31 25.68
N SER E 26 11.66 -14.43 24.95
CA SER E 26 10.64 -15.45 25.15
C SER E 26 11.27 -16.53 26.03
N PHE E 27 12.26 -16.11 26.81
CA PHE E 27 12.96 -16.97 27.76
C PHE E 27 12.71 -16.44 29.16
N THR E 28 12.22 -17.31 30.04
CA THR E 28 11.93 -16.95 31.42
C THR E 28 12.98 -16.08 32.12
N ASP E 29 14.21 -16.59 32.20
CA ASP E 29 15.33 -15.89 32.83
C ASP E 29 15.12 -14.42 33.18
N ARG E 30 14.97 -13.57 32.18
CA ARG E 30 14.81 -12.13 32.42
C ARG E 30 13.57 -11.79 33.25
N ARG E 31 12.39 -12.03 32.70
CA ARG E 31 11.14 -11.72 33.39
C ARG E 31 11.18 -12.20 34.82
N VAL E 32 11.75 -13.36 35.04
CA VAL E 32 11.87 -13.92 36.38
C VAL E 32 12.61 -12.96 37.31
N ALA E 33 13.88 -12.74 37.02
CA ALA E 33 14.70 -11.86 37.83
C ALA E 33 13.98 -10.54 38.13
N ILE E 34 13.26 -10.00 37.15
CA ILE E 34 12.56 -8.74 37.38
C ILE E 34 11.41 -8.90 38.35
N VAL E 35 10.47 -9.78 38.05
CA VAL E 35 9.33 -10.00 38.94
C VAL E 35 9.82 -10.34 40.31
N ARG E 36 10.89 -11.11 40.39
CA ARG E 36 11.45 -11.49 41.68
C ARG E 36 11.89 -10.19 42.35
N ALA E 37 12.84 -9.51 41.73
CA ALA E 37 13.34 -8.25 42.27
C ALA E 37 12.21 -7.35 42.75
N VAL E 38 11.05 -7.49 42.14
CA VAL E 38 9.88 -6.70 42.51
C VAL E 38 9.38 -7.20 43.86
N PHE E 39 9.14 -8.49 43.96
CA PHE E 39 8.68 -9.06 45.21
C PHE E 39 9.65 -8.85 46.35
N ASP E 40 10.94 -9.01 46.10
CA ASP E 40 11.93 -8.81 47.15
C ASP E 40 11.75 -7.44 47.77
N ASP E 41 11.29 -6.47 46.98
CA ASP E 41 11.06 -5.12 47.45
C ASP E 41 9.74 -5.03 48.19
N LEU E 42 8.83 -5.95 47.89
CA LEU E 42 7.53 -5.99 48.55
C LEU E 42 7.72 -6.57 49.93
N PHE E 43 8.53 -7.61 50.00
CA PHE E 43 8.80 -8.26 51.26
C PHE E 43 9.71 -7.46 52.18
N LYS E 44 10.62 -6.69 51.63
CA LYS E 44 11.51 -5.90 52.47
C LYS E 44 10.72 -4.78 53.12
N HIS E 45 9.56 -4.44 52.54
CA HIS E 45 8.73 -3.36 53.05
C HIS E 45 7.47 -3.84 53.78
N TYR E 46 6.87 -4.92 53.31
CA TYR E 46 5.68 -5.47 53.95
C TYR E 46 5.99 -6.94 54.18
N PRO E 47 6.96 -7.25 55.06
CA PRO E 47 7.40 -8.62 55.39
C PRO E 47 6.28 -9.60 55.73
N THR E 48 5.17 -9.06 56.22
CA THR E 48 4.03 -9.90 56.55
C THR E 48 3.59 -10.76 55.37
N SER E 49 3.43 -10.12 54.22
CA SER E 49 2.99 -10.79 53.00
C SER E 49 3.79 -12.04 52.66
N LYS E 50 5.08 -12.04 52.97
CA LYS E 50 5.94 -13.19 52.67
C LYS E 50 5.24 -14.51 52.95
N ALA E 51 4.77 -14.70 54.17
CA ALA E 51 4.10 -15.91 54.56
C ALA E 51 3.05 -16.42 53.55
N LEU E 52 2.30 -15.51 52.96
CA LEU E 52 1.26 -15.86 52.00
C LEU E 52 1.66 -16.82 50.90
N PHE E 53 2.94 -16.84 50.54
CA PHE E 53 3.39 -17.70 49.46
C PHE E 53 4.10 -18.97 49.88
N GLU E 54 3.78 -19.52 51.04
CA GLU E 54 4.42 -20.75 51.45
C GLU E 54 3.88 -21.85 50.56
N ARG E 55 2.69 -21.62 50.04
CA ARG E 55 2.05 -22.60 49.18
C ARG E 55 2.88 -22.89 47.95
N VAL E 56 3.65 -21.89 47.51
CA VAL E 56 4.48 -22.04 46.32
C VAL E 56 5.93 -22.23 46.68
N LYS E 57 6.18 -22.36 47.97
CA LYS E 57 7.54 -22.57 48.46
C LYS E 57 8.50 -21.42 48.26
N ILE E 58 8.22 -20.28 48.90
CA ILE E 58 9.11 -19.13 48.78
C ILE E 58 10.37 -19.36 49.58
N ASP E 59 10.32 -20.31 50.52
CA ASP E 59 11.48 -20.61 51.33
C ASP E 59 12.57 -21.24 50.46
N GLU E 60 12.18 -21.67 49.26
CA GLU E 60 13.12 -22.26 48.31
C GLU E 60 13.12 -21.35 47.08
N PRO E 61 13.82 -20.22 47.17
CA PRO E 61 13.89 -19.28 46.06
C PRO E 61 14.09 -19.89 44.70
N GLU E 62 15.10 -20.74 44.53
CA GLU E 62 15.36 -21.33 43.23
C GLU E 62 14.55 -22.58 42.99
N SER E 63 13.62 -22.86 43.89
CA SER E 63 12.76 -24.04 43.81
C SER E 63 12.28 -24.44 42.42
N GLY E 64 11.60 -23.52 41.74
CA GLY E 64 11.07 -23.85 40.44
C GLY E 64 9.58 -23.91 40.66
N GLU E 65 9.19 -24.43 41.81
CA GLU E 65 7.77 -24.50 42.15
C GLU E 65 7.40 -23.03 42.34
N PHE E 66 8.38 -22.27 42.80
CA PHE E 66 8.24 -20.85 43.07
C PHE E 66 8.57 -20.03 41.85
N LYS E 67 9.67 -20.38 41.17
CA LYS E 67 10.03 -19.65 39.97
C LYS E 67 8.83 -19.63 39.03
N SER E 68 8.26 -20.80 38.76
CA SER E 68 7.10 -20.90 37.89
C SER E 68 6.07 -19.89 38.36
N HIS E 69 5.86 -19.80 39.67
CA HIS E 69 4.91 -18.87 40.23
C HIS E 69 5.23 -17.47 39.72
N LEU E 70 6.42 -16.99 40.07
CA LEU E 70 6.85 -15.68 39.62
C LEU E 70 6.43 -15.43 38.17
N VAL E 71 6.74 -16.37 37.31
CA VAL E 71 6.39 -16.28 35.92
C VAL E 71 4.89 -16.05 35.75
N ARG E 72 4.07 -16.87 36.41
CA ARG E 72 2.63 -16.74 36.31
C ARG E 72 2.21 -15.34 36.68
N VAL E 73 2.85 -14.78 37.69
CA VAL E 73 2.53 -13.42 38.10
C VAL E 73 2.91 -12.51 36.98
N ALA E 74 4.16 -12.64 36.54
CA ALA E 74 4.65 -11.84 35.43
C ALA E 74 3.64 -11.92 34.29
N ASN E 75 3.47 -13.12 33.74
CA ASN E 75 2.53 -13.33 32.66
C ASN E 75 1.16 -12.77 32.92
N GLY E 76 0.70 -12.82 34.18
CA GLY E 76 -0.61 -12.28 34.50
C GLY E 76 -0.65 -10.77 34.30
N LEU E 77 0.49 -10.14 34.54
CA LEU E 77 0.64 -8.71 34.38
C LEU E 77 0.71 -8.46 32.89
N LYS E 78 1.53 -9.24 32.21
CA LYS E 78 1.69 -9.15 30.76
C LYS E 78 0.32 -9.17 30.12
N LEU E 79 -0.48 -10.17 30.49
CA LEU E 79 -1.83 -10.32 29.97
C LEU E 79 -2.63 -9.05 30.16
N LEU E 80 -2.47 -8.40 31.31
CA LEU E 80 -3.20 -7.17 31.58
C LEU E 80 -2.83 -6.11 30.57
N ILE E 81 -1.56 -5.72 30.61
CA ILE E 81 -1.04 -4.71 29.70
C ILE E 81 -1.45 -4.99 28.26
N ASN E 82 -1.23 -6.23 27.81
CA ASN E 82 -1.59 -6.60 26.44
C ASN E 82 -3.10 -6.68 26.22
N LEU E 83 -3.86 -6.03 27.10
CA LEU E 83 -5.30 -6.03 26.99
C LEU E 83 -5.78 -4.60 27.00
N LEU E 84 -4.89 -3.68 27.35
CA LEU E 84 -5.19 -2.26 27.41
C LEU E 84 -5.81 -1.68 26.14
N ASP E 85 -5.76 -2.43 25.03
CA ASP E 85 -6.35 -1.92 23.79
C ASP E 85 -7.73 -2.53 23.58
N ASP E 86 -8.10 -3.50 24.41
CA ASP E 86 -9.42 -4.14 24.30
C ASP E 86 -10.31 -3.94 25.51
N THR E 87 -10.22 -2.76 26.09
CA THR E 87 -10.99 -2.34 27.25
C THR E 87 -11.99 -3.34 27.83
N LEU E 88 -13.10 -3.55 27.13
CA LEU E 88 -14.15 -4.45 27.60
C LEU E 88 -13.68 -5.79 28.14
N VAL E 89 -12.72 -6.40 27.47
CA VAL E 89 -12.19 -7.69 27.93
C VAL E 89 -11.35 -7.45 29.17
N LEU E 90 -10.53 -6.42 29.11
CA LEU E 90 -9.67 -6.08 30.24
C LEU E 90 -10.55 -5.90 31.48
N GLN E 91 -11.63 -5.14 31.33
CA GLN E 91 -12.55 -4.88 32.43
C GLN E 91 -13.09 -6.15 33.07
N SER E 92 -13.23 -7.20 32.28
CA SER E 92 -13.74 -8.47 32.80
C SER E 92 -12.63 -9.28 33.45
N HIS E 93 -11.57 -9.57 32.71
CA HIS E 93 -10.45 -10.32 33.26
C HIS E 93 -9.92 -9.60 34.46
N LEU E 94 -10.05 -8.29 34.49
CA LEU E 94 -9.55 -7.52 35.62
C LEU E 94 -10.34 -7.91 36.84
N GLY E 95 -11.62 -8.21 36.66
CA GLY E 95 -12.46 -8.61 37.76
C GLY E 95 -12.04 -10.00 38.16
N HIS E 96 -12.04 -10.91 37.19
CA HIS E 96 -11.64 -12.31 37.41
C HIS E 96 -10.30 -12.36 38.18
N LEU E 97 -9.43 -11.40 37.92
CA LEU E 97 -8.14 -11.35 38.58
C LEU E 97 -8.31 -10.96 40.03
N ALA E 98 -9.39 -10.25 40.32
CA ALA E 98 -9.67 -9.83 41.68
C ALA E 98 -10.13 -11.06 42.43
N ASP E 99 -11.18 -11.68 41.93
CA ASP E 99 -11.73 -12.86 42.56
C ASP E 99 -10.67 -13.90 42.89
N GLN E 100 -9.64 -14.01 42.07
CA GLN E 100 -8.58 -14.99 42.32
C GLN E 100 -7.73 -14.57 43.52
N HIS E 101 -7.90 -13.34 43.96
CA HIS E 101 -7.14 -12.86 45.09
C HIS E 101 -8.03 -12.65 46.30
N ILE E 102 -9.34 -12.58 46.10
CA ILE E 102 -10.24 -12.42 47.22
C ILE E 102 -10.34 -13.74 47.93
N GLN E 103 -10.33 -14.83 47.17
CA GLN E 103 -10.41 -16.16 47.75
C GLN E 103 -9.07 -16.58 48.35
N ARG E 104 -8.08 -15.72 48.22
CA ARG E 104 -6.77 -16.00 48.79
C ARG E 104 -6.75 -15.28 50.13
N LYS E 105 -7.10 -16.02 51.17
CA LYS E 105 -7.17 -15.48 52.53
C LYS E 105 -5.85 -14.88 52.98
N GLY E 106 -5.90 -13.61 53.40
CA GLY E 106 -4.70 -12.95 53.87
C GLY E 106 -4.18 -11.84 52.98
N VAL E 107 -4.78 -11.66 51.81
CA VAL E 107 -4.35 -10.63 50.88
C VAL E 107 -5.05 -9.31 51.15
N THR E 108 -4.30 -8.33 51.66
CA THR E 108 -4.86 -7.02 51.99
C THR E 108 -4.89 -6.05 50.82
N LYS E 109 -5.63 -4.96 50.99
CA LYS E 109 -5.76 -3.95 49.97
C LYS E 109 -4.42 -3.24 49.97
N GLU E 110 -3.76 -3.30 51.12
CA GLU E 110 -2.48 -2.67 51.30
C GLU E 110 -1.37 -3.34 50.52
N TYR E 111 -1.24 -4.66 50.68
CA TYR E 111 -0.19 -5.38 49.97
C TYR E 111 -0.13 -4.97 48.50
N PHE E 112 -1.29 -4.70 47.90
CA PHE E 112 -1.32 -4.31 46.50
C PHE E 112 -0.68 -2.95 46.34
N ARG E 113 -1.16 -1.97 47.11
CA ARG E 113 -0.58 -0.65 47.01
C ARG E 113 0.92 -0.79 47.23
N GLY E 114 1.32 -1.85 47.91
CA GLY E 114 2.71 -2.06 48.19
C GLY E 114 3.51 -2.62 47.03
N ILE E 115 2.91 -3.52 46.27
CA ILE E 115 3.61 -4.10 45.14
C ILE E 115 3.65 -3.04 44.06
N GLY E 116 2.73 -2.10 44.14
CA GLY E 116 2.70 -1.03 43.16
C GLY E 116 3.94 -0.18 43.31
N GLU E 117 4.27 0.11 44.56
CA GLU E 117 5.43 0.91 44.87
C GLU E 117 6.62 0.12 44.38
N ALA E 118 6.58 -1.19 44.61
CA ALA E 118 7.65 -2.08 44.19
C ALA E 118 8.08 -1.83 42.74
N PHE E 119 7.19 -2.05 41.80
CA PHE E 119 7.52 -1.84 40.41
C PHE E 119 8.10 -0.46 40.17
N ALA E 120 7.42 0.54 40.69
CA ALA E 120 7.84 1.93 40.53
C ALA E 120 9.26 2.20 41.03
N ARG E 121 9.84 1.21 41.70
CA ARG E 121 11.18 1.35 42.25
C ARG E 121 12.11 0.42 41.50
N VAL E 122 11.55 -0.67 40.98
CA VAL E 122 12.34 -1.65 40.26
C VAL E 122 12.49 -1.32 38.79
N LEU E 123 11.35 -1.27 38.09
CA LEU E 123 11.38 -0.98 36.67
C LEU E 123 12.34 0.13 36.26
N PRO E 124 12.27 1.29 36.93
CA PRO E 124 13.19 2.39 36.57
C PRO E 124 14.67 2.02 36.63
N GLN E 125 14.96 0.81 37.08
CA GLN E 125 16.33 0.34 37.19
C GLN E 125 16.66 -0.70 36.15
N VAL E 126 15.64 -1.42 35.66
CA VAL E 126 15.89 -2.46 34.67
C VAL E 126 15.86 -1.96 33.24
N LEU E 127 15.35 -0.75 33.05
CA LEU E 127 15.30 -0.18 31.72
C LEU E 127 15.31 1.31 31.83
N SER E 128 15.83 1.97 30.79
CA SER E 128 15.88 3.43 30.78
C SER E 128 14.67 3.91 30.02
N CYS E 129 14.40 5.21 30.13
CA CYS E 129 13.25 5.80 29.45
C CYS E 129 11.97 5.21 30.01
N PHE E 130 11.85 5.24 31.34
CA PHE E 130 10.66 4.74 32.00
C PHE E 130 9.83 5.92 32.49
N ASN E 131 8.61 6.03 31.96
CA ASN E 131 7.74 7.13 32.34
C ASN E 131 7.02 6.78 33.63
N VAL E 132 7.78 6.72 34.71
CA VAL E 132 7.26 6.37 36.03
C VAL E 132 5.84 6.86 36.29
N ASP E 133 5.56 8.12 35.95
CA ASP E 133 4.22 8.67 36.16
C ASP E 133 3.17 7.91 35.35
N ALA E 134 3.36 7.87 34.03
CA ALA E 134 2.44 7.16 33.16
C ALA E 134 2.19 5.75 33.66
N TRP E 135 3.27 5.05 34.00
CA TRP E 135 3.12 3.70 34.50
C TRP E 135 2.24 3.80 35.73
N ASN E 136 2.72 4.50 36.73
CA ASN E 136 1.98 4.67 37.97
C ASN E 136 0.50 4.91 37.72
N ARG E 137 0.17 5.86 36.84
CA ARG E 137 -1.23 6.13 36.60
C ARG E 137 -2.00 4.90 36.19
N CYS E 138 -1.65 4.30 35.07
CA CYS E 138 -2.37 3.13 34.60
C CYS E 138 -2.24 1.91 35.48
N PHE E 139 -1.19 1.83 36.27
CA PHE E 139 -1.03 0.68 37.14
C PHE E 139 -2.03 0.79 38.27
N HIS E 140 -2.24 2.01 38.76
CA HIS E 140 -3.19 2.23 39.83
C HIS E 140 -4.60 1.87 39.39
N ARG E 141 -4.99 2.33 38.20
CA ARG E 141 -6.31 2.02 37.69
C ARG E 141 -6.46 0.50 37.69
N LEU E 142 -5.42 -0.22 37.29
CA LEU E 142 -5.48 -1.67 37.26
C LEU E 142 -5.60 -2.26 38.64
N VAL E 143 -4.76 -1.79 39.56
CA VAL E 143 -4.77 -2.28 40.95
C VAL E 143 -6.11 -2.00 41.64
N ALA E 144 -6.53 -0.74 41.60
CA ALA E 144 -7.80 -0.35 42.22
C ALA E 144 -8.89 -1.38 41.95
N ARG E 145 -9.14 -1.64 40.68
CA ARG E 145 -10.17 -2.60 40.32
C ARG E 145 -9.87 -4.01 40.82
N ILE E 146 -8.60 -4.38 40.93
CA ILE E 146 -8.25 -5.73 41.39
C ILE E 146 -8.54 -5.93 42.87
N ALA E 147 -8.16 -4.95 43.67
CA ALA E 147 -8.38 -5.09 45.09
C ALA E 147 -9.46 -4.13 45.60
N LYS E 148 -10.58 -4.06 44.89
CA LYS E 148 -11.66 -3.17 45.32
C LYS E 148 -12.32 -3.73 46.56
N ASP E 149 -12.43 -5.06 46.62
CA ASP E 149 -13.07 -5.73 47.73
C ASP E 149 -12.09 -6.53 48.58
N LEU E 150 -10.80 -6.35 48.33
CA LEU E 150 -9.75 -7.10 49.03
C LEU E 150 -9.42 -6.84 50.51
N PRO E 151 -9.38 -5.57 50.95
CA PRO E 151 -9.04 -5.28 52.34
C PRO E 151 -9.59 -6.21 53.41
N LYS F 1 29.29 5.23 41.26
CA LYS F 1 27.98 5.86 41.61
C LYS F 1 26.90 4.80 41.66
N LYS F 2 27.23 3.61 41.18
CA LYS F 2 26.31 2.47 41.15
C LYS F 2 27.12 1.21 40.84
N GLN F 3 26.67 0.05 41.31
CA GLN F 3 27.39 -1.19 41.07
C GLN F 3 26.69 -2.04 40.01
N CYS F 4 27.47 -2.77 39.22
CA CYS F 4 26.92 -3.62 38.17
C CYS F 4 26.26 -4.86 38.76
N GLY F 5 25.07 -4.65 39.32
CA GLY F 5 24.31 -5.72 39.94
C GLY F 5 23.46 -6.55 39.00
N VAL F 6 22.28 -6.94 39.47
CA VAL F 6 21.38 -7.76 38.67
C VAL F 6 20.70 -6.93 37.61
N LEU F 7 19.93 -5.96 38.07
CA LEU F 7 19.18 -5.08 37.19
C LEU F 7 20.06 -4.28 36.25
N GLU F 8 20.96 -3.47 36.81
CA GLU F 8 21.84 -2.66 36.00
C GLU F 8 22.49 -3.49 34.92
N GLY F 9 22.58 -4.78 35.17
CA GLY F 9 23.16 -5.66 34.17
C GLY F 9 22.16 -5.79 33.05
N LEU F 10 20.97 -6.29 33.39
CA LEU F 10 19.90 -6.46 32.41
C LEU F 10 19.75 -5.22 31.56
N LYS F 11 19.86 -4.04 32.17
CA LYS F 11 19.72 -2.82 31.40
C LYS F 11 20.84 -2.71 30.39
N VAL F 12 22.08 -2.78 30.83
CA VAL F 12 23.20 -2.67 29.91
C VAL F 12 23.13 -3.77 28.84
N LYS F 13 22.88 -4.98 29.29
CA LYS F 13 22.78 -6.10 28.36
C LYS F 13 21.79 -5.83 27.24
N SER F 14 20.69 -5.17 27.59
CA SER F 14 19.65 -4.85 26.62
C SER F 14 20.08 -3.71 25.73
N GLU F 15 20.47 -2.61 26.34
CA GLU F 15 20.90 -1.44 25.59
C GLU F 15 22.05 -1.76 24.66
N TRP F 16 22.94 -2.64 25.13
CA TRP F 16 24.08 -3.02 24.31
C TRP F 16 23.55 -3.69 23.07
N GLY F 17 22.50 -4.47 23.24
CA GLY F 17 21.91 -5.13 22.08
C GLY F 17 21.57 -4.15 20.98
N ARG F 18 20.99 -3.02 21.35
CA ARG F 18 20.61 -2.00 20.41
C ARG F 18 21.82 -1.28 19.82
N ALA F 19 22.75 -0.90 20.68
CA ALA F 19 23.93 -0.17 20.22
C ALA F 19 24.87 -0.98 19.35
N TYR F 20 25.07 -2.25 19.72
CA TYR F 20 25.97 -3.13 18.97
C TYR F 20 25.45 -3.27 17.55
N GLY F 21 24.21 -3.73 17.43
CA GLY F 21 23.62 -3.88 16.12
C GLY F 21 24.34 -4.92 15.30
N SER F 22 24.31 -4.80 13.98
CA SER F 22 24.96 -5.77 13.11
C SER F 22 25.32 -5.23 11.75
N GLY F 23 25.97 -6.06 10.95
CA GLY F 23 26.38 -5.66 9.61
C GLY F 23 27.36 -4.50 9.55
N HIS F 24 26.97 -3.44 8.85
CA HIS F 24 27.81 -2.28 8.71
C HIS F 24 27.78 -1.45 9.97
N ASP F 25 26.58 -1.25 10.54
CA ASP F 25 26.46 -0.49 11.78
C ASP F 25 27.56 -0.96 12.72
N ARG F 26 27.78 -2.28 12.76
CA ARG F 26 28.79 -2.86 13.60
C ARG F 26 30.18 -2.43 13.13
N GLU F 27 30.52 -2.76 11.89
CA GLU F 27 31.84 -2.39 11.35
C GLU F 27 32.18 -0.92 11.62
N ALA F 28 31.17 -0.10 11.82
CA ALA F 28 31.37 1.31 12.09
C ALA F 28 31.43 1.52 13.59
N PHE F 29 30.40 1.06 14.28
CA PHE F 29 30.32 1.15 15.73
C PHE F 29 31.70 0.91 16.33
N SER F 30 32.33 -0.19 15.92
CA SER F 30 33.67 -0.52 16.39
C SER F 30 34.63 0.56 15.90
N GLN F 31 34.58 0.86 14.61
CA GLN F 31 35.43 1.88 14.03
C GLN F 31 35.40 3.12 14.90
N ALA F 32 34.22 3.69 15.08
CA ALA F 32 34.04 4.89 15.89
C ALA F 32 34.70 4.76 17.25
N ILE F 33 34.38 3.66 17.93
CA ILE F 33 34.95 3.42 19.25
C ILE F 33 36.48 3.50 19.26
N TRP F 34 37.13 2.75 18.38
CA TRP F 34 38.57 2.78 18.36
C TRP F 34 39.11 4.16 18.05
N ARG F 35 38.51 4.86 17.09
CA ARG F 35 38.99 6.19 16.75
C ARG F 35 38.94 7.07 17.98
N ALA F 36 37.88 6.91 18.77
CA ALA F 36 37.71 7.68 19.99
C ALA F 36 38.77 7.28 21.01
N THR F 37 39.09 5.99 21.05
CA THR F 37 40.11 5.51 21.98
C THR F 37 41.47 6.06 21.63
N PHE F 38 41.93 5.77 20.42
CA PHE F 38 43.23 6.25 19.97
C PHE F 38 43.36 7.76 20.03
N ALA F 39 42.27 8.47 19.80
CA ALA F 39 42.29 9.93 19.83
C ALA F 39 42.64 10.39 21.24
N GLN F 40 42.21 9.62 22.24
CA GLN F 40 42.47 9.93 23.64
C GLN F 40 43.88 9.62 24.02
N VAL F 41 44.33 8.42 23.71
CA VAL F 41 45.67 8.02 24.06
C VAL F 41 46.45 7.54 22.83
N PRO F 42 46.92 8.47 21.99
CA PRO F 42 47.68 8.06 20.80
C PRO F 42 48.82 7.10 21.13
N GLU F 43 49.31 7.18 22.36
CA GLU F 43 50.40 6.32 22.82
C GLU F 43 50.10 4.83 22.56
N SER F 44 48.86 4.44 22.82
CA SER F 44 48.42 3.06 22.67
C SER F 44 48.48 2.47 21.27
N ARG F 45 48.55 3.31 20.26
CA ARG F 45 48.60 2.78 18.91
C ARG F 45 49.74 1.78 18.77
N SER F 46 50.82 2.02 19.50
CA SER F 46 51.98 1.14 19.44
C SER F 46 51.71 -0.34 19.79
N LEU F 47 50.69 -0.60 20.60
CA LEU F 47 50.38 -1.96 20.97
C LEU F 47 49.76 -2.78 19.86
N PHE F 48 49.02 -2.11 18.98
CA PHE F 48 48.37 -2.80 17.88
C PHE F 48 49.14 -2.64 16.59
N LYS F 49 50.47 -2.56 16.71
CA LYS F 49 51.32 -2.43 15.55
C LYS F 49 51.20 -3.72 14.74
N ARG F 50 50.93 -4.82 15.42
CA ARG F 50 50.82 -6.13 14.79
C ARG F 50 49.62 -6.26 13.89
N VAL F 51 48.56 -5.54 14.23
CA VAL F 51 47.33 -5.59 13.46
C VAL F 51 46.99 -4.22 12.86
N HIS F 52 47.96 -3.67 12.15
CA HIS F 52 47.83 -2.38 11.50
C HIS F 52 47.05 -1.36 12.31
N GLY F 53 47.61 -0.98 13.46
CA GLY F 53 46.98 0.00 14.31
C GLY F 53 47.23 1.36 13.74
N ASP F 54 48.20 1.47 12.82
CA ASP F 54 48.52 2.76 12.21
C ASP F 54 47.35 3.28 11.39
N ASP F 55 46.66 2.39 10.68
CA ASP F 55 45.52 2.78 9.85
C ASP F 55 44.26 2.07 10.33
N THR F 56 43.47 2.77 11.13
CA THR F 56 42.23 2.24 11.66
C THR F 56 41.29 1.64 10.62
N SER F 57 41.44 2.04 9.36
CA SER F 57 40.58 1.55 8.26
C SER F 57 41.14 0.35 7.50
N HIS F 58 42.28 -0.17 7.92
CA HIS F 58 42.88 -1.32 7.27
C HIS F 58 42.15 -2.59 7.66
N PRO F 59 41.81 -3.43 6.68
CA PRO F 59 41.08 -4.67 6.98
C PRO F 59 41.58 -5.41 8.20
N ALA F 60 42.90 -5.57 8.30
CA ALA F 60 43.47 -6.27 9.43
C ALA F 60 42.91 -5.72 10.74
N PHE F 61 42.97 -4.40 10.87
CA PHE F 61 42.49 -3.76 12.07
C PHE F 61 40.97 -3.85 12.16
N ILE F 62 40.29 -3.70 11.02
CA ILE F 62 38.83 -3.78 10.99
C ILE F 62 38.45 -5.06 11.65
N ALA F 63 39.15 -6.12 11.24
CA ALA F 63 38.93 -7.44 11.76
C ALA F 63 39.13 -7.34 13.27
N HIS F 64 40.34 -6.97 13.65
CA HIS F 64 40.68 -6.84 15.05
C HIS F 64 39.57 -6.18 15.85
N ALA F 65 39.16 -4.99 15.41
CA ALA F 65 38.11 -4.25 16.10
C ALA F 65 36.87 -5.10 16.25
N ASP F 66 36.30 -5.47 15.11
CA ASP F 66 35.10 -6.30 15.10
C ASP F 66 35.31 -7.54 16.02
N ARG F 67 36.57 -7.97 16.14
CA ARG F 67 36.92 -9.15 16.93
C ARG F 67 36.92 -8.83 18.40
N VAL F 68 37.30 -7.60 18.73
CA VAL F 68 37.35 -7.17 20.12
C VAL F 68 35.94 -7.00 20.67
N LEU F 69 35.15 -6.21 19.99
CA LEU F 69 33.77 -6.01 20.42
C LEU F 69 33.18 -7.37 20.67
N GLY F 70 33.55 -8.33 19.82
CA GLY F 70 33.06 -9.68 19.97
C GLY F 70 33.16 -10.18 21.41
N GLY F 71 34.36 -10.08 21.98
CA GLY F 71 34.54 -10.51 23.35
C GLY F 71 33.64 -9.70 24.25
N LEU F 72 33.73 -8.37 24.12
CA LEU F 72 32.90 -7.49 24.92
C LEU F 72 31.46 -7.96 24.87
N ASP F 73 31.03 -8.46 23.72
CA ASP F 73 29.68 -8.96 23.58
C ASP F 73 29.52 -10.10 24.58
N ILE F 74 30.28 -11.16 24.38
CA ILE F 74 30.19 -12.30 25.28
C ILE F 74 30.15 -11.84 26.72
N ALA F 75 31.02 -10.90 27.07
CA ALA F 75 31.06 -10.40 28.44
C ALA F 75 29.69 -9.88 28.85
N ILE F 76 29.30 -8.77 28.24
CA ILE F 76 28.02 -8.16 28.54
C ILE F 76 26.91 -9.15 28.46
N SER F 77 26.84 -9.87 27.34
CA SER F 77 25.78 -10.86 27.10
C SER F 77 25.67 -11.94 28.17
N THR F 78 26.52 -11.88 29.20
CA THR F 78 26.47 -12.89 30.24
C THR F 78 26.59 -12.29 31.63
N LEU F 79 26.27 -11.00 31.76
CA LEU F 79 26.34 -10.36 33.06
C LEU F 79 25.29 -10.95 33.99
N ASP F 80 24.44 -11.81 33.45
CA ASP F 80 23.39 -12.43 34.24
C ASP F 80 23.69 -13.90 34.48
N GLN F 81 24.93 -14.30 34.23
CA GLN F 81 25.37 -15.68 34.43
C GLN F 81 26.80 -15.63 34.96
N PRO F 82 26.97 -15.11 36.19
CA PRO F 82 28.28 -14.98 36.83
C PRO F 82 29.21 -16.15 36.53
N ALA F 83 28.67 -17.36 36.64
CA ALA F 83 29.44 -18.57 36.39
C ALA F 83 30.21 -18.50 35.07
N THR F 84 29.47 -18.36 33.97
CA THR F 84 30.03 -18.29 32.64
C THR F 84 30.88 -17.05 32.44
N LEU F 85 30.28 -15.89 32.66
CA LEU F 85 31.00 -14.62 32.50
C LEU F 85 32.38 -14.77 33.08
N LYS F 86 32.41 -15.17 34.35
CA LYS F 86 33.65 -15.38 35.06
C LYS F 86 34.66 -16.00 34.09
N GLU F 87 34.26 -17.10 33.48
CA GLU F 87 35.13 -17.81 32.55
C GLU F 87 35.61 -16.95 31.40
N GLU F 88 34.68 -16.38 30.65
CA GLU F 88 35.05 -15.55 29.51
C GLU F 88 36.03 -14.48 29.94
N LEU F 89 35.69 -13.75 30.99
CA LEU F 89 36.57 -12.70 31.47
C LEU F 89 37.95 -13.28 31.72
N ASP F 90 37.99 -14.35 32.49
CA ASP F 90 39.26 -15.00 32.80
C ASP F 90 40.03 -15.32 31.51
N HIS F 91 39.31 -15.86 30.53
CA HIS F 91 39.92 -16.22 29.26
C HIS F 91 40.58 -14.98 28.68
N LEU F 92 39.83 -13.88 28.63
CA LEU F 92 40.35 -12.64 28.09
C LEU F 92 41.58 -12.24 28.89
N GLN F 93 41.40 -12.20 30.21
CA GLN F 93 42.45 -11.82 31.13
C GLN F 93 43.78 -12.36 30.65
N VAL F 94 43.79 -13.63 30.27
CA VAL F 94 45.01 -14.28 29.79
C VAL F 94 45.53 -13.69 28.48
N GLN F 95 44.66 -13.58 27.48
CA GLN F 95 45.08 -13.04 26.19
C GLN F 95 45.66 -11.65 26.34
N HIS F 96 45.48 -11.05 27.51
CA HIS F 96 45.99 -9.69 27.74
C HIS F 96 47.18 -9.56 28.69
N GLU F 97 47.19 -10.33 29.77
CA GLU F 97 48.30 -10.26 30.71
C GLU F 97 49.57 -10.49 29.90
N GLY F 98 50.63 -9.79 30.24
CA GLY F 98 51.85 -9.96 29.48
C GLY F 98 52.09 -8.68 28.72
N ARG F 99 51.03 -8.12 28.15
CA ARG F 99 51.15 -6.87 27.42
C ARG F 99 51.10 -5.75 28.47
N LYS F 100 52.04 -4.82 28.39
CA LYS F 100 52.09 -3.72 29.35
C LYS F 100 50.93 -2.76 29.17
N ILE F 101 49.72 -3.21 29.44
CA ILE F 101 48.56 -2.34 29.28
C ILE F 101 48.20 -1.66 30.59
N PRO F 102 48.48 -0.35 30.67
CA PRO F 102 48.19 0.45 31.86
C PRO F 102 46.70 0.69 32.07
N ASP F 103 46.27 0.76 33.33
CA ASP F 103 44.86 1.01 33.62
C ASP F 103 44.45 2.32 32.94
N ASN F 104 45.45 3.05 32.47
CA ASN F 104 45.25 4.30 31.81
C ASN F 104 44.48 4.08 30.53
N TYR F 105 44.91 3.11 29.73
CA TYR F 105 44.26 2.81 28.45
C TYR F 105 42.84 2.30 28.62
N PHE F 106 42.67 1.26 29.43
CA PHE F 106 41.34 0.72 29.67
C PHE F 106 40.37 1.83 29.95
N ASP F 107 40.81 2.79 30.73
CA ASP F 107 39.98 3.92 31.09
C ASP F 107 39.48 4.61 29.81
N ALA F 108 40.41 4.96 28.93
CA ALA F 108 40.07 5.63 27.68
C ALA F 108 39.12 4.79 26.83
N PHE F 109 39.43 3.52 26.68
CA PHE F 109 38.61 2.62 25.91
C PHE F 109 37.20 2.57 26.44
N LYS F 110 37.05 2.65 27.77
CA LYS F 110 35.70 2.65 28.37
C LYS F 110 35.00 3.93 27.92
N THR F 111 35.66 5.05 28.16
CA THR F 111 35.13 6.32 27.77
C THR F 111 34.70 6.24 26.31
N ALA F 112 35.61 5.78 25.45
CA ALA F 112 35.26 5.67 24.05
C ALA F 112 33.92 4.95 23.91
N ILE F 113 33.86 3.70 24.34
CA ILE F 113 32.64 2.90 24.28
C ILE F 113 31.44 3.70 24.71
N LEU F 114 31.51 4.25 25.92
CA LEU F 114 30.41 5.04 26.45
C LEU F 114 29.96 6.15 25.52
N HIS F 115 30.89 7.00 25.08
CA HIS F 115 30.52 8.09 24.19
C HIS F 115 29.87 7.60 22.91
N VAL F 116 30.46 6.60 22.27
CA VAL F 116 29.88 6.09 21.06
C VAL F 116 28.49 5.52 21.35
N VAL F 117 28.38 4.62 22.31
CA VAL F 117 27.10 4.02 22.66
C VAL F 117 26.06 5.10 22.85
N ALA F 118 26.40 6.12 23.61
CA ALA F 118 25.47 7.20 23.85
C ALA F 118 25.07 7.87 22.53
N ALA F 119 26.03 8.03 21.63
CA ALA F 119 25.75 8.65 20.34
C ALA F 119 24.81 7.76 19.55
N GLN F 120 24.99 6.44 19.66
CA GLN F 120 24.17 5.48 18.94
C GLN F 120 22.76 5.26 19.48
N LEU F 121 22.58 5.29 20.79
CA LEU F 121 21.26 5.07 21.37
C LEU F 121 20.38 6.29 21.47
N GLY F 122 20.92 7.45 21.15
CA GLY F 122 20.13 8.65 21.22
C GLY F 122 19.70 9.08 22.60
N ARG F 123 18.54 8.59 23.04
CA ARG F 123 18.00 9.00 24.33
C ARG F 123 17.89 7.96 25.45
N CYS F 124 17.49 6.74 25.09
CA CYS F 124 17.34 5.69 26.10
C CYS F 124 18.66 5.03 26.39
N TYR F 125 19.35 5.55 27.41
CA TYR F 125 20.66 5.03 27.81
C TYR F 125 21.06 5.56 29.17
N ASP F 126 21.29 4.64 30.10
CA ASP F 126 21.69 4.99 31.46
C ASP F 126 23.21 4.99 31.52
N ARG F 127 23.80 6.15 31.78
CA ARG F 127 25.25 6.24 31.83
C ARG F 127 25.85 5.46 32.99
N GLU F 128 25.49 5.83 34.21
CA GLU F 128 26.00 5.17 35.39
C GLU F 128 26.04 3.66 35.22
N ALA F 129 24.93 3.09 34.79
CA ALA F 129 24.80 1.66 34.58
C ALA F 129 25.91 1.10 33.73
N TRP F 130 26.08 1.66 32.53
CA TRP F 130 27.12 1.19 31.65
C TRP F 130 28.45 1.34 32.33
N ASP F 131 28.74 2.54 32.78
CA ASP F 131 29.99 2.78 33.45
C ASP F 131 30.26 1.64 34.43
N ALA F 132 29.31 1.39 35.32
CA ALA F 132 29.45 0.35 36.32
C ALA F 132 29.81 -1.01 35.73
N CYS F 133 29.06 -1.43 34.72
CA CYS F 133 29.29 -2.74 34.10
C CYS F 133 30.53 -2.85 33.23
N ILE F 134 30.77 -1.86 32.38
CA ILE F 134 31.95 -1.89 31.55
C ILE F 134 33.12 -2.02 32.50
N ASP F 135 33.00 -1.36 33.65
CA ASP F 135 34.04 -1.39 34.67
C ASP F 135 34.19 -2.84 35.12
N HIS F 136 33.13 -3.40 35.70
CA HIS F 136 33.19 -4.77 36.19
C HIS F 136 33.80 -5.69 35.15
N ILE F 137 33.47 -5.48 33.88
CA ILE F 137 34.02 -6.33 32.83
C ILE F 137 35.51 -6.07 32.66
N GLU F 138 35.91 -4.81 32.69
CA GLU F 138 37.32 -4.49 32.55
C GLU F 138 38.11 -5.04 33.71
N ASP F 139 37.58 -4.89 34.91
CA ASP F 139 38.28 -5.39 36.08
C ASP F 139 38.60 -6.86 35.85
N GLY F 140 37.60 -7.60 35.40
CA GLY F 140 37.80 -9.01 35.16
C GLY F 140 38.87 -9.31 34.14
N ILE F 141 39.33 -8.30 33.40
CA ILE F 141 40.34 -8.53 32.40
C ILE F 141 41.71 -8.07 32.87
N LYS F 142 41.72 -7.11 33.78
CA LYS F 142 42.98 -6.61 34.29
C LYS F 142 43.39 -7.46 35.51
N GLY F 143 42.44 -7.65 36.43
CA GLY F 143 42.69 -8.40 37.66
C GLY F 143 42.61 -7.43 38.83
N HIS F 144 42.84 -6.14 38.52
CA HIS F 144 42.83 -5.03 39.47
C HIS F 144 41.41 -4.58 39.82
N HIS F 145 41.26 -3.29 40.15
CA HIS F 145 39.97 -2.69 40.51
C HIS F 145 39.60 -1.51 39.62
N HIS G 3 34.56 -20.40 -9.70
CA HIS G 3 35.36 -20.33 -8.43
C HIS G 3 35.18 -18.99 -7.72
N GLU G 4 34.64 -17.99 -8.44
CA GLU G 4 34.40 -16.64 -7.89
C GLU G 4 32.90 -16.35 -7.72
N HIS G 5 32.08 -17.34 -8.06
CA HIS G 5 30.64 -17.22 -7.95
C HIS G 5 30.15 -17.88 -6.67
N CYS G 6 31.10 -18.31 -5.84
CA CYS G 6 30.77 -18.94 -4.57
C CYS G 6 30.57 -17.87 -3.48
N CYS G 7 29.42 -17.92 -2.83
CA CYS G 7 29.11 -16.97 -1.77
C CYS G 7 29.26 -15.55 -2.33
N SER G 8 28.33 -15.21 -3.23
CA SER G 8 28.29 -13.91 -3.89
C SER G 8 27.54 -12.90 -3.02
N GLU G 9 27.50 -11.66 -3.49
CA GLU G 9 26.80 -10.62 -2.72
C GLU G 9 25.40 -11.07 -2.33
N GLU G 10 24.58 -11.46 -3.30
CA GLU G 10 23.25 -11.91 -2.96
C GLU G 10 23.36 -13.09 -1.99
N ASP G 11 24.19 -14.06 -2.36
CA ASP G 11 24.37 -15.22 -1.52
C ASP G 11 24.50 -14.86 -0.06
N HIS G 12 25.57 -14.15 0.30
CA HIS G 12 25.73 -13.81 1.68
C HIS G 12 24.73 -12.79 2.19
N ARG G 13 24.28 -11.87 1.33
CA ARG G 13 23.30 -10.90 1.81
C ARG G 13 22.19 -11.77 2.43
N ILE G 14 21.92 -12.92 1.80
CA ILE G 14 20.89 -13.82 2.27
C ILE G 14 21.32 -14.41 3.58
N VAL G 15 22.45 -15.08 3.58
CA VAL G 15 22.95 -15.70 4.79
C VAL G 15 22.82 -14.72 5.94
N GLN G 16 23.39 -13.55 5.78
CA GLN G 16 23.34 -12.55 6.82
C GLN G 16 21.94 -12.32 7.32
N LYS G 17 21.01 -12.12 6.40
CA LYS G 17 19.63 -11.86 6.78
C LYS G 17 19.05 -13.02 7.60
N GLN G 18 19.28 -14.23 7.13
CA GLN G 18 18.74 -15.41 7.80
C GLN G 18 19.39 -15.68 9.14
N TRP G 19 20.66 -15.35 9.26
CA TRP G 19 21.37 -15.60 10.50
C TRP G 19 20.91 -14.63 11.56
N ASP G 20 20.28 -13.55 11.12
CA ASP G 20 19.81 -12.55 12.06
C ASP G 20 18.47 -12.92 12.70
N ILE G 21 17.70 -13.76 12.03
CA ILE G 21 16.42 -14.20 12.57
C ILE G 21 16.65 -14.70 13.97
N LEU G 22 17.85 -15.20 14.23
CA LEU G 22 18.24 -15.74 15.53
C LEU G 22 18.34 -14.75 16.68
N TRP G 23 19.13 -13.70 16.50
CA TRP G 23 19.35 -12.72 17.55
C TRP G 23 18.28 -11.65 17.74
N ARG G 24 17.01 -12.00 17.50
CA ARG G 24 15.95 -11.02 17.67
C ARG G 24 15.67 -10.77 19.15
N ASP G 25 15.78 -11.82 19.98
CA ASP G 25 15.55 -11.64 21.41
C ASP G 25 16.85 -11.48 22.20
N THR G 26 16.78 -10.64 23.22
CA THR G 26 17.93 -10.32 24.04
C THR G 26 18.68 -11.48 24.68
N GLU G 27 18.04 -12.63 24.80
CA GLU G 27 18.73 -13.75 25.42
C GLU G 27 19.59 -14.55 24.45
N SER G 28 20.40 -13.82 23.69
CA SER G 28 21.29 -14.43 22.71
C SER G 28 22.22 -15.46 23.36
N SER G 29 22.73 -15.12 24.54
CA SER G 29 23.61 -16.00 25.27
C SER G 29 23.03 -17.41 25.39
N LYS G 30 21.84 -17.50 25.96
CA LYS G 30 21.17 -18.78 26.14
C LYS G 30 21.13 -19.56 24.83
N ILE G 31 20.86 -18.85 23.74
CA ILE G 31 20.80 -19.48 22.43
C ILE G 31 22.19 -19.86 21.96
N LYS G 32 23.01 -18.86 21.65
CA LYS G 32 24.37 -19.11 21.17
C LYS G 32 24.98 -20.29 21.91
N ILE G 33 24.89 -20.28 23.24
CA ILE G 33 25.44 -21.37 24.05
C ILE G 33 24.79 -22.68 23.68
N GLY G 34 23.51 -22.80 23.99
CA GLY G 34 22.81 -24.03 23.68
C GLY G 34 23.12 -24.55 22.28
N PHE G 35 23.02 -23.67 21.30
CA PHE G 35 23.27 -24.05 19.92
C PHE G 35 24.72 -24.49 19.73
N GLY G 36 25.66 -23.64 20.11
CA GLY G 36 27.06 -23.97 19.95
C GLY G 36 27.41 -25.22 20.74
N ARG G 37 26.78 -25.36 21.89
CA ARG G 37 27.02 -26.50 22.75
C ARG G 37 26.67 -27.71 21.94
N LEU G 38 25.44 -27.75 21.48
CA LEU G 38 24.96 -28.88 20.69
C LEU G 38 25.86 -29.15 19.50
N LEU G 39 26.18 -28.10 18.75
CA LEU G 39 27.04 -28.25 17.57
C LEU G 39 28.34 -28.95 17.88
N LEU G 40 29.04 -28.54 18.94
CA LEU G 40 30.29 -29.19 19.28
C LEU G 40 30.05 -30.61 19.78
N THR G 41 29.03 -30.80 20.61
CA THR G 41 28.68 -32.12 21.13
C THR G 41 28.52 -33.10 19.97
N LYS G 42 27.57 -32.79 19.09
CA LYS G 42 27.27 -33.62 17.93
C LYS G 42 28.54 -33.85 17.10
N LEU G 43 29.58 -33.06 17.33
CA LEU G 43 30.81 -33.27 16.58
C LEU G 43 31.56 -34.37 17.29
N ALA G 44 31.73 -34.22 18.60
CA ALA G 44 32.43 -35.22 19.40
C ALA G 44 31.72 -36.57 19.30
N LYS G 45 30.42 -36.52 19.03
CA LYS G 45 29.64 -37.74 18.89
C LYS G 45 30.13 -38.53 17.67
N ASP G 46 30.25 -37.85 16.53
CA ASP G 46 30.67 -38.50 15.28
C ASP G 46 32.18 -38.71 15.18
N ILE G 47 32.94 -37.94 15.92
CA ILE G 47 34.39 -38.07 15.91
C ILE G 47 34.91 -37.77 17.31
N PRO G 48 35.15 -38.82 18.12
CA PRO G 48 35.64 -38.74 19.49
C PRO G 48 37.04 -38.17 19.73
N GLU G 49 37.95 -38.38 18.79
CA GLU G 49 39.29 -37.87 18.98
C GLU G 49 39.22 -36.36 19.24
N VAL G 50 38.01 -35.83 19.13
CA VAL G 50 37.75 -34.41 19.36
C VAL G 50 37.65 -34.15 20.86
N ASN G 51 36.93 -35.02 21.55
CA ASN G 51 36.76 -34.89 22.99
C ASN G 51 38.06 -34.51 23.70
N ASP G 52 39.18 -35.03 23.19
CA ASP G 52 40.48 -34.75 23.79
C ASP G 52 40.98 -33.36 23.49
N LEU G 53 40.56 -32.82 22.36
CA LEU G 53 40.97 -31.49 21.97
C LEU G 53 40.27 -30.45 22.83
N PHE G 54 38.98 -30.66 23.03
CA PHE G 54 38.14 -29.76 23.83
C PHE G 54 38.22 -30.10 25.31
N LYS G 55 39.15 -30.97 25.65
CA LYS G 55 39.36 -31.38 27.03
C LYS G 55 39.72 -30.14 27.84
N ARG G 56 40.61 -29.35 27.28
CA ARG G 56 41.11 -28.12 27.89
C ARG G 56 39.99 -27.19 28.37
N VAL G 57 38.85 -27.25 27.69
CA VAL G 57 37.70 -26.39 28.03
C VAL G 57 36.60 -27.16 28.74
N ASP G 58 36.97 -28.26 29.37
CA ASP G 58 36.02 -29.09 30.12
C ASP G 58 34.78 -29.40 29.30
N ILE G 59 34.99 -29.98 28.12
CA ILE G 59 33.86 -30.35 27.25
C ILE G 59 33.09 -31.47 27.92
N GLU G 60 33.76 -32.11 28.88
CA GLU G 60 33.14 -33.20 29.62
C GLU G 60 31.86 -32.70 30.30
N HIS G 61 31.87 -31.45 30.73
CA HIS G 61 30.70 -30.84 31.35
C HIS G 61 30.08 -29.85 30.39
N ALA G 62 29.22 -30.35 29.51
CA ALA G 62 28.57 -29.49 28.52
C ALA G 62 27.99 -28.20 29.09
N GLU G 63 27.28 -28.33 30.22
CA GLU G 63 26.64 -27.19 30.88
C GLU G 63 27.61 -26.43 31.80
N GLY G 64 28.82 -26.97 31.93
CA GLY G 64 29.82 -26.34 32.76
C GLY G 64 30.27 -25.01 32.19
N PRO G 65 30.26 -23.95 33.00
CA PRO G 65 30.68 -22.63 32.52
C PRO G 65 31.93 -22.71 31.65
N LYS G 66 32.93 -23.47 32.09
CA LYS G 66 34.16 -23.61 31.32
C LYS G 66 33.87 -23.80 29.83
N PHE G 67 32.98 -24.74 29.54
CA PHE G 67 32.60 -25.04 28.17
C PHE G 67 31.61 -24.03 27.62
N SER G 68 30.60 -23.66 28.41
CA SER G 68 29.62 -22.70 27.96
C SER G 68 30.31 -21.47 27.41
N ALA G 69 31.34 -21.02 28.11
CA ALA G 69 32.07 -19.85 27.66
C ALA G 69 32.58 -20.17 26.28
N HIS G 70 33.30 -21.28 26.17
CA HIS G 70 33.84 -21.72 24.89
C HIS G 70 32.77 -21.74 23.82
N ALA G 71 31.66 -22.40 24.12
CA ALA G 71 30.55 -22.47 23.19
C ALA G 71 30.32 -21.10 22.56
N LEU G 72 30.35 -20.07 23.40
CA LEU G 72 30.16 -18.72 22.90
C LEU G 72 31.30 -18.34 21.97
N ARG G 73 32.51 -18.24 22.52
CA ARG G 73 33.66 -17.88 21.71
C ARG G 73 33.61 -18.43 20.28
N ILE G 74 33.42 -19.72 20.13
CA ILE G 74 33.37 -20.31 18.80
C ILE G 74 32.17 -19.79 18.04
N LEU G 75 30.98 -20.11 18.55
CA LEU G 75 29.73 -19.69 17.94
C LEU G 75 29.81 -18.19 17.59
N ASN G 76 30.40 -17.41 18.49
CA ASN G 76 30.53 -15.99 18.31
C ASN G 76 31.56 -15.69 17.22
N GLY G 77 32.50 -16.59 17.03
CA GLY G 77 33.49 -16.38 15.99
C GLY G 77 32.82 -16.56 14.65
N LEU G 78 31.97 -17.56 14.56
CA LEU G 78 31.23 -17.80 13.34
C LEU G 78 30.45 -16.54 13.03
N ASP G 79 29.92 -15.88 14.06
CA ASP G 79 29.17 -14.63 13.88
C ASP G 79 30.08 -13.65 13.16
N LEU G 80 31.22 -13.36 13.78
CA LEU G 80 32.21 -12.47 13.19
C LEU G 80 32.40 -12.78 11.72
N ALA G 81 32.66 -14.05 11.41
CA ALA G 81 32.85 -14.46 10.03
C ALA G 81 31.70 -13.98 9.17
N ILE G 82 30.49 -14.38 9.55
CA ILE G 82 29.30 -14.00 8.81
C ILE G 82 29.15 -12.48 8.69
N ASN G 83 29.28 -11.77 9.80
CA ASN G 83 29.14 -10.32 9.77
C ASN G 83 30.22 -9.56 9.00
N LEU G 84 31.26 -10.26 8.55
CA LEU G 84 32.29 -9.59 7.78
C LEU G 84 32.24 -10.06 6.34
N LEU G 85 31.22 -10.84 6.02
CA LEU G 85 31.08 -11.37 4.68
C LEU G 85 31.02 -10.27 3.65
N ASP G 86 30.60 -9.07 4.06
CA ASP G 86 30.53 -7.98 3.12
C ASP G 86 31.73 -7.05 3.26
N ASP G 87 32.93 -7.62 3.09
CA ASP G 87 34.19 -6.88 3.18
C ASP G 87 35.29 -7.94 3.12
N PRO G 88 35.40 -8.62 1.97
CA PRO G 88 36.39 -9.68 1.75
C PRO G 88 37.75 -9.51 2.39
N PRO G 89 38.40 -8.35 2.19
CA PRO G 89 39.73 -8.17 2.79
C PRO G 89 39.73 -8.33 4.31
N ALA G 90 38.72 -7.73 4.96
CA ALA G 90 38.58 -7.79 6.40
C ALA G 90 38.28 -9.22 6.79
N LEU G 91 37.22 -9.76 6.19
CA LEU G 91 36.85 -11.13 6.48
C LEU G 91 38.06 -12.03 6.33
N ASP G 92 38.78 -11.83 5.23
CA ASP G 92 39.97 -12.64 4.98
C ASP G 92 40.83 -12.58 6.22
N ALA G 93 41.33 -11.39 6.52
CA ALA G 93 42.18 -11.21 7.68
C ALA G 93 41.58 -11.87 8.91
N ALA G 94 40.31 -11.57 9.18
CA ALA G 94 39.61 -12.11 10.33
C ALA G 94 39.70 -13.62 10.42
N LEU G 95 39.57 -14.28 9.27
CA LEU G 95 39.63 -15.73 9.20
C LEU G 95 41.05 -16.26 9.31
N ASP G 96 41.97 -15.62 8.59
CA ASP G 96 43.37 -16.04 8.63
C ASP G 96 43.78 -16.15 10.10
N HIS G 97 43.40 -15.12 10.86
CA HIS G 97 43.69 -15.06 12.27
C HIS G 97 43.15 -16.33 12.92
N LEU G 98 41.92 -16.71 12.56
CA LEU G 98 41.32 -17.91 13.13
C LEU G 98 42.10 -19.14 12.75
N ALA G 99 42.74 -19.09 11.59
CA ALA G 99 43.53 -20.22 11.13
C ALA G 99 44.67 -20.45 12.12
N HIS G 100 45.43 -19.39 12.37
CA HIS G 100 46.55 -19.45 13.29
C HIS G 100 46.11 -19.93 14.68
N GLN G 101 44.93 -19.51 15.15
CA GLN G 101 44.46 -19.92 16.47
C GLN G 101 44.16 -21.40 16.52
N HIS G 102 44.07 -22.01 15.35
CA HIS G 102 43.79 -23.43 15.27
C HIS G 102 45.03 -24.20 14.87
N GLU G 103 45.95 -23.52 14.19
CA GLU G 103 47.19 -24.16 13.76
C GLU G 103 48.00 -24.69 14.95
N VAL G 104 48.16 -23.86 15.97
CA VAL G 104 48.92 -24.24 17.16
C VAL G 104 48.18 -25.18 18.11
N ARG G 105 47.03 -25.68 17.69
CA ARG G 105 46.25 -26.61 18.51
C ARG G 105 46.37 -27.96 17.82
N GLU G 106 47.44 -28.70 18.11
CA GLU G 106 47.64 -30.00 17.48
C GLU G 106 46.51 -30.97 17.81
N GLY G 107 46.19 -31.83 16.85
CA GLY G 107 45.12 -32.80 17.03
C GLY G 107 43.97 -32.44 16.11
N VAL G 108 43.83 -31.15 15.84
CA VAL G 108 42.79 -30.63 14.98
C VAL G 108 43.18 -30.83 13.53
N GLN G 109 42.46 -31.71 12.83
CA GLN G 109 42.74 -31.97 11.42
C GLN G 109 41.58 -31.54 10.53
N LYS G 110 41.87 -31.34 9.26
CA LYS G 110 40.86 -30.91 8.30
C LYS G 110 39.55 -31.69 8.35
N ALA G 111 39.62 -33.02 8.27
CA ALA G 111 38.43 -33.85 8.31
C ALA G 111 37.43 -33.42 9.39
N HIS G 112 37.94 -32.78 10.44
CA HIS G 112 37.10 -32.30 11.53
C HIS G 112 36.15 -31.22 11.03
N PHE G 113 36.71 -30.23 10.35
CA PHE G 113 35.92 -29.15 9.81
C PHE G 113 34.91 -29.64 8.80
N LYS G 114 35.36 -30.47 7.86
CA LYS G 114 34.44 -31.01 6.87
C LYS G 114 33.20 -31.55 7.58
N LYS G 115 33.40 -32.31 8.66
CA LYS G 115 32.30 -32.88 9.42
C LYS G 115 31.49 -31.78 10.09
N PHE G 116 32.17 -30.89 10.79
CA PHE G 116 31.49 -29.79 11.49
C PHE G 116 30.61 -29.04 10.51
N GLY G 117 31.10 -28.92 9.28
CA GLY G 117 30.33 -28.24 8.25
C GLY G 117 29.03 -28.95 7.98
N GLU G 118 29.11 -30.25 7.75
CA GLU G 118 27.94 -31.07 7.48
C GLU G 118 26.96 -30.95 8.64
N ILE G 119 27.49 -30.91 9.87
CA ILE G 119 26.66 -30.82 11.07
C ILE G 119 25.96 -29.49 11.13
N LEU G 120 26.73 -28.44 10.89
CA LEU G 120 26.23 -27.08 10.92
C LEU G 120 25.12 -26.89 9.90
N ALA G 121 25.31 -27.53 8.75
CA ALA G 121 24.35 -27.43 7.67
C ALA G 121 23.06 -28.17 7.98
N THR G 122 23.13 -29.17 8.86
CA THR G 122 21.94 -29.93 9.20
C THR G 122 21.27 -29.30 10.39
N GLY G 123 22.04 -28.50 11.14
CA GLY G 123 21.50 -27.85 12.31
C GLY G 123 20.79 -26.54 12.06
N LEU G 124 21.44 -25.63 11.35
CA LEU G 124 20.84 -24.33 11.08
C LEU G 124 19.36 -24.39 10.70
N PRO G 125 19.04 -25.15 9.65
CA PRO G 125 17.66 -25.26 9.19
C PRO G 125 16.68 -25.77 10.24
N GLN G 126 17.18 -26.11 11.42
CA GLN G 126 16.33 -26.61 12.49
C GLN G 126 15.90 -25.48 13.40
N VAL G 127 16.65 -24.38 13.38
CA VAL G 127 16.33 -23.24 14.22
C VAL G 127 15.86 -22.06 13.39
N LEU G 128 16.17 -22.08 12.10
CA LEU G 128 15.77 -21.00 11.21
C LEU G 128 14.67 -21.51 10.29
N ASP G 129 13.51 -20.87 10.32
CA ASP G 129 12.42 -21.32 9.46
C ASP G 129 12.74 -21.00 8.00
N ASP G 130 13.45 -19.88 7.78
CA ASP G 130 13.81 -19.49 6.43
C ASP G 130 15.30 -19.77 6.25
N TYR G 131 15.62 -20.82 5.49
CA TYR G 131 16.99 -21.23 5.26
C TYR G 131 17.20 -21.52 3.79
N ASP G 132 18.27 -21.00 3.22
CA ASP G 132 18.59 -21.22 1.82
C ASP G 132 19.84 -22.06 1.75
N ALA G 133 19.68 -23.38 1.83
CA ALA G 133 20.80 -24.31 1.80
C ALA G 133 21.89 -23.96 0.82
N LEU G 134 21.52 -23.63 -0.41
CA LEU G 134 22.50 -23.28 -1.44
C LEU G 134 23.39 -22.11 -1.05
N ALA G 135 22.77 -21.00 -0.65
CA ALA G 135 23.54 -19.84 -0.25
C ALA G 135 24.47 -20.19 0.91
N TRP G 136 23.90 -20.73 1.98
CA TRP G 136 24.70 -21.08 3.13
C TRP G 136 25.87 -21.99 2.84
N LYS G 137 25.60 -23.15 2.23
CA LYS G 137 26.68 -24.08 1.93
C LYS G 137 27.81 -23.34 1.21
N SER G 138 27.46 -22.52 0.24
CA SER G 138 28.44 -21.76 -0.51
C SER G 138 29.33 -20.94 0.42
N CYS G 139 28.73 -20.19 1.33
CA CYS G 139 29.48 -19.35 2.25
C CYS G 139 30.19 -20.13 3.34
N LEU G 140 29.46 -21.03 4.00
CA LEU G 140 30.08 -21.80 5.07
C LEU G 140 31.35 -22.48 4.57
N LYS G 141 31.31 -22.96 3.32
CA LYS G 141 32.47 -23.63 2.74
C LYS G 141 33.65 -22.68 2.76
N GLY G 142 33.49 -21.54 2.10
CA GLY G 142 34.56 -20.56 2.06
C GLY G 142 35.14 -20.26 3.43
N ILE G 143 34.28 -20.15 4.43
CA ILE G 143 34.72 -19.86 5.79
C ILE G 143 35.49 -21.00 6.41
N LEU G 144 34.82 -22.13 6.57
CA LEU G 144 35.45 -23.30 7.15
C LEU G 144 36.79 -23.59 6.51
N THR G 145 36.87 -23.52 5.18
CA THR G 145 38.12 -23.78 4.48
C THR G 145 39.23 -22.84 4.92
N LYS G 146 39.02 -21.56 4.74
CA LYS G 146 40.03 -20.56 5.11
C LYS G 146 40.46 -20.67 6.56
N ILE G 147 39.59 -21.18 7.43
CA ILE G 147 39.92 -21.31 8.84
C ILE G 147 40.88 -22.47 9.10
N SER G 148 40.69 -23.56 8.36
CA SER G 148 41.51 -24.74 8.57
C SER G 148 42.69 -24.84 7.60
N SER G 149 42.86 -23.83 6.75
CA SER G 149 43.95 -23.84 5.78
C SER G 149 45.36 -23.91 6.40
N ARG G 150 45.45 -24.32 7.66
CA ARG G 150 46.74 -24.44 8.35
C ARG G 150 46.65 -25.61 9.33
N LEU G 151 47.06 -26.80 8.90
CA LEU G 151 47.00 -27.99 9.78
C LEU G 151 47.96 -29.15 9.39
N GLU H 1 9.82 -36.01 21.21
CA GLU H 1 10.95 -35.58 22.10
C GLU H 1 11.40 -34.16 21.71
N CYS H 2 11.29 -33.23 22.67
CA CYS H 2 11.68 -31.85 22.43
C CYS H 2 13.00 -31.50 23.10
N LEU H 3 14.07 -31.53 22.31
CA LEU H 3 15.41 -31.22 22.78
C LEU H 3 15.66 -29.73 22.96
N VAL H 4 16.85 -29.27 22.58
CA VAL H 4 17.22 -27.85 22.73
C VAL H 4 16.82 -26.94 21.56
N THR H 5 17.14 -27.36 20.34
CA THR H 5 16.79 -26.56 19.18
C THR H 5 15.29 -26.61 18.90
N GLU H 6 14.75 -27.83 18.89
CA GLU H 6 13.33 -28.03 18.64
C GLU H 6 12.47 -27.14 19.53
N SER H 7 13.07 -26.60 20.59
CA SER H 7 12.34 -25.72 21.50
C SER H 7 12.49 -24.29 20.99
N LEU H 8 13.73 -23.82 20.99
CA LEU H 8 14.05 -22.48 20.54
C LEU H 8 13.24 -22.14 19.29
N LYS H 9 13.13 -23.13 18.43
CA LYS H 9 12.39 -22.97 17.19
C LYS H 9 10.97 -22.60 17.52
N VAL H 10 10.36 -23.32 18.45
CA VAL H 10 8.99 -23.04 18.83
C VAL H 10 8.92 -21.74 19.58
N LYS H 11 9.82 -21.58 20.54
CA LYS H 11 9.84 -20.36 21.35
C LYS H 11 9.85 -19.15 20.42
N LEU H 12 10.64 -19.26 19.36
CA LEU H 12 10.77 -18.21 18.37
C LEU H 12 9.52 -18.02 17.52
N GLN H 13 9.07 -19.09 16.87
CA GLN H 13 7.89 -19.01 16.03
C GLN H 13 6.67 -18.58 16.82
N TRP H 14 6.57 -19.01 18.08
CA TRP H 14 5.42 -18.63 18.89
C TRP H 14 5.36 -17.12 18.92
N ALA H 15 6.53 -16.50 19.06
CA ALA H 15 6.61 -15.05 19.10
C ALA H 15 5.91 -14.41 17.90
N SER H 16 6.39 -14.70 16.70
CA SER H 16 5.82 -14.14 15.49
C SER H 16 4.34 -14.42 15.35
N ALA H 17 3.95 -15.67 15.57
CA ALA H 17 2.55 -16.07 15.43
C ALA H 17 1.60 -15.42 16.43
N PHE H 18 1.86 -15.64 17.71
CA PHE H 18 1.03 -15.09 18.77
C PHE H 18 0.89 -13.60 18.57
N GLY H 19 1.99 -12.89 18.67
CA GLY H 19 1.97 -11.45 18.47
C GLY H 19 1.84 -10.64 19.74
N HIS H 20 1.27 -9.43 19.59
CA HIS H 20 1.08 -8.53 20.71
C HIS H 20 -0.27 -7.83 20.69
N ALA H 21 -0.74 -7.45 21.87
CA ALA H 21 -2.01 -6.76 22.04
C ALA H 21 -3.15 -7.42 21.30
N HIS H 22 -3.94 -6.61 20.62
CA HIS H 22 -5.09 -7.09 19.86
C HIS H 22 -4.76 -8.29 18.96
N GLU H 23 -3.64 -8.22 18.27
CA GLU H 23 -3.21 -9.31 17.38
C GLU H 23 -3.45 -10.68 18.01
N ARG H 24 -3.36 -10.72 19.34
CA ARG H 24 -3.54 -11.94 20.13
C ARG H 24 -5.00 -12.32 20.25
N VAL H 25 -5.81 -11.42 20.79
CA VAL H 25 -7.23 -11.70 20.93
C VAL H 25 -7.74 -12.30 19.65
N ALA H 26 -7.28 -11.74 18.53
CA ALA H 26 -7.68 -12.21 17.21
C ALA H 26 -7.29 -13.65 17.05
N PHE H 27 -6.06 -13.97 17.45
CA PHE H 27 -5.54 -15.32 17.38
C PHE H 27 -6.43 -16.20 18.24
N GLY H 28 -6.48 -15.91 19.53
CA GLY H 28 -7.31 -16.69 20.43
C GLY H 28 -8.69 -16.97 19.85
N LEU H 29 -9.39 -15.91 19.46
CA LEU H 29 -10.72 -16.05 18.89
C LEU H 29 -10.73 -17.03 17.73
N GLU H 30 -9.93 -16.74 16.70
CA GLU H 30 -9.87 -17.62 15.54
C GLU H 30 -9.69 -19.07 15.97
N LEU H 31 -8.81 -19.29 16.95
CA LEU H 31 -8.54 -20.63 17.45
C LEU H 31 -9.75 -21.31 18.02
N TRP H 32 -10.28 -20.77 19.10
CA TRP H 32 -11.44 -21.34 19.75
C TRP H 32 -12.64 -21.52 18.81
N ARG H 33 -12.83 -20.61 17.87
CA ARG H 33 -13.95 -20.75 16.95
C ARG H 33 -13.79 -22.06 16.20
N ASP H 34 -12.66 -22.23 15.52
CA ASP H 34 -12.41 -23.46 14.79
C ASP H 34 -12.57 -24.69 15.66
N ILE H 35 -12.17 -24.60 16.91
CA ILE H 35 -12.28 -25.73 17.85
C ILE H 35 -13.72 -26.06 18.18
N ILE H 36 -14.48 -25.05 18.58
CA ILE H 36 -15.86 -25.27 18.94
C ILE H 36 -16.76 -25.70 17.77
N ASP H 37 -16.45 -25.26 16.56
CA ASP H 37 -17.27 -25.66 15.41
C ASP H 37 -17.05 -27.13 15.11
N ASP H 38 -15.84 -27.61 15.37
CA ASP H 38 -15.47 -28.99 15.12
C ASP H 38 -16.06 -29.92 16.17
N HIS H 39 -16.03 -29.48 17.43
CA HIS H 39 -16.55 -30.29 18.53
C HIS H 39 -17.38 -29.46 19.52
N PRO H 40 -18.64 -29.14 19.15
CA PRO H 40 -19.52 -28.35 20.00
C PRO H 40 -19.72 -28.89 21.40
N GLU H 41 -19.20 -30.08 21.66
CA GLU H 41 -19.35 -30.68 22.98
C GLU H 41 -18.63 -29.83 24.01
N ILE H 42 -17.65 -29.06 23.55
CA ILE H 42 -16.87 -28.23 24.44
C ILE H 42 -17.60 -27.03 25.01
N LYS H 43 -18.59 -26.50 24.30
CA LYS H 43 -19.32 -25.34 24.80
C LYS H 43 -19.84 -25.62 26.21
N ALA H 44 -19.81 -26.88 26.62
CA ALA H 44 -20.31 -27.27 27.92
C ALA H 44 -19.52 -26.73 29.12
N PRO H 45 -18.28 -27.19 29.32
CA PRO H 45 -17.49 -26.70 30.45
C PRO H 45 -17.19 -25.21 30.40
N PHE H 46 -17.27 -24.63 29.23
CA PHE H 46 -17.00 -23.21 29.06
C PHE H 46 -18.24 -22.41 29.38
N SER H 47 -19.15 -23.03 30.10
CA SER H 47 -20.41 -22.38 30.46
C SER H 47 -20.18 -21.19 31.39
N ARG H 48 -19.18 -21.31 32.25
CA ARG H 48 -18.86 -20.25 33.20
C ARG H 48 -18.35 -18.99 32.49
N VAL H 49 -17.62 -19.17 31.40
CA VAL H 49 -17.08 -18.08 30.63
C VAL H 49 -17.80 -17.91 29.28
N ARG H 50 -19.12 -17.76 29.34
CA ARG H 50 -19.95 -17.60 28.14
C ARG H 50 -19.31 -18.20 26.89
N GLY H 51 -19.28 -19.54 26.85
CA GLY H 51 -18.70 -20.24 25.72
C GLY H 51 -19.65 -20.28 24.54
N ASP H 52 -20.89 -19.91 24.76
CA ASP H 52 -21.86 -19.91 23.68
C ASP H 52 -21.52 -18.77 22.71
N ASN H 53 -21.12 -17.64 23.28
CA ASN H 53 -20.76 -16.45 22.49
C ASN H 53 -19.27 -16.19 22.65
N ILE H 54 -18.44 -16.78 21.80
CA ILE H 54 -17.00 -16.61 21.89
C ILE H 54 -16.52 -15.19 21.64
N TYR H 55 -17.38 -14.37 21.06
CA TYR H 55 -17.00 -13.00 20.78
C TYR H 55 -17.21 -12.10 21.99
N SER H 56 -17.90 -12.62 22.99
CA SER H 56 -18.18 -11.87 24.21
C SER H 56 -16.92 -11.56 24.96
N PRO H 57 -16.96 -10.52 25.80
CA PRO H 57 -15.77 -10.14 26.58
C PRO H 57 -15.48 -11.22 27.62
N GLU H 58 -16.53 -11.75 28.21
CA GLU H 58 -16.37 -12.79 29.21
C GLU H 58 -15.49 -13.90 28.66
N PHE H 59 -15.85 -14.43 27.50
CA PHE H 59 -15.07 -15.50 26.88
C PHE H 59 -13.75 -14.96 26.39
N GLY H 60 -13.77 -13.78 25.80
CA GLY H 60 -12.55 -13.17 25.30
C GLY H 60 -11.49 -13.18 26.37
N ALA H 61 -11.88 -12.76 27.56
CA ALA H 61 -10.97 -12.74 28.68
C ALA H 61 -10.39 -14.13 28.79
N HIS H 62 -11.25 -15.11 29.02
CA HIS H 62 -10.85 -16.50 29.15
C HIS H 62 -9.83 -16.84 28.08
N SER H 63 -10.26 -16.73 26.83
CA SER H 63 -9.43 -17.00 25.67
C SER H 63 -8.00 -16.56 25.92
N GLN H 64 -7.85 -15.30 26.30
CA GLN H 64 -6.54 -14.73 26.56
C GLN H 64 -5.82 -15.45 27.69
N ARG H 65 -6.50 -15.61 28.83
CA ARG H 65 -5.89 -16.28 29.98
C ARG H 65 -5.26 -17.58 29.54
N VAL H 66 -5.98 -18.30 28.68
CA VAL H 66 -5.54 -19.58 28.15
C VAL H 66 -4.26 -19.41 27.41
N LEU H 67 -4.33 -18.73 26.28
CA LEU H 67 -3.15 -18.50 25.48
C LEU H 67 -1.97 -18.09 26.33
N SER H 68 -2.21 -17.21 27.31
CA SER H 68 -1.14 -16.76 28.18
C SER H 68 -0.44 -17.94 28.85
N GLY H 69 -1.22 -18.83 29.45
CA GLY H 69 -0.65 -20.00 30.10
C GLY H 69 0.18 -20.77 29.11
N LEU H 70 -0.36 -20.93 27.90
CA LEU H 70 0.34 -21.62 26.84
C LEU H 70 1.68 -20.91 26.62
N ASP H 71 1.66 -19.58 26.66
CA ASP H 71 2.88 -18.81 26.48
C ASP H 71 3.88 -19.24 27.54
N ILE H 72 3.43 -19.24 28.78
CA ILE H 72 4.29 -19.63 29.88
C ILE H 72 4.92 -20.97 29.62
N THR H 73 4.10 -22.00 29.50
CA THR H 73 4.62 -23.32 29.26
C THR H 73 5.68 -23.27 28.17
N ILE H 74 5.34 -22.72 27.02
CA ILE H 74 6.30 -22.63 25.90
C ILE H 74 7.59 -21.93 26.32
N SER H 75 7.49 -20.91 27.14
CA SER H 75 8.67 -20.19 27.55
C SER H 75 9.44 -20.95 28.62
N MET H 76 8.99 -22.16 28.95
CA MET H 76 9.66 -22.96 29.97
C MET H 76 10.19 -24.26 29.39
N LEU H 77 10.01 -24.46 28.10
CA LEU H 77 10.48 -25.68 27.44
C LEU H 77 11.99 -25.92 27.62
N ASP H 78 12.74 -24.84 27.82
CA ASP H 78 14.19 -24.98 28.01
C ASP H 78 14.55 -25.36 29.44
N THR H 79 13.78 -24.88 30.42
CA THR H 79 14.03 -25.19 31.82
C THR H 79 13.01 -26.21 32.28
N PRO H 80 13.43 -27.47 32.43
CA PRO H 80 12.60 -28.60 32.86
C PRO H 80 11.97 -28.51 34.24
N ASP H 81 12.76 -28.11 35.23
CA ASP H 81 12.25 -28.01 36.59
C ASP H 81 11.04 -27.08 36.72
N MET H 82 11.04 -25.99 35.96
CA MET H 82 9.95 -25.04 35.99
C MET H 82 8.76 -25.57 35.19
N LEU H 83 9.03 -26.16 34.04
CA LEU H 83 7.97 -26.71 33.22
C LEU H 83 7.21 -27.79 33.96
N ALA H 84 7.96 -28.80 34.42
CA ALA H 84 7.37 -29.92 35.14
C ALA H 84 6.45 -29.40 36.23
N ALA H 85 6.88 -28.34 36.89
CA ALA H 85 6.10 -27.74 37.96
C ALA H 85 4.88 -27.02 37.41
N GLN H 86 5.11 -26.14 36.45
CA GLN H 86 4.05 -25.36 35.82
C GLN H 86 3.01 -26.29 35.24
N LEU H 87 3.44 -27.31 34.52
CA LEU H 87 2.50 -28.26 33.93
C LEU H 87 1.66 -28.89 35.01
N ALA H 88 2.29 -29.38 36.07
CA ALA H 88 1.57 -30.01 37.16
C ALA H 88 0.52 -29.05 37.71
N HIS H 89 0.90 -27.78 37.83
CA HIS H 89 0.01 -26.74 38.33
C HIS H 89 -1.22 -26.58 37.42
N LEU H 90 -1.00 -26.65 36.11
CA LEU H 90 -2.10 -26.52 35.15
C LEU H 90 -3.03 -27.72 35.20
N LYS H 91 -2.45 -28.91 35.34
CA LYS H 91 -3.24 -30.13 35.39
C LYS H 91 -4.32 -30.03 36.45
N VAL H 92 -3.95 -29.48 37.59
CA VAL H 92 -4.88 -29.33 38.70
C VAL H 92 -6.05 -28.42 38.34
N GLN H 93 -5.76 -27.25 37.79
CA GLN H 93 -6.81 -26.32 37.42
C GLN H 93 -7.79 -26.92 36.41
N HIS H 94 -7.45 -28.07 35.87
CA HIS H 94 -8.29 -28.73 34.88
C HIS H 94 -8.97 -30.00 35.36
N VAL H 95 -8.20 -30.94 35.86
CA VAL H 95 -8.74 -32.21 36.36
C VAL H 95 -10.09 -32.07 37.08
N GLU H 96 -10.27 -30.98 37.81
CA GLU H 96 -11.50 -30.73 38.57
C GLU H 96 -12.78 -30.64 37.74
N ARG H 97 -12.69 -30.94 36.44
CA ARG H 97 -13.86 -30.86 35.57
C ARG H 97 -13.92 -32.07 34.63
N ASN H 98 -15.12 -32.44 34.20
CA ASN H 98 -15.28 -33.56 33.28
C ASN H 98 -14.59 -33.20 31.97
N LEU H 99 -13.32 -33.56 31.86
CA LEU H 99 -12.58 -33.26 30.66
C LEU H 99 -12.02 -34.47 29.92
N LYS H 100 -12.68 -34.84 28.83
CA LYS H 100 -12.25 -35.97 28.03
C LYS H 100 -10.82 -35.68 27.56
N PRO H 101 -9.86 -36.52 27.95
CA PRO H 101 -8.47 -36.33 27.55
C PRO H 101 -8.30 -36.09 26.05
N GLU H 102 -9.30 -36.46 25.27
CA GLU H 102 -9.22 -36.26 23.83
C GLU H 102 -9.39 -34.78 23.45
N PHE H 103 -10.01 -34.00 24.34
CA PHE H 103 -10.23 -32.58 24.11
C PHE H 103 -8.92 -31.90 23.79
N PHE H 104 -7.91 -32.21 24.58
CA PHE H 104 -6.59 -31.62 24.40
C PHE H 104 -6.00 -32.05 23.07
N ASP H 105 -6.19 -33.31 22.71
CA ASP H 105 -5.67 -33.80 21.44
C ASP H 105 -6.29 -32.96 20.34
N ILE H 106 -7.50 -32.47 20.60
CA ILE H 106 -8.23 -31.62 19.65
C ILE H 106 -7.62 -30.24 19.64
N PHE H 107 -7.53 -29.66 20.83
CA PHE H 107 -6.95 -28.35 21.01
C PHE H 107 -5.66 -28.28 20.22
N LEU H 108 -4.78 -29.26 20.45
CA LEU H 108 -3.51 -29.31 19.75
C LEU H 108 -3.67 -29.30 18.25
N LYS H 109 -4.56 -30.16 17.77
CA LYS H 109 -4.81 -30.26 16.33
C LYS H 109 -5.01 -28.87 15.75
N HIS H 110 -5.90 -28.08 16.35
CA HIS H 110 -6.16 -26.74 15.85
C HIS H 110 -5.04 -25.75 16.10
N LEU H 111 -4.51 -25.71 17.31
CA LEU H 111 -3.41 -24.79 17.58
C LEU H 111 -2.35 -24.88 16.47
N LEU H 112 -2.11 -26.09 15.97
CA LEU H 112 -1.15 -26.29 14.90
C LEU H 112 -1.72 -25.79 13.59
N HIS H 113 -2.99 -26.11 13.36
CA HIS H 113 -3.65 -25.69 12.14
C HIS H 113 -3.54 -24.18 12.03
N VAL H 114 -3.86 -23.48 13.10
CA VAL H 114 -3.81 -22.03 13.12
C VAL H 114 -2.40 -21.50 12.93
N LEU H 115 -1.45 -21.96 13.74
CA LEU H 115 -0.07 -21.51 13.59
C LEU H 115 0.35 -21.76 12.15
N GLY H 116 -0.17 -22.84 11.57
CA GLY H 116 0.16 -23.15 10.19
C GLY H 116 -0.17 -21.96 9.30
N ASP H 117 -1.37 -21.42 9.44
CA ASP H 117 -1.79 -20.27 8.65
C ASP H 117 -0.89 -19.10 8.96
N ARG H 118 -0.82 -18.73 10.22
CA ARG H 118 0.00 -17.61 10.65
C ARG H 118 1.45 -17.65 10.16
N LEU H 119 2.12 -18.77 10.40
CA LEU H 119 3.51 -18.88 10.03
C LEU H 119 3.79 -19.24 8.58
N GLY H 120 2.86 -19.94 7.94
CA GLY H 120 3.06 -20.30 6.54
C GLY H 120 3.79 -21.61 6.36
N THR H 121 4.65 -21.67 5.35
CA THR H 121 5.40 -22.88 5.07
C THR H 121 6.61 -23.07 5.96
N HIS H 122 7.06 -21.98 6.58
CA HIS H 122 8.21 -22.03 7.46
C HIS H 122 7.89 -22.81 8.72
N PHE H 123 6.60 -22.79 9.09
CA PHE H 123 6.10 -23.46 10.29
C PHE H 123 6.75 -24.81 10.51
N ASP H 124 7.53 -24.97 11.57
CA ASP H 124 8.17 -26.24 11.83
C ASP H 124 7.24 -27.18 12.57
N PHE H 125 6.34 -27.79 11.82
CA PHE H 125 5.36 -28.72 12.35
C PHE H 125 6.04 -29.69 13.29
N GLY H 126 7.06 -30.37 12.78
CA GLY H 126 7.78 -31.34 13.58
C GLY H 126 8.06 -30.82 14.97
N ALA H 127 8.83 -29.74 15.03
CA ALA H 127 9.20 -29.15 16.30
C ALA H 127 8.01 -28.90 17.19
N TRP H 128 6.96 -28.31 16.65
CA TRP H 128 5.79 -28.02 17.47
C TRP H 128 5.13 -29.29 17.99
N HIS H 129 4.77 -30.18 17.09
CA HIS H 129 4.12 -31.42 17.49
C HIS H 129 4.89 -32.08 18.62
N ASP H 130 6.18 -32.33 18.41
CA ASP H 130 7.02 -32.94 19.42
C ASP H 130 7.00 -32.13 20.71
N CYS H 131 7.03 -30.81 20.58
CA CYS H 131 7.09 -29.94 21.73
C CYS H 131 5.80 -29.56 22.46
N VAL H 132 4.79 -29.12 21.74
CA VAL H 132 3.54 -28.75 22.39
C VAL H 132 2.91 -29.99 22.97
N ASP H 133 3.11 -31.12 22.32
CA ASP H 133 2.54 -32.38 22.79
C ASP H 133 2.94 -32.56 24.26
N GLN H 134 4.25 -32.55 24.50
CA GLN H 134 4.77 -32.72 25.84
C GLN H 134 4.06 -31.83 26.84
N ILE H 135 3.63 -30.66 26.39
CA ILE H 135 2.94 -29.71 27.28
C ILE H 135 1.54 -30.17 27.56
N ILE H 136 0.90 -30.80 26.58
CA ILE H 136 -0.45 -31.28 26.76
C ILE H 136 -0.50 -32.47 27.71
N ASP H 137 0.30 -33.47 27.44
CA ASP H 137 0.29 -34.65 28.29
C ASP H 137 0.44 -34.30 29.76
N GLY H 138 1.17 -33.23 30.05
CA GLY H 138 1.35 -32.83 31.42
C GLY H 138 0.10 -32.21 32.02
N ILE H 139 -0.95 -32.07 31.21
CA ILE H 139 -2.20 -31.48 31.68
C ILE H 139 -3.40 -32.40 31.38
N LYS H 140 -3.29 -33.17 30.31
CA LYS H 140 -4.34 -34.08 29.87
C LYS H 140 -5.03 -34.81 31.02
N ASP I 5 -29.48 4.86 -26.92
CA ASP I 5 -30.22 3.81 -26.15
C ASP I 5 -29.35 2.61 -25.76
N CYS I 6 -28.08 2.88 -25.46
CA CYS I 6 -27.12 1.86 -25.06
C CYS I 6 -26.66 2.22 -23.65
N CYS I 7 -26.60 1.25 -22.76
CA CYS I 7 -26.16 1.55 -21.39
C CYS I 7 -24.64 1.43 -21.36
N SER I 8 -23.98 2.59 -21.46
CA SER I 8 -22.53 2.66 -21.46
C SER I 8 -21.97 2.33 -20.11
N TYR I 9 -20.68 2.03 -20.07
CA TYR I 9 -20.01 1.71 -18.83
C TYR I 9 -19.98 2.96 -17.99
N GLU I 10 -19.74 4.12 -18.62
CA GLU I 10 -19.71 5.37 -17.90
C GLU I 10 -21.06 5.58 -17.23
N ASP I 11 -22.12 5.38 -18.01
CA ASP I 11 -23.46 5.56 -17.49
C ASP I 11 -23.69 4.66 -16.28
N ARG I 12 -23.25 3.42 -16.37
CA ARG I 12 -23.40 2.53 -15.25
C ARG I 12 -22.75 3.18 -14.03
N ARG I 13 -21.51 3.63 -14.18
CA ARG I 13 -20.80 4.28 -13.11
C ARG I 13 -21.61 5.45 -12.58
N GLU I 14 -22.20 6.24 -13.47
CA GLU I 14 -23.01 7.37 -13.07
C GLU I 14 -24.11 6.92 -12.12
N ILE I 15 -24.84 5.89 -12.53
CA ILE I 15 -25.92 5.38 -11.73
C ILE I 15 -25.39 4.75 -10.45
N ARG I 16 -24.37 3.90 -10.57
CA ARG I 16 -23.82 3.22 -9.40
C ARG I 16 -23.52 4.22 -8.33
N HIS I 17 -23.51 5.50 -8.71
CA HIS I 17 -23.25 6.59 -7.78
C HIS I 17 -24.57 7.26 -7.41
N ILE I 18 -25.32 7.66 -8.44
CA ILE I 18 -26.62 8.30 -8.20
C ILE I 18 -27.42 7.50 -7.16
N TRP I 19 -27.36 6.18 -7.28
CA TRP I 19 -28.10 5.34 -6.36
C TRP I 19 -27.59 5.52 -4.93
N ASP I 20 -26.27 5.45 -4.76
CA ASP I 20 -25.67 5.61 -3.44
C ASP I 20 -26.15 6.85 -2.71
N ASP I 21 -26.92 7.69 -3.39
CA ASP I 21 -27.41 8.91 -2.75
C ASP I 21 -28.85 8.73 -2.29
N VAL I 22 -29.60 7.87 -2.97
CA VAL I 22 -30.99 7.62 -2.60
C VAL I 22 -31.02 6.46 -1.60
N TRP I 23 -30.19 5.47 -1.87
CA TRP I 23 -30.08 4.27 -1.03
C TRP I 23 -28.99 4.42 0.01
N SER I 24 -28.98 5.55 0.68
CA SER I 24 -27.97 5.83 1.68
C SER I 24 -28.19 5.10 2.99
N SER I 25 -29.26 5.45 3.69
CA SER I 25 -29.56 4.84 4.99
C SER I 25 -30.00 3.39 4.90
N SER I 26 -29.72 2.65 5.97
CA SER I 26 -30.09 1.25 6.07
C SER I 26 -31.39 1.19 6.86
N PHE I 27 -32.12 2.29 6.79
CA PHE I 27 -33.43 2.41 7.44
C PHE I 27 -34.50 2.62 6.37
N THR I 28 -35.51 1.77 6.38
CA THR I 28 -36.60 1.85 5.41
C THR I 28 -37.11 3.25 5.10
N ASP I 29 -37.57 3.96 6.13
CA ASP I 29 -38.12 5.31 5.99
C ASP I 29 -37.88 6.03 4.66
N ARG I 30 -36.62 6.34 4.35
CA ARG I 30 -36.30 7.06 3.12
C ARG I 30 -36.72 6.32 1.86
N ARG I 31 -36.06 5.20 1.57
CA ARG I 31 -36.38 4.44 0.38
C ARG I 31 -37.88 4.28 0.18
N VAL I 32 -38.60 4.08 1.28
CA VAL I 32 -40.04 3.93 1.21
C VAL I 32 -40.68 5.16 0.57
N ALA I 33 -40.57 6.30 1.23
CA ALA I 33 -41.15 7.52 0.73
C ALA I 33 -40.83 7.74 -0.75
N ILE I 34 -39.62 7.44 -1.18
CA ILE I 34 -39.24 7.62 -2.57
C ILE I 34 -39.98 6.66 -3.48
N VAL I 35 -39.83 5.36 -3.26
CA VAL I 35 -40.51 4.37 -4.09
C VAL I 35 -42.00 4.65 -4.12
N ARG I 36 -42.54 5.07 -2.98
CA ARG I 36 -43.96 5.39 -2.89
C ARG I 36 -44.19 6.55 -3.85
N ALA I 37 -43.55 7.68 -3.57
CA ALA I 37 -43.70 8.86 -4.40
C ALA I 37 -43.60 8.50 -5.87
N VAL I 38 -42.87 7.44 -6.18
CA VAL I 38 -42.72 6.99 -7.57
C VAL I 38 -44.04 6.39 -8.03
N PHE I 39 -44.56 5.44 -7.26
CA PHE I 39 -45.82 4.81 -7.61
C PHE I 39 -46.98 5.80 -7.67
N ASP I 40 -47.05 6.73 -6.72
CA ASP I 40 -48.12 7.71 -6.73
C ASP I 40 -48.16 8.41 -8.07
N ASP I 41 -47.00 8.57 -8.70
CA ASP I 41 -46.91 9.21 -10.01
C ASP I 41 -47.33 8.23 -11.10
N LEU I 42 -47.18 6.94 -10.83
CA LEU I 42 -47.56 5.94 -11.80
C LEU I 42 -49.07 5.85 -11.80
N PHE I 43 -49.66 5.91 -10.61
CA PHE I 43 -51.09 5.81 -10.48
C PHE I 43 -51.82 7.07 -10.92
N LYS I 44 -51.18 8.22 -10.75
CA LYS I 44 -51.83 9.45 -11.17
C LYS I 44 -51.89 9.52 -12.69
N HIS I 45 -51.02 8.74 -13.35
CA HIS I 45 -50.97 8.74 -14.82
C HIS I 45 -51.59 7.51 -15.48
N TYR I 46 -51.45 6.35 -14.84
CA TYR I 46 -52.01 5.11 -15.35
C TYR I 46 -52.80 4.50 -14.20
N PRO I 47 -53.87 5.18 -13.77
CA PRO I 47 -54.75 4.75 -12.66
C PRO I 47 -55.18 3.29 -12.70
N THR I 48 -55.25 2.73 -13.90
CA THR I 48 -55.65 1.35 -14.08
C THR I 48 -54.81 0.39 -13.25
N SER I 49 -53.50 0.57 -13.32
CA SER I 49 -52.53 -0.25 -12.61
C SER I 49 -52.82 -0.37 -11.11
N LYS I 50 -53.34 0.70 -10.51
CA LYS I 50 -53.63 0.70 -9.09
C LYS I 50 -54.23 -0.61 -8.63
N ALA I 51 -55.33 -1.00 -9.22
CA ALA I 51 -56.00 -2.24 -8.87
C ALA I 51 -55.07 -3.46 -8.70
N LEU I 52 -54.05 -3.57 -9.55
CA LEU I 52 -53.10 -4.69 -9.52
C LEU I 52 -52.51 -5.03 -8.16
N PHE I 53 -52.42 -4.03 -7.28
CA PHE I 53 -51.83 -4.24 -5.97
C PHE I 53 -52.80 -4.38 -4.80
N GLU I 54 -54.00 -4.87 -5.05
CA GLU I 54 -54.95 -5.05 -3.96
C GLU I 54 -54.44 -6.19 -3.11
N ARG I 55 -53.64 -7.05 -3.74
CA ARG I 55 -53.09 -8.21 -3.05
C ARG I 55 -52.19 -7.79 -1.89
N VAL I 56 -51.57 -6.62 -2.02
CA VAL I 56 -50.69 -6.13 -0.98
C VAL I 56 -51.37 -5.04 -0.17
N LYS I 57 -52.65 -4.81 -0.45
CA LYS I 57 -53.42 -3.81 0.28
C LYS I 57 -52.99 -2.36 0.07
N ILE I 58 -53.11 -1.88 -1.16
CA ILE I 58 -52.75 -0.49 -1.45
C ILE I 58 -53.80 0.43 -0.88
N ASP I 59 -54.98 -0.09 -0.59
CA ASP I 59 -56.07 0.71 -0.04
C ASP I 59 -55.70 1.16 1.36
N GLU I 60 -54.67 0.52 1.93
CA GLU I 60 -54.18 0.86 3.26
C GLU I 60 -52.74 1.32 3.08
N PRO I 61 -52.54 2.56 2.63
CA PRO I 61 -51.20 3.10 2.41
C PRO I 61 -50.18 2.80 3.50
N GLU I 62 -50.53 3.10 4.75
CA GLU I 62 -49.59 2.87 5.85
C GLU I 62 -49.67 1.44 6.41
N SER I 63 -50.44 0.59 5.74
CA SER I 63 -50.63 -0.79 6.15
C SER I 63 -49.42 -1.50 6.71
N GLY I 64 -48.36 -1.54 5.92
CA GLY I 64 -47.18 -2.25 6.37
C GLY I 64 -47.13 -3.49 5.49
N GLU I 65 -48.29 -4.05 5.19
CA GLU I 65 -48.36 -5.21 4.31
C GLU I 65 -47.94 -4.63 2.96
N PHE I 66 -48.28 -3.36 2.78
CA PHE I 66 -47.99 -2.61 1.56
C PHE I 66 -46.63 -1.95 1.66
N LYS I 67 -46.34 -1.31 2.78
CA LYS I 67 -45.05 -0.69 2.94
C LYS I 67 -43.98 -1.72 2.60
N SER I 68 -44.04 -2.87 3.24
CA SER I 68 -43.07 -3.92 3.00
C SER I 68 -42.95 -4.12 1.50
N HIS I 69 -44.09 -4.15 0.82
CA HIS I 69 -44.07 -4.32 -0.62
C HIS I 69 -43.17 -3.28 -1.26
N LEU I 70 -43.52 -2.02 -1.06
CA LEU I 70 -42.74 -0.93 -1.60
C LEU I 70 -41.26 -1.23 -1.45
N VAL I 71 -40.86 -1.60 -0.25
CA VAL I 71 -39.48 -1.93 0.02
C VAL I 71 -38.98 -3.03 -0.92
N ARG I 72 -39.71 -4.12 -1.03
CA ARG I 72 -39.30 -5.21 -1.90
C ARG I 72 -39.06 -4.68 -3.29
N VAL I 73 -39.91 -3.78 -3.76
CA VAL I 73 -39.75 -3.19 -5.07
C VAL I 73 -38.46 -2.43 -5.08
N ALA I 74 -38.32 -1.54 -4.12
CA ALA I 74 -37.11 -0.75 -3.99
C ALA I 74 -35.93 -1.70 -4.04
N ASN I 75 -35.82 -2.57 -3.05
CA ASN I 75 -34.72 -3.51 -3.00
C ASN I 75 -34.52 -4.27 -4.30
N GLY I 76 -35.60 -4.58 -5.00
CA GLY I 76 -35.45 -5.31 -6.24
C GLY I 76 -34.72 -4.47 -7.27
N LEU I 77 -34.94 -3.16 -7.19
CA LEU I 77 -34.31 -2.22 -8.09
C LEU I 77 -32.87 -2.11 -7.64
N LYS I 78 -32.68 -1.96 -6.34
CA LYS I 78 -31.35 -1.87 -5.77
C LYS I 78 -30.53 -3.04 -6.28
N LEU I 79 -31.07 -4.24 -6.14
CA LEU I 79 -30.39 -5.46 -6.58
C LEU I 79 -29.97 -5.35 -8.03
N LEU I 80 -30.82 -4.77 -8.86
CA LEU I 80 -30.49 -4.62 -10.27
C LEU I 80 -29.25 -3.76 -10.41
N ILE I 81 -29.38 -2.51 -10.00
CA ILE I 81 -28.29 -1.55 -10.08
C ILE I 81 -27.00 -2.14 -9.54
N ASN I 82 -27.07 -2.72 -8.36
CA ASN I 82 -25.89 -3.33 -7.75
C ASN I 82 -25.43 -4.60 -8.47
N LEU I 83 -25.88 -4.76 -9.71
CA LEU I 83 -25.52 -5.93 -10.46
C LEU I 83 -24.91 -5.48 -11.78
N LEU I 84 -25.07 -4.19 -12.07
CA LEU I 84 -24.55 -3.58 -13.30
C LEU I 84 -23.08 -3.83 -13.57
N ASP I 85 -22.34 -4.32 -12.57
CA ASP I 85 -20.92 -4.59 -12.78
C ASP I 85 -20.69 -6.08 -13.03
N ASP I 86 -21.74 -6.88 -12.85
CA ASP I 86 -21.64 -8.32 -13.08
C ASP I 86 -22.51 -8.84 -14.22
N THR I 87 -22.63 -8.03 -15.25
CA THR I 87 -23.40 -8.34 -16.46
C THR I 87 -24.10 -9.70 -16.54
N LEU I 88 -23.34 -10.76 -16.74
CA LEU I 88 -23.89 -12.10 -16.85
C LEU I 88 -24.96 -12.47 -15.84
N VAL I 89 -24.75 -12.11 -14.57
CA VAL I 89 -25.71 -12.41 -13.53
C VAL I 89 -26.91 -11.50 -13.71
N LEU I 90 -26.63 -10.24 -13.97
CA LEU I 90 -27.70 -9.27 -14.18
C LEU I 90 -28.63 -9.79 -15.28
N GLN I 91 -28.02 -10.23 -16.38
CA GLN I 91 -28.77 -10.72 -17.53
C GLN I 91 -29.71 -11.86 -17.16
N SER I 92 -29.34 -12.65 -16.17
CA SER I 92 -30.17 -13.76 -15.73
C SER I 92 -31.26 -13.29 -14.79
N HIS I 93 -30.87 -12.66 -13.69
CA HIS I 93 -31.86 -12.18 -12.73
C HIS I 93 -32.81 -11.24 -13.44
N LEU I 94 -32.32 -10.58 -14.46
CA LEU I 94 -33.16 -9.65 -15.19
C LEU I 94 -34.27 -10.43 -15.81
N GLY I 95 -33.97 -11.66 -16.24
CA GLY I 95 -34.99 -12.49 -16.85
C GLY I 95 -35.94 -12.95 -15.77
N HIS I 96 -35.37 -13.53 -14.74
CA HIS I 96 -36.13 -14.01 -13.59
C HIS I 96 -37.09 -12.91 -13.13
N LEU I 97 -36.67 -11.66 -13.22
CA LEU I 97 -37.49 -10.55 -12.79
C LEU I 97 -38.64 -10.35 -13.75
N ALA I 98 -38.47 -10.79 -14.99
CA ALA I 98 -39.52 -10.67 -15.99
C ALA I 98 -40.57 -11.71 -15.64
N ASP I 99 -40.15 -12.97 -15.58
CA ASP I 99 -41.05 -14.07 -15.27
C ASP I 99 -41.92 -13.80 -14.04
N GLN I 100 -41.39 -13.09 -13.05
CA GLN I 100 -42.16 -12.78 -11.86
C GLN I 100 -43.25 -11.78 -12.15
N HIS I 101 -43.20 -11.17 -13.32
CA HIS I 101 -44.19 -10.18 -13.69
C HIS I 101 -45.08 -10.70 -14.82
N ILE I 102 -44.62 -11.72 -15.53
CA ILE I 102 -45.43 -12.27 -16.60
C ILE I 102 -46.54 -13.08 -15.98
N GLN I 103 -46.22 -13.76 -14.88
CA GLN I 103 -47.21 -14.57 -14.19
C GLN I 103 -48.16 -13.70 -13.36
N ARG I 104 -47.92 -12.40 -13.39
CA ARG I 104 -48.78 -11.47 -12.67
C ARG I 104 -49.75 -10.95 -13.69
N LYS I 105 -50.90 -11.60 -13.76
CA LYS I 105 -51.94 -11.24 -14.72
C LYS I 105 -52.40 -9.78 -14.60
N GLY I 106 -52.31 -9.05 -15.70
CA GLY I 106 -52.73 -7.65 -15.70
C GLY I 106 -51.60 -6.65 -15.87
N VAL I 107 -50.36 -7.12 -15.89
CA VAL I 107 -49.22 -6.24 -16.03
C VAL I 107 -48.87 -6.01 -17.49
N THR I 108 -49.13 -4.79 -17.98
CA THR I 108 -48.84 -4.44 -19.38
C THR I 108 -47.41 -3.97 -19.64
N LYS I 109 -47.05 -3.95 -20.92
CA LYS I 109 -45.73 -3.51 -21.32
C LYS I 109 -45.72 -2.01 -21.08
N GLU I 110 -46.92 -1.43 -21.13
CA GLU I 110 -47.09 -0.01 -20.93
C GLU I 110 -46.81 0.44 -19.50
N TYR I 111 -47.45 -0.22 -18.53
CA TYR I 111 -47.25 0.16 -17.14
C TYR I 111 -45.78 0.33 -16.81
N PHE I 112 -44.93 -0.48 -17.42
CA PHE I 112 -43.50 -0.36 -17.17
C PHE I 112 -42.96 0.93 -17.76
N ARG I 113 -43.24 1.18 -19.03
CA ARG I 113 -42.77 2.41 -19.64
C ARG I 113 -43.30 3.55 -18.78
N GLY I 114 -44.39 3.30 -18.07
CA GLY I 114 -44.97 4.32 -17.22
C GLY I 114 -44.24 4.58 -15.91
N ILE I 115 -43.78 3.51 -15.27
CA ILE I 115 -43.07 3.65 -14.01
C ILE I 115 -41.71 4.23 -14.34
N GLY I 116 -41.27 4.05 -15.58
CA GLY I 116 -39.98 4.56 -16.00
C GLY I 116 -40.05 6.07 -15.99
N GLU I 117 -41.16 6.58 -16.50
CA GLU I 117 -41.36 8.02 -16.55
C GLU I 117 -41.42 8.48 -15.10
N ALA I 118 -42.10 7.70 -14.26
CA ALA I 118 -42.22 8.01 -12.84
C ALA I 118 -40.88 8.42 -12.21
N PHE I 119 -39.91 7.49 -12.18
CA PHE I 119 -38.61 7.78 -11.60
C PHE I 119 -38.01 9.04 -12.18
N ALA I 120 -38.00 9.12 -13.51
CA ALA I 120 -37.44 10.27 -14.23
C ALA I 120 -38.07 11.60 -13.81
N ARG I 121 -39.15 11.53 -13.04
CA ARG I 121 -39.85 12.73 -12.60
C ARG I 121 -39.66 12.89 -11.09
N VAL I 122 -39.48 11.77 -10.40
CA VAL I 122 -39.31 11.78 -8.96
C VAL I 122 -37.87 12.00 -8.56
N LEU I 123 -37.00 11.07 -8.95
CA LEU I 123 -35.60 11.16 -8.60
C LEU I 123 -35.00 12.56 -8.71
N PRO I 124 -35.17 13.22 -9.86
CA PRO I 124 -34.61 14.56 -9.99
C PRO I 124 -35.08 15.55 -8.91
N GLN I 125 -35.99 15.09 -8.04
CA GLN I 125 -36.52 15.94 -6.96
C GLN I 125 -36.01 15.52 -5.59
N VAL I 126 -35.62 14.26 -5.45
CA VAL I 126 -35.13 13.78 -4.16
C VAL I 126 -33.64 13.96 -3.99
N LEU I 127 -32.94 14.23 -5.09
CA LEU I 127 -31.50 14.44 -5.02
C LEU I 127 -31.06 15.34 -6.14
N SER I 128 -29.97 16.07 -5.93
CA SER I 128 -29.47 16.96 -6.94
C SER I 128 -28.37 16.23 -7.68
N CYS I 129 -27.95 16.77 -8.82
CA CYS I 129 -26.90 16.16 -9.62
C CYS I 129 -27.39 14.82 -10.15
N PHE I 130 -28.57 14.82 -10.76
CA PHE I 130 -29.15 13.61 -11.30
C PHE I 130 -29.01 13.65 -12.80
N ASN I 131 -28.27 12.71 -13.36
CA ASN I 131 -28.07 12.66 -14.80
C ASN I 131 -29.26 11.98 -15.46
N VAL I 132 -30.42 12.63 -15.42
CA VAL I 132 -31.63 12.09 -16.00
C VAL I 132 -31.42 11.25 -17.24
N ASP I 133 -30.64 11.74 -18.18
CA ASP I 133 -30.40 10.99 -19.41
C ASP I 133 -29.74 9.65 -19.13
N ALA I 134 -28.58 9.69 -18.47
CA ALA I 134 -27.84 8.48 -18.15
C ALA I 134 -28.77 7.48 -17.46
N TRP I 135 -29.54 7.95 -16.50
CA TRP I 135 -30.46 7.09 -15.77
C TRP I 135 -31.38 6.52 -16.82
N ASN I 136 -32.13 7.40 -17.47
CA ASN I 136 -33.07 6.98 -18.50
C ASN I 136 -32.49 5.91 -19.40
N ARG I 137 -31.30 6.14 -19.94
CA ARG I 137 -30.72 5.15 -20.82
C ARG I 137 -30.64 3.76 -20.21
N CYS I 138 -29.87 3.60 -19.13
CA CYS I 138 -29.74 2.30 -18.50
C CYS I 138 -31.00 1.77 -17.87
N PHE I 139 -31.95 2.64 -17.54
CA PHE I 139 -33.17 2.14 -16.95
C PHE I 139 -33.97 1.48 -18.05
N HIS I 140 -33.96 2.05 -19.24
CA HIS I 140 -34.69 1.49 -20.38
C HIS I 140 -34.16 0.12 -20.72
N ARG I 141 -32.84 0.01 -20.81
CA ARG I 141 -32.25 -1.29 -21.13
C ARG I 141 -32.75 -2.31 -20.11
N LEU I 142 -32.83 -1.92 -18.85
CA LEU I 142 -33.32 -2.83 -17.80
C LEU I 142 -34.80 -3.18 -17.98
N VAL I 143 -35.62 -2.16 -18.21
CA VAL I 143 -37.06 -2.36 -18.42
C VAL I 143 -37.33 -3.22 -19.64
N ALA I 144 -36.79 -2.83 -20.78
CA ALA I 144 -36.98 -3.57 -22.01
C ALA I 144 -36.91 -5.07 -21.76
N ARG I 145 -35.79 -5.52 -21.22
CA ARG I 145 -35.61 -6.93 -20.96
C ARG I 145 -36.62 -7.48 -19.98
N ILE I 146 -37.09 -6.67 -19.03
CA ILE I 146 -38.05 -7.16 -18.04
C ILE I 146 -39.43 -7.40 -18.63
N ALA I 147 -39.88 -6.46 -19.45
CA ALA I 147 -41.18 -6.60 -20.05
C ALA I 147 -41.11 -6.88 -21.54
N LYS I 148 -40.24 -7.79 -21.94
CA LYS I 148 -40.12 -8.11 -23.37
C LYS I 148 -41.33 -8.91 -23.83
N ASP I 149 -41.85 -9.76 -22.95
CA ASP I 149 -42.99 -10.61 -23.26
C ASP I 149 -44.24 -10.22 -22.45
N LEU I 150 -44.18 -9.10 -21.76
CA LEU I 150 -45.28 -8.65 -20.91
C LEU I 150 -46.61 -8.12 -21.49
N PRO I 151 -46.55 -7.31 -22.55
CA PRO I 151 -47.78 -6.75 -23.13
C PRO I 151 -48.98 -7.68 -23.18
N LYS J 1 -40.99 29.57 -4.99
CA LYS J 1 -40.83 28.91 -6.32
C LYS J 1 -41.07 27.40 -6.20
N LYS J 2 -41.15 26.94 -4.95
CA LYS J 2 -41.37 25.52 -4.65
C LYS J 2 -41.71 25.41 -3.17
N GLN J 3 -42.48 24.40 -2.77
CA GLN J 3 -42.85 24.24 -1.37
C GLN J 3 -42.09 23.09 -0.72
N CYS J 4 -41.79 23.23 0.57
CA CYS J 4 -41.04 22.20 1.30
C CYS J 4 -41.91 20.99 1.56
N GLY J 5 -42.11 20.19 0.53
CA GLY J 5 -42.94 19.01 0.62
C GLY J 5 -42.23 17.77 1.13
N VAL J 6 -42.58 16.63 0.55
CA VAL J 6 -41.98 15.36 0.96
C VAL J 6 -40.57 15.20 0.41
N LEU J 7 -40.47 15.19 -0.91
CA LEU J 7 -39.19 15.03 -1.58
C LEU J 7 -38.22 16.16 -1.28
N GLU J 8 -38.60 17.40 -1.60
CA GLU J 8 -37.73 18.55 -1.36
C GLU J 8 -37.20 18.51 0.06
N GLY J 9 -37.91 17.83 0.94
CA GLY J 9 -37.45 17.70 2.30
C GLY J 9 -36.28 16.73 2.31
N LEU J 10 -36.54 15.51 1.85
CA LEU J 10 -35.52 14.48 1.77
C LEU J 10 -34.25 15.02 1.16
N LYS J 11 -34.38 15.84 0.13
CA LYS J 11 -33.20 16.40 -0.51
C LYS J 11 -32.44 17.31 0.46
N VAL J 12 -33.12 18.31 1.01
CA VAL J 12 -32.45 19.19 1.94
C VAL J 12 -31.90 18.41 3.11
N LYS J 13 -32.72 17.52 3.67
CA LYS J 13 -32.28 16.72 4.81
C LYS J 13 -30.96 15.99 4.52
N SER J 14 -30.83 15.51 3.30
CA SER J 14 -29.63 14.79 2.88
C SER J 14 -28.46 15.76 2.68
N GLU J 15 -28.67 16.78 1.84
CA GLU J 15 -27.65 17.76 1.55
C GLU J 15 -27.17 18.43 2.83
N TRP J 16 -28.08 18.68 3.75
CA TRP J 16 -27.69 19.29 4.99
C TRP J 16 -26.70 18.39 5.68
N GLY J 17 -26.94 17.08 5.59
CA GLY J 17 -26.03 16.14 6.22
C GLY J 17 -24.60 16.37 5.80
N ARG J 18 -24.40 16.57 4.51
CA ARG J 18 -23.08 16.80 3.97
C ARG J 18 -22.51 18.16 4.35
N ALA J 19 -23.32 19.21 4.24
CA ALA J 19 -22.87 20.57 4.56
C ALA J 19 -22.56 20.77 6.05
N TYR J 20 -23.41 20.22 6.90
CA TYR J 20 -23.24 20.34 8.34
C TYR J 20 -21.91 19.74 8.72
N GLY J 21 -21.74 18.46 8.42
CA GLY J 21 -20.48 17.81 8.75
C GLY J 21 -20.28 17.73 10.25
N SER J 22 -19.02 17.67 10.68
CA SER J 22 -18.72 17.56 12.11
C SER J 22 -17.34 18.07 12.48
N GLY J 23 -17.04 18.04 13.78
CA GLY J 23 -15.76 18.50 14.27
C GLY J 23 -15.47 19.97 14.02
N HIS J 24 -14.36 20.24 13.33
CA HIS J 24 -13.98 21.60 13.01
C HIS J 24 -14.81 22.16 11.88
N ASP J 25 -15.02 21.36 10.83
CA ASP J 25 -15.83 21.80 9.71
C ASP J 25 -17.06 22.48 10.28
N ARG J 26 -17.61 21.89 11.34
CA ARG J 26 -18.80 22.43 11.97
C ARG J 26 -18.50 23.76 12.63
N GLU J 27 -17.55 23.75 13.57
CA GLU J 27 -17.19 24.97 14.27
C GLU J 27 -16.96 26.14 13.30
N ALA J 28 -16.62 25.82 12.05
CA ALA J 28 -16.39 26.84 11.04
C ALA J 28 -17.67 27.10 10.30
N PHE J 29 -18.28 26.03 9.79
CA PHE J 29 -19.53 26.12 9.07
C PHE J 29 -20.42 27.13 9.79
N SER J 30 -20.58 26.96 11.09
CA SER J 30 -21.40 27.89 11.88
C SER J 30 -20.76 29.29 11.87
N GLN J 31 -19.47 29.33 12.17
CA GLN J 31 -18.73 30.57 12.14
C GLN J 31 -19.06 31.34 10.87
N ALA J 32 -18.77 30.73 9.71
CA ALA J 32 -19.01 31.34 8.42
C ALA J 32 -20.40 31.90 8.33
N ILE J 33 -21.37 31.07 8.66
CA ILE J 33 -22.78 31.46 8.60
C ILE J 33 -23.06 32.71 9.40
N TRP J 34 -22.65 32.75 10.66
CA TRP J 34 -22.89 33.94 11.46
C TRP J 34 -22.21 35.18 10.91
N ARG J 35 -20.97 35.03 10.46
CA ARG J 35 -20.26 36.17 9.90
C ARG J 35 -21.05 36.73 8.73
N ALA J 36 -21.59 35.84 7.92
CA ALA J 36 -22.38 36.26 6.78
C ALA J 36 -23.66 36.95 7.25
N THR J 37 -24.24 36.45 8.33
CA THR J 37 -25.47 37.04 8.86
C THR J 37 -25.19 38.45 9.36
N PHE J 38 -24.30 38.55 10.32
CA PHE J 38 -23.96 39.85 10.90
C PHE J 38 -23.48 40.85 9.86
N ALA J 39 -22.80 40.37 8.84
CA ALA J 39 -22.30 41.26 7.81
C ALA J 39 -23.47 41.91 7.10
N GLN J 40 -24.56 41.17 6.99
CA GLN J 40 -25.76 41.66 6.33
C GLN J 40 -26.50 42.68 7.18
N VAL J 41 -26.76 42.30 8.42
CA VAL J 41 -27.49 43.18 9.34
C VAL J 41 -26.72 43.41 10.63
N PRO J 42 -25.70 44.28 10.57
CA PRO J 42 -24.91 44.55 11.78
C PRO J 42 -25.78 44.93 12.97
N GLU J 43 -26.97 45.46 12.68
CA GLU J 43 -27.91 45.87 13.71
C GLU J 43 -28.15 44.74 14.71
N SER J 44 -28.30 43.53 14.18
CA SER J 44 -28.59 42.34 14.98
C SER J 44 -27.54 41.93 16.01
N ARG J 45 -26.32 42.42 15.89
CA ARG J 45 -25.31 42.05 16.86
C ARG J 45 -25.79 42.35 18.27
N SER J 46 -26.57 43.42 18.42
CA SER J 46 -27.08 43.83 19.72
C SER J 46 -27.89 42.79 20.47
N LEU J 47 -28.52 41.87 19.76
CA LEU J 47 -29.31 40.83 20.41
C LEU J 47 -28.49 39.76 21.11
N PHE J 48 -27.29 39.52 20.57
CA PHE J 48 -26.43 38.50 21.15
C PHE J 48 -25.36 39.12 22.01
N LYS J 49 -25.69 40.24 22.64
CA LYS J 49 -24.75 40.92 23.51
C LYS J 49 -24.47 40.02 24.70
N ARG J 50 -25.46 39.19 25.03
CA ARG J 50 -25.35 38.29 26.17
C ARG J 50 -24.34 37.18 25.96
N VAL J 51 -24.18 36.77 24.72
CA VAL J 51 -23.26 35.69 24.38
C VAL J 51 -22.15 36.19 23.47
N HIS J 52 -21.47 37.24 23.93
CA HIS J 52 -20.38 37.84 23.19
C HIS J 52 -20.59 37.89 21.67
N GLY J 53 -21.59 38.65 21.25
CA GLY J 53 -21.87 38.79 19.84
C GLY J 53 -20.88 39.77 19.22
N ASP J 54 -20.21 40.52 20.08
CA ASP J 54 -19.24 41.49 19.59
C ASP J 54 -18.07 40.79 18.90
N ASP J 55 -17.63 39.66 19.45
CA ASP J 55 -16.51 38.91 18.87
C ASP J 55 -16.96 37.52 18.48
N THR J 56 -17.29 37.36 17.21
CA THR J 56 -17.74 36.09 16.66
C THR J 56 -16.83 34.89 16.99
N SER J 57 -15.56 35.16 17.31
CA SER J 57 -14.58 34.11 17.63
C SER J 57 -14.44 33.78 19.13
N HIS J 58 -15.24 34.43 19.96
CA HIS J 58 -15.18 34.19 21.40
C HIS J 58 -15.87 32.87 21.74
N PRO J 59 -15.22 32.03 22.53
CA PRO J 59 -15.82 30.75 22.89
C PRO J 59 -17.31 30.80 23.20
N ALA J 60 -17.72 31.78 24.00
CA ALA J 60 -19.12 31.91 24.37
C ALA J 60 -19.98 31.88 23.14
N PHE J 61 -19.61 32.70 22.16
CA PHE J 61 -20.36 32.79 20.92
C PHE J 61 -20.20 31.52 20.09
N ILE J 62 -18.99 30.96 20.08
CA ILE J 62 -18.72 29.73 19.32
C ILE J 62 -19.71 28.70 19.78
N ALA J 63 -19.87 28.63 21.09
CA ALA J 63 -20.81 27.70 21.69
C ALA J 63 -22.16 28.05 21.13
N HIS J 64 -22.59 29.27 21.37
CA HIS J 64 -23.89 29.73 20.89
C HIS J 64 -24.16 29.30 19.46
N ALA J 65 -23.25 29.64 18.56
CA ALA J 65 -23.39 29.27 17.17
C ALA J 65 -23.60 27.78 17.02
N ASP J 66 -22.60 27.01 17.43
CA ASP J 66 -22.66 25.55 17.35
C ASP J 66 -23.98 25.06 17.99
N ARG J 67 -24.50 25.82 18.95
CA ARG J 67 -25.73 25.48 19.66
C ARG J 67 -26.96 25.77 18.81
N VAL J 68 -26.89 26.83 18.03
CA VAL J 68 -27.99 27.23 17.17
C VAL J 68 -28.15 26.23 16.05
N LEU J 69 -27.08 26.00 15.31
CA LEU J 69 -27.11 25.03 14.21
C LEU J 69 -27.73 23.76 14.76
N GLY J 70 -27.41 23.44 16.01
CA GLY J 70 -27.95 22.25 16.63
C GLY J 70 -29.45 22.16 16.45
N GLY J 71 -30.16 23.22 16.82
CA GLY J 71 -31.59 23.22 16.64
C GLY J 71 -31.96 23.06 15.18
N LEU J 72 -31.37 23.88 14.33
CA LEU J 72 -31.62 23.79 12.90
C LEU J 72 -31.46 22.37 12.46
N ASP J 73 -30.52 21.64 13.06
CA ASP J 73 -30.32 20.24 12.71
C ASP J 73 -31.62 19.52 13.02
N ILE J 74 -31.98 19.48 14.30
CA ILE J 74 -33.21 18.82 14.69
C ILE J 74 -34.35 19.15 13.74
N ALA J 75 -34.50 20.43 13.42
CA ALA J 75 -35.55 20.87 12.51
C ALA J 75 -35.45 20.11 11.20
N ILE J 76 -34.41 20.41 10.44
CA ILE J 76 -34.20 19.75 9.17
C ILE J 76 -34.27 18.23 9.29
N SER J 77 -33.52 17.66 10.23
CA SER J 77 -33.48 16.23 10.43
C SER J 77 -34.83 15.58 10.71
N THR J 78 -35.89 16.38 10.72
CA THR J 78 -37.22 15.82 10.97
C THR J 78 -38.27 16.37 10.04
N LEU J 79 -37.84 16.88 8.88
CA LEU J 79 -38.79 17.42 7.93
C LEU J 79 -39.66 16.29 7.37
N ASP J 80 -39.32 15.05 7.73
CA ASP J 80 -40.07 13.90 7.27
C ASP J 80 -40.91 13.29 8.40
N GLN J 81 -41.08 14.05 9.48
CA GLN J 81 -41.85 13.60 10.62
C GLN J 81 -42.58 14.81 11.17
N PRO J 82 -43.53 15.34 10.39
CA PRO J 82 -44.31 16.52 10.78
C PRO J 82 -44.66 16.54 12.25
N ALA J 83 -45.10 15.41 12.76
CA ALA J 83 -45.47 15.30 14.15
C ALA J 83 -44.40 15.87 15.08
N THR J 84 -43.21 15.28 15.00
CA THR J 84 -42.09 15.68 15.83
C THR J 84 -41.59 17.07 15.50
N LEU J 85 -41.25 17.31 14.24
CA LEU J 85 -40.77 18.60 13.81
C LEU J 85 -41.62 19.68 14.45
N LYS J 86 -42.92 19.56 14.25
CA LYS J 86 -43.89 20.49 14.82
C LYS J 86 -43.44 20.87 16.21
N GLU J 87 -43.23 19.86 17.03
CA GLU J 87 -42.83 20.07 18.41
C GLU J 87 -41.55 20.87 18.52
N GLU J 88 -40.48 20.39 17.91
CA GLU J 88 -39.19 21.10 17.99
C GLU J 88 -39.36 22.56 17.59
N LEU J 89 -39.99 22.79 16.44
CA LEU J 89 -40.19 24.15 15.99
C LEU J 89 -40.90 24.93 17.09
N ASP J 90 -42.02 24.39 17.57
CA ASP J 90 -42.78 25.06 18.62
C ASP J 90 -41.88 25.39 19.80
N HIS J 91 -41.05 24.44 20.19
CA HIS J 91 -40.14 24.62 21.31
C HIS J 91 -39.28 25.84 21.04
N LEU J 92 -38.68 25.86 19.85
CA LEU J 92 -37.83 26.99 19.49
C LEU J 92 -38.64 28.27 19.54
N GLN J 93 -39.79 28.23 18.88
CA GLN J 93 -40.68 29.38 18.82
C GLN J 93 -40.70 30.10 20.15
N VAL J 94 -40.83 29.33 21.22
CA VAL J 94 -40.86 29.88 22.56
C VAL J 94 -39.55 30.57 22.97
N GLN J 95 -38.44 29.86 22.83
CA GLN J 95 -37.16 30.40 23.20
C GLN J 95 -36.88 31.71 22.47
N HIS J 96 -37.68 32.00 21.44
CA HIS J 96 -37.48 33.23 20.66
C HIS J 96 -38.54 34.33 20.84
N GLU J 97 -39.81 33.96 20.96
CA GLU J 97 -40.84 34.97 21.15
C GLU J 97 -40.44 35.79 22.37
N GLY J 98 -40.69 37.09 22.31
CA GLY J 98 -40.30 37.94 23.41
C GLY J 98 -39.17 38.84 22.95
N ARG J 99 -38.27 38.26 22.19
CA ARG J 99 -37.15 39.03 21.67
C ARG J 99 -37.67 39.71 20.41
N LYS J 100 -37.43 41.02 20.32
CA LYS J 100 -37.90 41.77 19.16
C LYS J 100 -37.15 41.40 17.89
N ILE J 101 -37.33 40.16 17.42
CA ILE J 101 -36.65 39.75 16.21
C ILE J 101 -37.51 39.96 14.98
N PRO J 102 -37.15 40.95 14.16
CA PRO J 102 -37.88 41.29 12.94
C PRO J 102 -37.70 40.25 11.84
N ASP J 103 -38.73 40.04 11.02
CA ASP J 103 -38.64 39.08 9.94
C ASP J 103 -37.44 39.45 9.05
N ASN J 104 -36.95 40.66 9.26
CA ASN J 104 -35.82 41.18 8.53
C ASN J 104 -34.58 40.33 8.80
N TYR J 105 -34.30 40.06 10.06
CA TYR J 105 -33.14 39.26 10.44
C TYR J 105 -33.22 37.83 9.94
N PHE J 106 -34.32 37.14 10.25
CA PHE J 106 -34.47 35.76 9.81
C PHE J 106 -34.12 35.66 8.35
N ASP J 107 -34.56 36.65 7.58
CA ASP J 107 -34.30 36.66 6.14
C ASP J 107 -32.79 36.59 5.90
N ALA J 108 -32.05 37.47 6.55
CA ALA J 108 -30.60 37.50 6.39
C ALA J 108 -29.96 36.17 6.80
N PHE J 109 -30.37 35.67 7.96
CA PHE J 109 -29.84 34.42 8.46
C PHE J 109 -30.07 33.29 7.46
N LYS J 110 -31.19 33.31 6.76
CA LYS J 110 -31.48 32.27 5.79
C LYS J 110 -30.46 32.43 4.68
N THR J 111 -30.41 33.63 4.14
CA THR J 111 -29.47 33.91 3.06
C THR J 111 -28.11 33.41 3.48
N ALA J 112 -27.66 33.79 4.67
CA ALA J 112 -26.36 33.36 5.16
C ALA J 112 -26.24 31.84 4.97
N ILE J 113 -27.08 31.09 5.67
CA ILE J 113 -27.07 29.64 5.59
C ILE J 113 -26.95 29.21 4.16
N LEU J 114 -27.87 29.65 3.32
CA LEU J 114 -27.83 29.26 1.91
C LEU J 114 -26.48 29.49 1.24
N HIS J 115 -25.95 30.71 1.34
CA HIS J 115 -24.67 31.00 0.71
C HIS J 115 -23.57 30.11 1.22
N VAL J 116 -23.49 29.94 2.53
CA VAL J 116 -22.45 29.07 3.08
C VAL J 116 -22.66 27.63 2.60
N VAL J 117 -23.85 27.08 2.79
CA VAL J 117 -24.13 25.72 2.36
C VAL J 117 -23.69 25.55 0.91
N ALA J 118 -24.07 26.49 0.05
CA ALA J 118 -23.70 26.40 -1.35
C ALA J 118 -22.20 26.36 -1.49
N ALA J 119 -21.50 27.16 -0.70
CA ALA J 119 -20.06 27.20 -0.76
C ALA J 119 -19.49 25.88 -0.31
N GLN J 120 -20.14 25.26 0.65
CA GLN J 120 -19.66 23.99 1.17
C GLN J 120 -19.96 22.77 0.31
N LEU J 121 -21.11 22.74 -0.34
CA LEU J 121 -21.47 21.59 -1.16
C LEU J 121 -20.93 21.60 -2.57
N GLY J 122 -20.30 22.69 -2.95
CA GLY J 122 -19.75 22.77 -4.29
C GLY J 122 -20.77 22.78 -5.43
N ARG J 123 -21.14 21.59 -5.90
CA ARG J 123 -22.07 21.47 -7.03
C ARG J 123 -23.44 20.86 -6.80
N CYS J 124 -23.49 19.79 -6.00
CA CYS J 124 -24.74 19.13 -5.75
C CYS J 124 -25.52 19.82 -4.66
N TYR J 125 -26.38 20.76 -5.06
CA TYR J 125 -27.19 21.53 -4.13
C TYR J 125 -28.32 22.27 -4.84
N ASP J 126 -29.56 21.98 -4.43
CA ASP J 126 -30.74 22.61 -5.02
C ASP J 126 -31.08 23.82 -4.20
N ARG J 127 -30.99 25.00 -4.80
CA ARG J 127 -31.27 26.23 -4.07
C ARG J 127 -32.73 26.33 -3.66
N GLU J 128 -33.63 26.35 -4.64
CA GLU J 128 -35.06 26.46 -4.38
C GLU J 128 -35.47 25.60 -3.19
N ALA J 129 -35.09 24.33 -3.23
CA ALA J 129 -35.42 23.36 -2.18
C ALA J 129 -35.06 23.84 -0.80
N TRP J 130 -33.79 24.23 -0.61
CA TRP J 130 -33.36 24.73 0.68
C TRP J 130 -34.18 25.94 1.04
N ASP J 131 -34.21 26.92 0.15
CA ASP J 131 -34.97 28.14 0.39
C ASP J 131 -36.33 27.76 0.95
N ALA J 132 -37.04 26.92 0.23
CA ALA J 132 -38.36 26.49 0.66
C ALA J 132 -38.39 25.91 2.07
N CYS J 133 -37.49 25.00 2.38
CA CYS J 133 -37.47 24.37 3.68
C CYS J 133 -36.95 25.23 4.80
N ILE J 134 -35.86 25.95 4.56
CA ILE J 134 -35.35 26.81 5.61
C ILE J 134 -36.48 27.74 5.98
N ASP J 135 -37.26 28.12 4.96
CA ASP J 135 -38.39 29.01 5.15
C ASP J 135 -39.37 28.31 6.09
N HIS J 136 -39.91 27.18 5.67
CA HIS J 136 -40.87 26.47 6.48
C HIS J 136 -40.40 26.33 7.91
N ILE J 137 -39.09 26.12 8.11
CA ILE J 137 -38.56 25.96 9.44
C ILE J 137 -38.60 27.29 10.18
N GLU J 138 -38.25 28.35 9.50
CA GLU J 138 -38.26 29.66 10.12
C GLU J 138 -39.67 30.07 10.47
N ASP J 139 -40.60 29.83 9.56
CA ASP J 139 -41.99 30.19 9.82
C ASP J 139 -42.38 29.56 11.14
N GLY J 140 -42.06 28.28 11.29
CA GLY J 140 -42.39 27.59 12.52
C GLY J 140 -41.79 28.20 13.76
N ILE J 141 -40.83 29.09 13.60
CA ILE J 141 -40.19 29.72 14.74
C ILE J 141 -40.73 31.12 15.00
N LYS J 142 -41.20 31.77 13.94
CA LYS J 142 -41.74 33.11 14.08
C LYS J 142 -43.21 33.03 14.42
N GLY J 143 -43.93 32.23 13.63
CA GLY J 143 -45.37 32.07 13.79
C GLY J 143 -46.07 32.66 12.57
N HIS J 144 -45.36 33.58 11.91
CA HIS J 144 -45.80 34.28 10.71
C HIS J 144 -45.68 33.43 9.45
N HIS J 145 -45.48 34.10 8.31
CA HIS J 145 -45.33 33.45 7.00
C HIS J 145 -44.00 33.79 6.30
N HIS K 3 -5.32 14.66 37.53
CA HIS K 3 -6.60 15.43 37.40
C HIS K 3 -6.68 16.16 36.05
N GLU K 4 -5.56 16.27 35.35
CA GLU K 4 -5.50 16.92 34.03
C GLU K 4 -5.25 15.92 32.91
N HIS K 5 -5.16 14.65 33.27
CA HIS K 5 -4.92 13.58 32.32
C HIS K 5 -6.23 12.88 31.97
N CYS K 6 -7.33 13.44 32.45
CA CYS K 6 -8.64 12.88 32.18
C CYS K 6 -9.18 13.44 30.87
N CYS K 7 -9.56 12.54 29.97
CA CYS K 7 -10.09 12.94 28.68
C CYS K 7 -9.08 13.86 28.00
N SER K 8 -7.96 13.27 27.61
CA SER K 8 -6.86 13.96 26.93
C SER K 8 -7.12 14.04 25.43
N GLU K 9 -6.24 14.72 24.72
CA GLU K 9 -6.40 14.86 23.28
C GLU K 9 -6.66 13.50 22.62
N GLU K 10 -5.76 12.54 22.85
CA GLU K 10 -5.96 11.23 22.25
C GLU K 10 -7.29 10.69 22.73
N ASP K 11 -7.50 10.74 24.05
CA ASP K 11 -8.73 10.25 24.64
C ASP K 11 -9.95 10.68 23.82
N HIS K 12 -10.23 11.98 23.79
CA HIS K 12 -11.39 12.43 23.05
C HIS K 12 -11.26 12.27 21.55
N ARG K 13 -10.04 12.38 21.03
CA ARG K 13 -9.90 12.21 19.59
C ARG K 13 -10.56 10.86 19.31
N ILE K 14 -10.36 9.92 20.23
CA ILE K 14 -10.92 8.59 20.09
C ILE K 14 -12.43 8.66 20.20
N VAL K 15 -12.91 9.18 21.32
CA VAL K 15 -14.33 9.28 21.53
C VAL K 15 -14.99 9.85 20.28
N GLN K 16 -14.52 11.01 19.84
CA GLN K 16 -15.07 11.65 18.66
C GLN K 16 -15.16 10.71 17.47
N LYS K 17 -14.06 10.02 17.18
CA LYS K 17 -14.03 9.10 16.05
C LYS K 17 -15.09 8.00 16.19
N GLN K 18 -15.16 7.41 17.38
CA GLN K 18 -16.10 6.33 17.65
C GLN K 18 -17.55 6.79 17.64
N TRP K 19 -17.80 8.00 18.09
CA TRP K 19 -19.16 8.53 18.15
C TRP K 19 -19.64 8.82 16.76
N ASP K 20 -18.72 8.94 15.82
CA ASP K 20 -19.10 9.23 14.44
C ASP K 20 -19.55 7.97 13.68
N ILE K 21 -19.10 6.80 14.11
CA ILE K 21 -19.49 5.56 13.46
C ILE K 21 -21.01 5.55 13.36
N LEU K 22 -21.66 6.24 14.29
CA LEU K 22 -23.11 6.31 14.35
C LEU K 22 -23.81 7.08 13.23
N TRP K 23 -23.39 8.31 13.01
CA TRP K 23 -24.03 9.16 12.00
C TRP K 23 -23.57 8.96 10.55
N ARG K 24 -23.24 7.73 10.18
CA ARG K 24 -22.82 7.47 8.81
C ARG K 24 -24.02 7.52 7.87
N ASP K 25 -25.17 7.06 8.33
CA ASP K 25 -26.36 7.07 7.47
C ASP K 25 -27.26 8.26 7.75
N THR K 26 -27.85 8.80 6.68
CA THR K 26 -28.71 9.97 6.76
C THR K 26 -29.87 9.91 7.74
N GLU K 27 -30.30 8.72 8.16
CA GLU K 27 -31.43 8.63 9.07
C GLU K 27 -31.01 8.77 10.53
N SER K 28 -30.22 9.81 10.81
CA SER K 28 -29.74 10.08 12.16
C SER K 28 -30.90 10.24 13.13
N SER K 29 -31.94 10.93 12.68
CA SER K 29 -33.11 11.16 13.51
C SER K 29 -33.63 9.88 14.12
N LYS K 30 -33.96 8.91 13.27
CA LYS K 30 -34.47 7.63 13.72
C LYS K 30 -33.55 7.03 14.80
N ILE K 31 -32.25 7.16 14.61
CA ILE K 31 -31.28 6.63 15.55
C ILE K 31 -31.26 7.48 16.80
N LYS K 32 -30.76 8.71 16.71
CA LYS K 32 -30.71 9.60 17.86
C LYS K 32 -31.94 9.44 18.73
N ILE K 33 -33.12 9.48 18.11
CA ILE K 33 -34.38 9.33 18.85
C ILE K 33 -34.42 7.99 19.57
N GLY K 34 -34.50 6.91 18.79
CA GLY K 34 -34.54 5.60 19.39
C GLY K 34 -33.52 5.42 20.52
N PHE K 35 -32.26 5.80 20.26
CA PHE K 35 -31.22 5.66 21.25
C PHE K 35 -31.49 6.55 22.46
N GLY K 36 -31.71 7.84 22.22
CA GLY K 36 -31.97 8.76 23.32
C GLY K 36 -33.22 8.36 24.07
N ARG K 37 -34.20 7.85 23.33
CA ARG K 37 -35.46 7.41 23.91
C ARG K 37 -35.12 6.32 24.91
N LEU K 38 -34.48 5.27 24.42
CA LEU K 38 -34.08 4.16 25.28
C LEU K 38 -33.27 4.64 26.49
N LEU K 39 -32.27 5.47 26.25
CA LEU K 39 -31.44 5.97 27.35
C LEU K 39 -32.24 6.61 28.46
N LEU K 40 -33.19 7.48 28.12
CA LEU K 40 -34.00 8.12 29.14
C LEU K 40 -34.93 7.12 29.80
N THR K 41 -35.56 6.25 29.00
CA THR K 41 -36.44 5.23 29.52
C THR K 41 -35.73 4.42 30.58
N LYS K 42 -34.63 3.79 30.20
CA LYS K 42 -33.82 2.99 31.12
C LYS K 42 -33.40 3.78 32.34
N LEU K 43 -33.53 5.10 32.29
CA LEU K 43 -33.19 5.91 33.45
C LEU K 43 -34.39 5.89 34.36
N ALA K 44 -35.56 6.22 33.81
CA ALA K 44 -36.80 6.24 34.58
C ALA K 44 -37.08 4.85 35.17
N LYS K 45 -36.55 3.83 34.52
CA LYS K 45 -36.71 2.45 34.97
C LYS K 45 -36.00 2.27 36.31
N ASP K 46 -34.74 2.69 36.38
CA ASP K 46 -33.96 2.55 37.59
C ASP K 46 -34.24 3.62 38.65
N ILE K 47 -34.78 4.75 38.24
CA ILE K 47 -35.11 5.83 39.17
C ILE K 47 -36.36 6.53 38.65
N PRO K 48 -37.53 6.15 39.20
CA PRO K 48 -38.84 6.69 38.84
C PRO K 48 -39.12 8.16 39.14
N GLU K 49 -38.52 8.68 40.20
CA GLU K 49 -38.77 10.08 40.53
C GLU K 49 -38.42 10.93 39.32
N VAL K 50 -37.88 10.29 38.30
CA VAL K 50 -37.50 10.94 37.04
C VAL K 50 -38.74 11.14 36.17
N ASN K 51 -39.56 10.10 36.07
CA ASN K 51 -40.77 10.15 35.28
C ASN K 51 -41.53 11.46 35.48
N ASP K 52 -41.49 12.00 36.69
CA ASP K 52 -42.20 13.24 36.98
C ASP K 52 -41.49 14.47 36.41
N LEU K 53 -40.18 14.37 36.25
CA LEU K 53 -39.40 15.47 35.71
C LEU K 53 -39.65 15.60 34.22
N PHE K 54 -39.66 14.46 33.54
CA PHE K 54 -39.87 14.41 32.10
C PHE K 54 -41.35 14.37 31.76
N LYS K 55 -42.17 14.61 32.77
CA LYS K 55 -43.62 14.62 32.61
C LYS K 55 -43.96 15.71 31.60
N ARG K 56 -43.33 16.86 31.77
CA ARG K 56 -43.52 18.03 30.93
C ARG K 56 -43.38 17.72 29.45
N VAL K 57 -42.55 16.74 29.11
CA VAL K 57 -42.33 16.37 27.71
C VAL K 57 -43.03 15.09 27.33
N ASP K 58 -44.09 14.76 28.07
CA ASP K 58 -44.88 13.56 27.78
C ASP K 58 -44.02 12.31 27.64
N ILE K 59 -43.21 12.04 28.66
CA ILE K 59 -42.35 10.87 28.65
C ILE K 59 -43.22 9.64 28.71
N GLU K 60 -44.46 9.85 29.14
CA GLU K 60 -45.40 8.77 29.26
C GLU K 60 -45.56 8.09 27.89
N HIS K 61 -45.46 8.89 26.83
CA HIS K 61 -45.57 8.36 25.47
C HIS K 61 -44.22 8.39 24.82
N ALA K 62 -43.44 7.35 25.06
CA ALA K 62 -42.10 7.27 24.50
C ALA K 62 -42.02 7.61 23.02
N GLU K 63 -42.95 7.07 22.23
CA GLU K 63 -42.98 7.30 20.78
C GLU K 63 -43.71 8.60 20.42
N GLY K 64 -44.30 9.23 21.42
CA GLY K 64 -45.02 10.48 21.20
C GLY K 64 -44.09 11.58 20.76
N PRO K 65 -44.43 12.28 19.67
CA PRO K 65 -43.57 13.35 19.19
C PRO K 65 -43.05 14.24 20.32
N LYS K 66 -43.94 14.62 21.24
CA LYS K 66 -43.55 15.46 22.36
C LYS K 66 -42.23 14.99 22.95
N PHE K 67 -42.13 13.71 23.22
CA PHE K 67 -40.93 13.13 23.80
C PHE K 67 -39.85 12.90 22.75
N SER K 68 -40.23 12.37 21.59
CA SER K 68 -39.26 12.12 20.52
C SER K 68 -38.43 13.37 20.27
N ALA K 69 -39.08 14.53 20.24
CA ALA K 69 -38.38 15.79 20.04
C ALA K 69 -37.35 15.90 21.15
N HIS K 70 -37.82 15.80 22.39
CA HIS K 70 -36.95 15.88 23.54
C HIS K 70 -35.76 14.93 23.38
N ALA K 71 -36.06 13.68 23.09
CA ALA K 71 -35.03 12.66 22.91
C ALA K 71 -33.91 13.26 22.08
N LEU K 72 -34.28 13.97 21.02
CA LEU K 72 -33.29 14.59 20.17
C LEU K 72 -32.54 15.66 20.93
N ARG K 73 -33.24 16.71 21.33
CA ARG K 73 -32.61 17.79 22.07
C ARG K 73 -31.51 17.32 23.01
N ILE K 74 -31.82 16.36 23.88
CA ILE K 74 -30.83 15.85 24.82
C ILE K 74 -29.70 15.14 24.10
N LEU K 75 -30.04 14.05 23.44
CA LEU K 75 -29.07 13.27 22.69
C LEU K 75 -28.21 14.21 21.83
N ASN K 76 -28.85 15.22 21.23
CA ASN K 76 -28.17 16.17 20.37
C ASN K 76 -27.27 17.09 21.17
N GLY K 77 -27.62 17.30 22.44
CA GLY K 77 -26.81 18.14 23.28
C GLY K 77 -25.54 17.37 23.57
N LEU K 78 -25.67 16.09 23.84
CA LEU K 78 -24.52 15.26 24.11
C LEU K 78 -23.61 15.37 22.91
N ASP K 79 -24.20 15.43 21.71
CA ASP K 79 -23.40 15.57 20.48
C ASP K 79 -22.56 16.84 20.62
N LEU K 80 -23.24 17.97 20.81
CA LEU K 80 -22.56 19.23 20.97
C LEU K 80 -21.39 19.08 21.92
N ALA K 81 -21.63 18.51 23.09
CA ALA K 81 -20.58 18.32 24.07
C ALA K 81 -19.40 17.61 23.45
N ILE K 82 -19.64 16.43 22.89
CA ILE K 82 -18.60 15.67 22.26
C ILE K 82 -17.89 16.44 21.16
N ASN K 83 -18.64 17.04 20.25
CA ASN K 83 -18.03 17.82 19.16
C ASN K 83 -17.26 19.08 19.56
N LEU K 84 -17.31 19.46 20.83
CA LEU K 84 -16.59 20.63 21.26
C LEU K 84 -15.47 20.19 22.18
N LEU K 85 -15.27 18.89 22.27
CA LEU K 85 -14.23 18.36 23.13
C LEU K 85 -12.85 18.91 22.76
N ASP K 86 -12.68 19.31 21.50
CA ASP K 86 -11.40 19.85 21.09
C ASP K 86 -11.42 21.37 21.05
N ASP K 87 -11.71 21.98 22.20
CA ASP K 87 -11.77 23.44 22.37
C ASP K 87 -12.33 23.66 23.76
N PRO K 88 -11.57 23.26 24.79
CA PRO K 88 -11.97 23.40 26.18
C PRO K 88 -12.77 24.64 26.58
N PRO K 89 -12.30 25.85 26.23
CA PRO K 89 -13.04 27.05 26.60
C PRO K 89 -14.47 27.07 26.07
N ALA K 90 -14.63 26.67 24.81
CA ALA K 90 -15.94 26.62 24.17
C ALA K 90 -16.76 25.56 24.85
N LEU K 91 -16.23 24.34 24.88
CA LEU K 91 -16.91 23.24 25.50
C LEU K 91 -17.35 23.64 26.88
N ASP K 92 -16.43 24.25 27.63
CA ASP K 92 -16.73 24.70 28.97
C ASP K 92 -18.01 25.54 28.91
N ALA K 93 -17.94 26.66 28.22
CA ALA K 93 -19.10 27.54 28.09
C ALA K 93 -20.34 26.75 27.71
N ALA K 94 -20.23 25.95 26.66
CA ALA K 94 -21.34 25.16 26.15
C ALA K 94 -21.99 24.33 27.23
N LEU K 95 -21.17 23.73 28.10
CA LEU K 95 -21.67 22.91 29.18
C LEU K 95 -22.24 23.74 30.32
N ASP K 96 -21.54 24.81 30.69
CA ASP K 96 -22.01 25.67 31.77
C ASP K 96 -23.44 26.04 31.46
N HIS K 97 -23.67 26.39 30.21
CA HIS K 97 -25.00 26.76 29.76
C HIS K 97 -25.95 25.61 30.06
N LEU K 98 -25.54 24.38 29.78
CA LEU K 98 -26.38 23.23 30.04
C LEU K 98 -26.65 23.09 31.53
N ALA K 99 -25.71 23.54 32.35
CA ALA K 99 -25.88 23.45 33.78
C ALA K 99 -27.08 24.30 34.16
N HIS K 100 -27.05 25.55 33.74
CA HIS K 100 -28.13 26.48 34.02
C HIS K 100 -29.48 25.97 33.53
N GLN K 101 -29.50 25.29 32.39
CA GLN K 101 -30.77 24.79 31.86
C GLN K 101 -31.31 23.65 32.71
N HIS K 102 -30.47 23.12 33.58
CA HIS K 102 -30.88 22.04 34.46
C HIS K 102 -31.06 22.54 35.88
N GLU K 103 -30.39 23.63 36.21
CA GLU K 103 -30.48 24.21 37.54
C GLU K 103 -31.91 24.61 37.88
N VAL K 104 -32.55 25.31 36.95
CA VAL K 104 -33.92 25.78 37.16
C VAL K 104 -34.98 24.70 37.00
N ARG K 105 -34.54 23.46 36.87
CA ARG K 105 -35.49 22.36 36.75
C ARG K 105 -35.40 21.58 38.05
N GLU K 106 -36.16 22.01 39.06
CA GLU K 106 -36.12 21.33 40.35
C GLU K 106 -36.56 19.88 40.26
N GLY K 107 -35.94 19.04 41.09
CA GLY K 107 -36.26 17.62 41.08
C GLY K 107 -35.07 16.86 40.56
N VAL K 108 -34.31 17.50 39.69
CA VAL K 108 -33.12 16.92 39.10
C VAL K 108 -31.95 17.00 40.06
N GLN K 109 -31.52 15.85 40.56
CA GLN K 109 -30.41 15.80 41.50
C GLN K 109 -29.21 15.07 40.91
N LYS K 110 -28.04 15.32 41.48
CA LYS K 110 -26.81 14.70 41.00
C LYS K 110 -26.89 13.20 40.76
N ALA K 111 -27.33 12.46 41.77
CA ALA K 111 -27.44 11.01 41.68
C ALA K 111 -28.05 10.55 40.35
N HIS K 112 -28.86 11.42 39.74
CA HIS K 112 -29.50 11.11 38.47
C HIS K 112 -28.45 10.98 37.39
N PHE K 113 -27.57 11.96 37.30
CA PHE K 113 -26.52 11.94 36.31
C PHE K 113 -25.61 10.76 36.52
N LYS K 114 -25.17 10.55 37.75
CA LYS K 114 -24.29 9.43 38.02
C LYS K 114 -24.88 8.18 37.38
N LYS K 115 -26.18 7.98 37.58
CA LYS K 115 -26.85 6.82 37.02
C LYS K 115 -26.88 6.87 35.50
N PHE K 116 -27.34 7.99 34.96
CA PHE K 116 -27.41 8.15 33.52
C PHE K 116 -26.07 7.83 32.91
N GLY K 117 -25.01 8.17 33.63
CA GLY K 117 -23.67 7.91 33.14
C GLY K 117 -23.43 6.42 33.01
N GLU K 118 -23.72 5.70 34.08
CA GLU K 118 -23.55 4.26 34.08
C GLU K 118 -24.36 3.64 32.95
N ILE K 119 -25.55 4.16 32.73
CA ILE K 119 -26.44 3.64 31.69
C ILE K 119 -25.85 3.88 30.30
N LEU K 120 -25.39 5.11 30.10
CA LEU K 120 -24.82 5.53 28.84
C LEU K 120 -23.60 4.70 28.52
N ALA K 121 -22.85 4.36 29.55
CA ALA K 121 -21.64 3.58 29.39
C ALA K 121 -21.92 2.14 29.05
N THR K 122 -23.11 1.67 29.41
CA THR K 122 -23.47 0.29 29.14
C THR K 122 -24.18 0.22 27.80
N GLY K 123 -24.70 1.36 27.37
CA GLY K 123 -25.42 1.40 26.12
C GLY K 123 -24.56 1.60 24.89
N LEU K 124 -23.70 2.62 24.90
CA LEU K 124 -22.85 2.91 23.75
C LEU K 124 -22.23 1.66 23.12
N PRO K 125 -21.50 0.87 23.92
CA PRO K 125 -20.86 -0.34 23.41
C PRO K 125 -21.80 -1.34 22.77
N GLN K 126 -23.10 -1.05 22.81
CA GLN K 126 -24.08 -1.96 22.22
C GLN K 126 -24.40 -1.56 20.81
N VAL K 127 -24.12 -0.29 20.46
CA VAL K 127 -24.38 0.20 19.12
C VAL K 127 -23.08 0.46 18.37
N LEU K 128 -21.99 0.62 19.10
CA LEU K 128 -20.71 0.85 18.48
C LEU K 128 -19.84 -0.40 18.59
N ASP K 129 -19.41 -0.95 17.47
CA ASP K 129 -18.57 -2.14 17.51
C ASP K 129 -17.21 -1.79 18.08
N ASP K 130 -16.72 -0.58 17.79
CA ASP K 130 -15.43 -0.15 18.30
C ASP K 130 -15.66 0.85 19.42
N TYR K 131 -15.44 0.41 20.65
CA TYR K 131 -15.65 1.24 21.82
C TYR K 131 -14.46 1.14 22.76
N ASP K 132 -13.98 2.28 23.25
CA ASP K 132 -12.85 2.29 24.17
C ASP K 132 -13.35 2.78 25.51
N ALA K 133 -13.87 1.87 26.31
CA ALA K 133 -14.42 2.19 27.63
C ALA K 133 -13.62 3.21 28.40
N LEU K 134 -12.31 3.01 28.48
CA LEU K 134 -11.47 3.92 29.23
C LEU K 134 -11.56 5.35 28.75
N ALA K 135 -11.38 5.56 27.45
CA ALA K 135 -11.45 6.91 26.90
C ALA K 135 -12.80 7.53 27.18
N TRP K 136 -13.87 6.82 26.82
CA TRP K 136 -15.20 7.35 27.02
C TRP K 136 -15.52 7.71 28.45
N LYS K 137 -15.34 6.76 29.37
CA LYS K 137 -15.64 7.03 30.76
C LYS K 137 -14.95 8.31 31.18
N SER K 138 -13.68 8.45 30.81
CA SER K 138 -12.92 9.65 31.13
C SER K 138 -13.63 10.92 30.68
N CYS K 139 -14.04 10.96 29.42
CA CYS K 139 -14.72 12.12 28.86
C CYS K 139 -16.15 12.30 29.35
N LEU K 140 -16.93 11.25 29.31
CA LEU K 140 -18.31 11.36 29.76
C LEU K 140 -18.36 11.91 31.17
N LYS K 141 -17.41 11.50 32.01
CA LYS K 141 -17.37 11.98 33.39
C LYS K 141 -17.27 13.50 33.38
N GLY K 142 -16.20 14.00 32.76
CA GLY K 142 -16.00 15.44 32.71
C GLY K 142 -17.25 16.18 32.25
N ILE K 143 -17.94 15.62 31.27
CA ILE K 143 -19.13 16.25 30.73
C ILE K 143 -20.28 16.23 31.72
N LEU K 144 -20.72 15.04 32.08
CA LEU K 144 -21.81 14.88 33.02
C LEU K 144 -21.62 15.73 34.26
N THR K 145 -20.41 15.72 34.81
CA THR K 145 -20.14 16.50 36.00
C THR K 145 -20.41 17.99 35.79
N LYS K 146 -19.71 18.58 34.83
CA LYS K 146 -19.85 20.00 34.54
C LYS K 146 -21.29 20.39 34.27
N ILE K 147 -22.10 19.46 33.77
CA ILE K 147 -23.51 19.76 33.46
C ILE K 147 -24.36 19.83 34.71
N SER K 148 -24.06 19.00 35.68
CA SER K 148 -24.83 18.96 36.90
C SER K 148 -24.24 19.77 38.03
N SER K 149 -23.14 20.44 37.78
CA SER K 149 -22.49 21.24 38.81
C SER K 149 -23.35 22.37 39.40
N ARG K 150 -24.66 22.27 39.22
CA ARG K 150 -25.58 23.27 39.75
C ARG K 150 -26.89 22.59 40.11
N LEU K 151 -27.05 22.16 41.37
CA LEU K 151 -28.28 21.47 41.80
C LEU K 151 -28.57 21.51 43.32
N GLU L 1 -34.01 -12.40 22.07
CA GLU L 1 -34.85 -11.16 22.05
C GLU L 1 -34.05 -9.99 21.48
N CYS L 2 -34.55 -9.44 20.37
CA CYS L 2 -33.89 -8.33 19.71
C CYS L 2 -34.60 -7.00 19.95
N LEU L 3 -34.09 -6.25 20.92
CA LEU L 3 -34.65 -4.95 21.28
C LEU L 3 -34.28 -3.85 20.28
N VAL L 4 -34.00 -2.65 20.79
CA VAL L 4 -33.67 -1.50 19.94
C VAL L 4 -32.21 -1.39 19.54
N THR L 5 -31.31 -1.49 20.52
CA THR L 5 -29.88 -1.38 20.22
C THR L 5 -29.39 -2.63 19.51
N GLU L 6 -29.72 -3.79 20.06
CA GLU L 6 -29.31 -5.06 19.48
C GLU L 6 -29.64 -5.13 18.00
N SER L 7 -30.50 -4.23 17.53
CA SER L 7 -30.88 -4.21 16.12
C SER L 7 -29.93 -3.29 15.41
N LEU L 8 -29.97 -2.01 15.79
CA LEU L 8 -29.11 -0.99 15.21
C LEU L 8 -27.71 -1.53 15.01
N LYS L 9 -27.27 -2.31 15.99
CA LYS L 9 -25.93 -2.91 15.94
C LYS L 9 -25.82 -3.81 14.72
N VAL L 10 -26.82 -4.65 14.52
CA VAL L 10 -26.81 -5.53 13.38
C VAL L 10 -27.01 -4.73 12.10
N LYS L 11 -27.99 -3.83 12.10
CA LYS L 11 -28.27 -3.00 10.93
C LYS L 11 -26.99 -2.36 10.47
N LEU L 12 -26.21 -1.89 11.43
CA LEU L 12 -24.93 -1.23 11.16
C LEU L 12 -23.86 -2.19 10.66
N GLN L 13 -23.59 -3.25 11.42
CA GLN L 13 -22.59 -4.23 11.03
C GLN L 13 -22.92 -4.87 9.68
N TRP L 14 -24.20 -5.11 9.42
CA TRP L 14 -24.59 -5.71 8.16
C TRP L 14 -24.04 -4.85 7.05
N ALA L 15 -24.15 -3.54 7.22
CA ALA L 15 -23.67 -2.60 6.23
C ALA L 15 -22.22 -2.87 5.85
N SER L 16 -21.32 -2.78 6.82
CA SER L 16 -19.90 -3.00 6.58
C SER L 16 -19.60 -4.36 5.99
N ALA L 17 -20.20 -5.39 6.55
CA ALA L 17 -19.98 -6.76 6.09
C ALA L 17 -20.47 -7.06 4.68
N PHE L 18 -21.77 -6.87 4.46
CA PHE L 18 -22.38 -7.12 3.16
C PHE L 18 -21.62 -6.37 2.10
N GLY L 19 -21.65 -5.04 2.20
CA GLY L 19 -20.94 -4.21 1.25
C GLY L 19 -21.75 -3.72 0.08
N HIS L 20 -21.07 -3.46 -1.04
CA HIS L 20 -21.71 -2.97 -2.24
C HIS L 20 -21.18 -3.63 -3.52
N ALA L 21 -22.04 -3.68 -4.53
CA ALA L 21 -21.70 -4.26 -5.83
C ALA L 21 -21.05 -5.63 -5.72
N HIS L 22 -19.98 -5.83 -6.47
CA HIS L 22 -19.26 -7.10 -6.48
C HIS L 22 -18.96 -7.63 -5.09
N GLU L 23 -18.51 -6.76 -4.20
CA GLU L 23 -18.19 -7.15 -2.82
C GLU L 23 -19.26 -8.09 -2.22
N ARG L 24 -20.50 -7.94 -2.68
CA ARG L 24 -21.61 -8.74 -2.24
C ARG L 24 -21.60 -10.11 -2.85
N VAL L 25 -21.59 -10.17 -4.19
CA VAL L 25 -21.58 -11.44 -4.88
C VAL L 25 -20.55 -12.34 -4.23
N ALA L 26 -19.40 -11.75 -3.91
CA ALA L 26 -18.29 -12.45 -3.26
C ALA L 26 -18.77 -13.02 -1.95
N PHE L 27 -19.48 -12.20 -1.19
CA PHE L 27 -20.01 -12.61 0.10
C PHE L 27 -20.97 -13.76 -0.12
N GLY L 28 -22.02 -13.52 -0.89
CA GLY L 28 -22.99 -14.56 -1.16
C GLY L 28 -22.30 -15.87 -1.52
N LEU L 29 -21.45 -15.83 -2.54
CA LEU L 29 -20.72 -17.02 -2.98
C LEU L 29 -20.03 -17.71 -1.81
N GLU L 30 -19.12 -17.00 -1.15
CA GLU L 30 -18.40 -17.57 -0.02
C GLU L 30 -19.38 -18.26 0.93
N LEU L 31 -20.51 -17.60 1.22
CA LEU L 31 -21.51 -18.16 2.13
C LEU L 31 -22.06 -19.48 1.66
N TRP L 32 -22.74 -19.47 0.53
CA TRP L 32 -23.33 -20.70 0.01
C TRP L 32 -22.34 -21.83 -0.17
N ARG L 33 -21.10 -21.51 -0.53
CA ARG L 33 -20.13 -22.57 -0.71
C ARG L 33 -19.98 -23.31 0.60
N ASP L 34 -19.63 -22.57 1.65
CA ASP L 34 -19.46 -23.16 2.97
C ASP L 34 -20.68 -23.96 3.39
N ILE L 35 -21.87 -23.47 3.06
CA ILE L 35 -23.10 -24.16 3.41
C ILE L 35 -23.26 -25.47 2.68
N ILE L 36 -23.12 -25.44 1.37
CA ILE L 36 -23.29 -26.65 0.58
C ILE L 36 -22.22 -27.70 0.85
N ASP L 37 -21.00 -27.30 1.21
CA ASP L 37 -19.97 -28.28 1.48
C ASP L 37 -20.27 -29.02 2.76
N ASP L 38 -20.90 -28.32 3.69
CA ASP L 38 -21.26 -28.88 4.99
C ASP L 38 -22.46 -29.81 4.86
N HIS L 39 -23.45 -29.42 4.08
CA HIS L 39 -24.66 -30.21 3.90
C HIS L 39 -25.09 -30.28 2.43
N PRO L 40 -24.42 -31.13 1.64
CA PRO L 40 -24.74 -31.29 0.21
C PRO L 40 -26.18 -31.65 -0.09
N GLU L 41 -26.95 -31.93 0.96
CA GLU L 41 -28.35 -32.29 0.76
C GLU L 41 -29.10 -31.12 0.16
N ILE L 42 -28.57 -29.92 0.35
CA ILE L 42 -29.20 -28.72 -0.13
C ILE L 42 -29.14 -28.51 -1.64
N LYS L 43 -28.12 -29.06 -2.29
CA LYS L 43 -28.02 -28.91 -3.74
C LYS L 43 -29.30 -29.37 -4.43
N ALA L 44 -30.15 -30.06 -3.68
CA ALA L 44 -31.40 -30.59 -4.22
C ALA L 44 -32.43 -29.55 -4.63
N PRO L 45 -33.00 -28.82 -3.68
CA PRO L 45 -34.00 -27.79 -4.03
C PRO L 45 -33.47 -26.66 -4.88
N PHE L 46 -32.15 -26.47 -4.86
CA PHE L 46 -31.51 -25.43 -5.64
C PHE L 46 -31.27 -25.91 -7.06
N SER L 47 -31.99 -26.95 -7.45
CA SER L 47 -31.86 -27.53 -8.79
C SER L 47 -32.29 -26.54 -9.87
N ARG L 48 -33.30 -25.72 -9.55
CA ARG L 48 -33.84 -24.76 -10.49
C ARG L 48 -32.82 -23.68 -10.81
N VAL L 49 -32.04 -23.31 -9.80
CA VAL L 49 -31.01 -22.29 -9.95
C VAL L 49 -29.60 -22.89 -9.94
N ARG L 50 -29.36 -23.85 -10.83
CA ARG L 50 -28.06 -24.51 -10.95
C ARG L 50 -27.27 -24.47 -9.65
N GLY L 51 -27.74 -25.24 -8.68
CA GLY L 51 -27.08 -25.30 -7.40
C GLY L 51 -25.84 -26.16 -7.43
N ASP L 52 -25.66 -26.93 -8.50
CA ASP L 52 -24.50 -27.79 -8.62
C ASP L 52 -23.25 -26.94 -8.83
N ASN L 53 -23.41 -25.88 -9.62
CA ASN L 53 -22.33 -24.95 -9.93
C ASN L 53 -22.66 -23.60 -9.33
N ILE L 54 -22.25 -23.36 -8.10
CA ILE L 54 -22.55 -22.10 -7.43
C ILE L 54 -21.88 -20.90 -8.07
N TYR L 55 -20.86 -21.13 -8.89
CA TYR L 55 -20.15 -20.03 -9.54
C TYR L 55 -20.89 -19.55 -10.80
N SER L 56 -21.88 -20.33 -11.23
CA SER L 56 -22.66 -20.01 -12.42
C SER L 56 -23.47 -18.74 -12.22
N PRO L 57 -23.82 -18.06 -13.31
CA PRO L 57 -24.60 -16.84 -13.21
C PRO L 57 -25.99 -17.15 -12.70
N GLU L 58 -26.54 -18.27 -13.17
CA GLU L 58 -27.87 -18.67 -12.74
C GLU L 58 -27.94 -18.67 -11.22
N PHE L 59 -27.00 -19.38 -10.58
CA PHE L 59 -26.98 -19.46 -9.13
C PHE L 59 -26.59 -18.13 -8.55
N GLY L 60 -25.60 -17.50 -9.16
CA GLY L 60 -25.14 -16.21 -8.69
C GLY L 60 -26.31 -15.28 -8.52
N ALA L 61 -27.19 -15.26 -9.51
CA ALA L 61 -28.37 -14.41 -9.46
C ALA L 61 -29.10 -14.76 -8.18
N HIS L 62 -29.50 -16.01 -8.07
CA HIS L 62 -30.20 -16.50 -6.90
C HIS L 62 -29.55 -15.98 -5.63
N SER L 63 -28.29 -16.37 -5.45
CA SER L 63 -27.48 -15.96 -4.31
C SER L 63 -27.79 -14.54 -3.89
N GLN L 64 -27.70 -13.64 -4.86
CA GLN L 64 -27.97 -12.23 -4.63
C GLN L 64 -29.41 -12.00 -4.14
N ARG L 65 -30.36 -12.54 -4.88
CA ARG L 65 -31.76 -12.36 -4.53
C ARG L 65 -31.97 -12.67 -3.06
N VAL L 66 -31.35 -13.76 -2.63
CA VAL L 66 -31.44 -14.21 -1.26
C VAL L 66 -30.92 -13.12 -0.33
N LEU L 67 -29.61 -12.88 -0.40
CA LEU L 67 -29.00 -11.88 0.43
C LEU L 67 -29.85 -10.62 0.47
N SER L 68 -30.35 -10.21 -0.69
CA SER L 68 -31.17 -9.01 -0.74
C SER L 68 -32.33 -9.11 0.24
N GLY L 69 -33.07 -10.21 0.18
CA GLY L 69 -34.20 -10.38 1.07
C GLY L 69 -33.74 -10.26 2.51
N LEU L 70 -32.60 -10.89 2.81
CA LEU L 70 -32.02 -10.84 4.14
C LEU L 70 -31.79 -9.38 4.49
N ASP L 71 -31.34 -8.60 3.52
CA ASP L 71 -31.10 -7.18 3.74
C ASP L 71 -32.41 -6.55 4.20
N ILE L 72 -33.48 -6.78 3.43
CA ILE L 72 -34.79 -6.23 3.76
C ILE L 72 -35.16 -6.55 5.19
N THR L 73 -35.30 -7.83 5.48
CA THR L 73 -35.65 -8.25 6.82
C THR L 73 -34.84 -7.47 7.84
N ILE L 74 -33.52 -7.52 7.72
CA ILE L 74 -32.66 -6.80 8.65
C ILE L 74 -33.00 -5.31 8.73
N SER L 75 -33.36 -4.72 7.60
CA SER L 75 -33.67 -3.32 7.61
C SER L 75 -35.05 -3.06 8.16
N MET L 76 -35.71 -4.11 8.63
CA MET L 76 -37.06 -3.97 9.19
C MET L 76 -37.11 -4.34 10.66
N LEU L 77 -35.97 -4.72 11.22
CA LEU L 77 -35.92 -5.12 12.60
C LEU L 77 -36.46 -4.07 13.55
N ASP L 78 -36.38 -2.81 13.15
CA ASP L 78 -36.86 -1.73 14.00
C ASP L 78 -38.36 -1.54 13.91
N THR L 79 -38.92 -1.78 12.73
CA THR L 79 -40.36 -1.66 12.52
C THR L 79 -40.99 -3.05 12.48
N PRO L 80 -41.68 -3.44 13.56
CA PRO L 80 -42.33 -4.74 13.70
C PRO L 80 -43.44 -5.06 12.72
N ASP L 81 -44.33 -4.10 12.49
CA ASP L 81 -45.44 -4.34 11.57
C ASP L 81 -44.99 -4.74 10.17
N MET L 82 -43.89 -4.15 9.72
CA MET L 82 -43.36 -4.46 8.40
C MET L 82 -42.63 -5.78 8.39
N LEU L 83 -41.86 -6.03 9.44
CA LEU L 83 -41.11 -7.27 9.55
C LEU L 83 -42.06 -8.45 9.59
N ALA L 84 -42.98 -8.43 10.54
CA ALA L 84 -43.96 -9.50 10.71
C ALA L 84 -44.59 -9.84 9.37
N ALA L 85 -44.87 -8.80 8.59
CA ALA L 85 -45.48 -8.96 7.26
C ALA L 85 -44.49 -9.55 6.27
N GLN L 86 -43.32 -8.92 6.18
CA GLN L 86 -42.26 -9.35 5.29
C GLN L 86 -41.89 -10.79 5.57
N LEU L 87 -41.70 -11.11 6.84
CA LEU L 87 -41.35 -12.47 7.20
C LEU L 87 -42.43 -13.44 6.71
N ALA L 88 -43.68 -13.15 7.04
CA ALA L 88 -44.77 -14.00 6.61
C ALA L 88 -44.72 -14.21 5.10
N HIS L 89 -44.42 -13.13 4.37
CA HIS L 89 -44.33 -13.19 2.91
C HIS L 89 -43.22 -14.14 2.47
N LEU L 90 -42.10 -14.12 3.18
CA LEU L 90 -40.98 -15.00 2.83
C LEU L 90 -41.29 -16.46 3.12
N LYS L 91 -41.98 -16.70 4.24
CA LYS L 91 -42.34 -18.06 4.62
C LYS L 91 -43.08 -18.77 3.50
N VAL L 92 -43.99 -18.04 2.87
CA VAL L 92 -44.76 -18.60 1.78
C VAL L 92 -43.89 -19.02 0.60
N GLN L 93 -43.00 -18.14 0.16
CA GLN L 93 -42.13 -18.44 -0.96
C GLN L 93 -41.24 -19.66 -0.70
N HIS L 94 -41.25 -20.13 0.54
CA HIS L 94 -40.43 -21.28 0.92
C HIS L 94 -41.23 -22.55 1.23
N VAL L 95 -42.20 -22.44 2.13
CA VAL L 95 -43.01 -23.59 2.52
C VAL L 95 -43.37 -24.52 1.37
N GLU L 96 -43.58 -23.95 0.19
CA GLU L 96 -43.96 -24.72 -0.99
C GLU L 96 -42.94 -25.77 -1.45
N ARG L 97 -41.89 -25.97 -0.67
CA ARG L 97 -40.86 -26.94 -1.05
C ARG L 97 -40.45 -27.79 0.15
N ASN L 98 -39.97 -28.99 -0.12
CA ASN L 98 -39.53 -29.88 0.95
C ASN L 98 -38.34 -29.24 1.63
N LEU L 99 -38.60 -28.45 2.67
CA LEU L 99 -37.53 -27.77 3.38
C LEU L 99 -37.43 -28.12 4.86
N LYS L 100 -36.44 -28.95 5.19
CA LYS L 100 -36.21 -29.35 6.56
C LYS L 100 -35.92 -28.10 7.38
N PRO L 101 -36.77 -27.80 8.37
CA PRO L 101 -36.58 -26.61 9.20
C PRO L 101 -35.16 -26.46 9.73
N GLU L 102 -34.40 -27.56 9.73
CA GLU L 102 -33.03 -27.49 10.20
C GLU L 102 -32.11 -26.78 9.21
N PHE L 103 -32.51 -26.73 7.95
CA PHE L 103 -31.72 -26.08 6.90
C PHE L 103 -31.43 -24.65 7.30
N PHE L 104 -32.45 -23.96 7.79
CA PHE L 104 -32.30 -22.57 8.21
C PHE L 104 -31.36 -22.47 9.39
N ASP L 105 -31.45 -23.40 10.33
CA ASP L 105 -30.58 -23.39 11.49
C ASP L 105 -29.13 -23.48 10.99
N ILE L 106 -28.97 -24.12 9.83
CA ILE L 106 -27.67 -24.30 9.19
C ILE L 106 -27.26 -22.98 8.56
N PHE L 107 -28.15 -22.47 7.71
CA PHE L 107 -27.92 -21.20 7.05
C PHE L 107 -27.41 -20.19 8.08
N LEU L 108 -28.14 -20.05 9.18
CA LEU L 108 -27.76 -19.13 10.23
C LEU L 108 -26.37 -19.40 10.75
N LYS L 109 -26.09 -20.66 11.04
CA LYS L 109 -24.78 -21.04 11.54
C LYS L 109 -23.69 -20.39 10.68
N HIS L 110 -23.76 -20.60 9.37
CA HIS L 110 -22.77 -20.05 8.46
C HIS L 110 -22.81 -18.54 8.33
N LEU L 111 -23.99 -17.98 8.12
CA LEU L 111 -24.11 -16.53 7.98
C LEU L 111 -23.32 -15.86 9.10
N LEU L 112 -23.36 -16.44 10.29
CA LEU L 112 -22.65 -15.88 11.43
C LEU L 112 -21.17 -16.16 11.29
N HIS L 113 -20.85 -17.37 10.86
CA HIS L 113 -19.47 -17.77 10.67
C HIS L 113 -18.82 -16.77 9.72
N VAL L 114 -19.46 -16.53 8.58
CA VAL L 114 -18.95 -15.60 7.58
C VAL L 114 -18.83 -14.18 8.09
N LEU L 115 -19.92 -13.63 8.63
CA LEU L 115 -19.87 -12.27 9.17
C LEU L 115 -18.72 -12.22 10.19
N GLY L 116 -18.49 -13.33 10.88
CA GLY L 116 -17.42 -13.38 11.84
C GLY L 116 -16.11 -13.00 11.19
N ASP L 117 -15.81 -13.62 10.06
CA ASP L 117 -14.58 -13.33 9.32
C ASP L 117 -14.58 -11.88 8.87
N ARG L 118 -15.61 -11.49 8.14
CA ARG L 118 -15.73 -10.13 7.64
C ARG L 118 -15.58 -9.05 8.70
N LEU L 119 -16.33 -9.16 9.79
CA LEU L 119 -16.29 -8.14 10.82
C LEU L 119 -15.15 -8.27 11.84
N GLY L 120 -14.66 -9.48 12.06
CA GLY L 120 -13.57 -9.67 12.99
C GLY L 120 -14.03 -9.89 14.41
N THR L 121 -13.30 -9.33 15.36
CA THR L 121 -13.62 -9.51 16.76
C THR L 121 -14.71 -8.57 17.23
N HIS L 122 -14.96 -7.51 16.46
CA HIS L 122 -15.98 -6.53 16.82
C HIS L 122 -17.36 -7.14 16.66
N PHE L 123 -17.46 -8.12 15.77
CA PHE L 123 -18.71 -8.80 15.47
C PHE L 123 -19.52 -9.08 16.70
N ASP L 124 -20.68 -8.46 16.83
CA ASP L 124 -21.51 -8.69 18.00
C ASP L 124 -22.38 -9.93 17.84
N PHE L 125 -21.76 -11.08 18.03
CA PHE L 125 -22.41 -12.37 17.92
C PHE L 125 -23.75 -12.33 18.64
N GLY L 126 -23.72 -11.98 19.92
CA GLY L 126 -24.94 -11.90 20.70
C GLY L 126 -26.06 -11.25 19.93
N ALA L 127 -25.86 -9.99 19.59
CA ALA L 127 -26.85 -9.21 18.86
C ALA L 127 -27.36 -9.92 17.61
N TRP L 128 -26.45 -10.47 16.80
CA TRP L 128 -26.89 -11.16 15.60
C TRP L 128 -27.72 -12.39 15.91
N HIS L 129 -27.16 -13.30 16.70
CA HIS L 129 -27.88 -14.53 17.05
C HIS L 129 -29.28 -14.21 17.50
N ASP L 130 -29.41 -13.36 18.50
CA ASP L 130 -30.71 -12.96 19.02
C ASP L 130 -31.58 -12.36 17.91
N CYS L 131 -30.96 -11.58 17.04
CA CYS L 131 -31.69 -10.89 15.98
C CYS L 131 -31.98 -11.62 14.67
N VAL L 132 -30.98 -12.25 14.07
CA VAL L 132 -31.22 -12.96 12.83
C VAL L 132 -32.11 -14.16 13.09
N ASP L 133 -31.97 -14.74 14.28
CA ASP L 133 -32.77 -15.90 14.66
C ASP L 133 -34.23 -15.55 14.44
N GLN L 134 -34.68 -14.49 15.10
CA GLN L 134 -36.07 -14.04 14.97
C GLN L 134 -36.53 -13.98 13.50
N ILE L 135 -35.60 -13.66 12.59
CA ILE L 135 -35.94 -13.57 11.18
C ILE L 135 -36.11 -14.95 10.58
N ILE L 136 -35.34 -15.92 11.06
CA ILE L 136 -35.43 -17.26 10.54
C ILE L 136 -36.71 -17.93 10.96
N ASP L 137 -37.00 -17.93 12.26
CA ASP L 137 -38.22 -18.56 12.76
C ASP L 137 -39.45 -18.09 12.00
N GLY L 138 -39.43 -16.85 11.56
CA GLY L 138 -40.57 -16.35 10.80
C GLY L 138 -40.66 -16.94 9.40
N ILE L 139 -39.69 -17.75 9.02
CA ILE L 139 -39.66 -18.36 7.69
C ILE L 139 -39.53 -19.88 7.77
N LYS L 140 -38.84 -20.34 8.81
CA LYS L 140 -38.59 -21.76 9.03
C LYS L 140 -39.80 -22.65 8.68
N ARG M 1 35.81 83.33 -4.85
CA ARG M 1 35.10 84.38 -5.64
C ARG M 1 34.29 83.80 -6.81
N PHE M 2 34.70 82.63 -7.27
CA PHE M 2 34.02 81.97 -8.39
C PHE M 2 33.80 80.46 -8.15
N GLN M 3 34.82 79.82 -7.58
CA GLN M 3 34.79 78.39 -7.27
C GLN M 3 34.10 78.17 -5.93
N TYR M 4 33.71 79.27 -5.30
CA TYR M 4 33.04 79.23 -4.00
C TYR M 4 31.76 78.38 -3.98
N LEU M 5 31.18 78.17 -5.16
CA LEU M 5 29.96 77.37 -5.31
C LEU M 5 30.25 76.04 -5.98
N VAL M 6 31.39 75.97 -6.67
CA VAL M 6 31.80 74.75 -7.36
C VAL M 6 32.61 73.83 -6.47
N LYS M 7 33.55 74.39 -5.73
CA LYS M 7 34.41 73.61 -4.84
C LYS M 7 33.61 72.67 -3.96
N ASN M 8 32.36 73.02 -3.67
CA ASN M 8 31.51 72.17 -2.84
C ASN M 8 30.58 71.29 -3.65
N GLN M 9 30.17 71.77 -4.83
CA GLN M 9 29.30 70.98 -5.67
C GLN M 9 30.00 69.65 -6.00
N ASN M 10 31.27 69.74 -6.36
CA ASN M 10 32.06 68.55 -6.65
C ASN M 10 32.13 67.68 -5.41
N LEU M 11 31.91 68.30 -4.25
CA LEU M 11 31.95 67.58 -2.99
C LEU M 11 30.63 66.84 -2.79
N HIS M 12 29.52 67.54 -3.06
CA HIS M 12 28.22 66.92 -2.92
C HIS M 12 28.21 65.67 -3.79
N ILE M 13 28.98 65.71 -4.87
CA ILE M 13 29.07 64.58 -5.78
C ILE M 13 30.03 63.54 -5.24
N ASP M 14 31.24 63.98 -4.87
CA ASP M 14 32.23 63.06 -4.32
C ASP M 14 31.51 62.33 -3.18
N TYR M 15 30.43 62.95 -2.68
CA TYR M 15 29.62 62.39 -1.60
C TYR M 15 28.81 61.23 -2.15
N LEU M 16 27.87 61.54 -3.03
CA LEU M 16 27.03 60.53 -3.64
C LEU M 16 27.84 59.30 -4.03
N ALA M 17 28.99 59.52 -4.67
CA ALA M 17 29.85 58.42 -5.08
C ALA M 17 30.11 57.44 -3.94
N LYS M 18 30.31 57.97 -2.73
CA LYS M 18 30.58 57.14 -1.56
C LYS M 18 29.30 56.46 -1.03
N LYS M 19 28.21 57.22 -0.90
CA LYS M 19 26.95 56.68 -0.40
C LYS M 19 26.48 55.56 -1.32
N LEU M 20 27.00 55.57 -2.54
CA LEU M 20 26.67 54.56 -3.54
C LEU M 20 27.62 53.38 -3.46
N HIS M 21 28.91 53.66 -3.31
CA HIS M 21 29.90 52.61 -3.21
C HIS M 21 29.57 51.78 -1.98
N ASP M 22 29.15 52.46 -0.92
CA ASP M 22 28.79 51.78 0.32
C ASP M 22 27.51 50.96 0.10
N ILE M 23 26.96 51.04 -1.11
CA ILE M 23 25.75 50.30 -1.48
C ILE M 23 26.16 49.16 -2.40
N GLU M 24 26.83 49.50 -3.48
CA GLU M 24 27.30 48.51 -4.43
C GLU M 24 28.13 47.49 -3.65
N GLU M 25 28.68 47.93 -2.52
CA GLU M 25 29.49 47.06 -1.68
C GLU M 25 28.56 46.11 -0.93
N GLU M 26 27.59 46.68 -0.22
CA GLU M 26 26.63 45.90 0.54
C GLU M 26 25.84 44.99 -0.41
N TYR M 27 25.99 45.22 -1.70
CA TYR M 27 25.31 44.42 -2.71
C TYR M 27 26.05 43.11 -2.89
N ASN M 28 27.34 43.21 -3.24
CA ASN M 28 28.17 42.03 -3.48
C ASN M 28 28.15 41.06 -2.30
N LYS M 29 27.92 41.58 -1.10
CA LYS M 29 27.85 40.75 0.10
C LYS M 29 26.46 40.10 0.15
N LEU M 30 25.94 39.78 -1.03
CA LEU M 30 24.63 39.17 -1.17
C LEU M 30 24.74 38.07 -2.22
N THR M 31 24.14 36.91 -1.95
CA THR M 31 24.17 35.77 -2.86
C THR M 31 23.74 36.14 -4.28
N HIS M 32 24.57 35.77 -5.26
CA HIS M 32 24.27 36.06 -6.65
C HIS M 32 23.11 35.20 -7.14
N ASP M 33 22.68 35.44 -8.38
CA ASP M 33 21.59 34.67 -8.97
C ASP M 33 22.08 33.27 -9.23
N VAL M 34 21.17 32.31 -9.31
CA VAL M 34 21.55 30.93 -9.55
C VAL M 34 21.60 30.61 -11.04
N ASP M 35 22.66 29.92 -11.45
CA ASP M 35 22.85 29.54 -12.85
C ASP M 35 21.59 28.83 -13.33
N LYS M 36 21.08 29.22 -14.51
CA LYS M 36 19.88 28.61 -15.05
C LYS M 36 20.02 27.08 -15.05
N LYS M 37 21.25 26.60 -15.19
CA LYS M 37 21.51 25.16 -15.20
C LYS M 37 21.09 24.49 -13.89
N THR M 38 20.85 25.29 -12.85
CA THR M 38 20.44 24.79 -11.55
C THR M 38 18.93 24.66 -11.51
N ILE M 39 18.25 25.76 -11.79
CA ILE M 39 16.80 25.77 -11.83
C ILE M 39 16.38 24.59 -12.69
N ARG M 40 17.02 24.44 -13.85
CA ARG M 40 16.69 23.38 -14.79
C ARG M 40 16.68 22.04 -14.08
N GLN M 41 17.70 21.79 -13.26
CA GLN M 41 17.81 20.53 -12.54
C GLN M 41 16.70 20.34 -11.52
N LEU M 42 16.20 21.43 -10.98
CA LEU M 42 15.09 21.40 -10.01
C LEU M 42 13.83 21.03 -10.74
N LYS M 43 13.45 21.86 -11.72
CA LYS M 43 12.28 21.60 -12.53
C LYS M 43 12.31 20.13 -12.96
N ALA M 44 13.50 19.57 -13.15
CA ALA M 44 13.64 18.18 -13.54
C ALA M 44 13.32 17.30 -12.36
N ARG M 45 14.18 17.31 -11.35
CA ARG M 45 13.99 16.49 -10.15
C ARG M 45 12.53 16.49 -9.73
N ILE M 46 11.93 17.67 -9.75
CA ILE M 46 10.54 17.83 -9.38
C ILE M 46 9.65 17.13 -10.37
N SER M 47 9.73 17.52 -11.62
CA SER M 47 8.92 16.93 -12.68
C SER M 47 9.00 15.40 -12.66
N ASN M 48 10.02 14.84 -12.02
CA ASN M 48 10.15 13.40 -11.94
C ASN M 48 9.33 12.79 -10.82
N LEU M 49 8.90 13.60 -9.86
CA LEU M 49 8.11 13.08 -8.75
C LEU M 49 6.64 13.25 -9.07
N GLU M 50 6.34 14.17 -10.00
CA GLU M 50 4.97 14.41 -10.39
C GLU M 50 4.44 13.20 -11.17
N GLU M 51 3.11 13.00 -11.17
CA GLU M 51 2.50 11.87 -11.87
C GLU M 51 2.56 12.04 -13.39
N HIS M 52 2.85 10.95 -14.09
CA HIS M 52 2.95 10.97 -15.54
C HIS M 52 2.17 9.87 -16.24
N HIS M 53 1.30 10.28 -17.17
CA HIS M 53 0.43 9.37 -17.93
C HIS M 53 1.02 8.47 -19.01
N CYS M 54 2.10 8.89 -19.66
CA CYS M 54 2.69 8.09 -20.72
C CYS M 54 3.01 6.65 -20.31
N ASP M 55 2.39 5.68 -20.98
CA ASP M 55 2.62 4.27 -20.69
C ASP M 55 3.90 3.74 -21.33
N GLU M 56 4.52 2.76 -20.70
CA GLU M 56 5.76 2.16 -21.20
C GLU M 56 5.82 2.22 -22.71
N HIS M 57 6.96 2.64 -23.24
CA HIS M 57 7.19 2.76 -24.68
C HIS M 57 6.69 4.09 -25.21
N GLU M 58 6.43 5.02 -24.31
CA GLU M 58 5.95 6.33 -24.72
C GLU M 58 6.60 7.37 -23.82
N SER M 59 6.86 8.56 -24.36
CA SER M 59 7.43 9.65 -23.59
C SER M 59 6.69 10.91 -23.94
N GLU M 60 6.63 11.86 -23.02
CA GLU M 60 5.87 13.08 -23.28
C GLU M 60 6.60 14.16 -24.07
N CYS M 61 5.85 14.90 -24.88
CA CYS M 61 6.40 15.97 -25.70
C CYS M 61 7.02 16.96 -24.75
N ARG M 62 7.99 17.72 -25.23
CA ARG M 62 8.65 18.70 -24.39
C ARG M 62 7.90 20.03 -24.43
N GLY M 63 6.81 20.06 -25.18
CA GLY M 63 6.05 21.28 -25.30
C GLY M 63 5.36 21.70 -24.01
N ASP M 64 4.43 22.64 -24.14
CA ASP M 64 3.67 23.14 -23.00
C ASP M 64 2.54 22.15 -22.69
N VAL M 65 2.09 21.41 -23.71
CA VAL M 65 1.06 20.39 -23.57
C VAL M 65 1.73 19.02 -23.37
N PRO M 66 1.56 18.40 -22.20
CA PRO M 66 2.15 17.11 -21.89
C PRO M 66 1.56 15.93 -22.68
N GLU M 67 1.55 16.03 -24.01
CA GLU M 67 1.01 14.97 -24.86
C GLU M 67 1.98 13.79 -24.91
N CYS M 68 1.47 12.57 -24.98
CA CYS M 68 2.34 11.39 -25.03
C CYS M 68 2.44 10.78 -26.43
N ILE M 69 3.65 10.60 -26.96
CA ILE M 69 3.77 9.95 -28.29
C ILE M 69 4.70 8.77 -28.14
N HIS M 70 4.59 7.80 -29.03
CA HIS M 70 5.41 6.60 -28.92
C HIS M 70 6.90 6.89 -29.11
N ASP M 71 7.74 6.22 -28.33
CA ASP M 71 9.19 6.41 -28.40
C ASP M 71 9.75 6.33 -29.81
N LEU M 72 9.19 5.40 -30.58
CA LEU M 72 9.61 5.15 -31.96
C LEU M 72 9.34 6.30 -32.87
N LEU M 73 8.83 7.39 -32.32
CA LEU M 73 8.50 8.51 -33.18
C LEU M 73 9.26 9.79 -32.94
N PHE M 74 10.09 9.84 -31.90
CA PHE M 74 10.85 11.07 -31.67
C PHE M 74 11.97 11.22 -32.66
N CYS M 75 12.21 12.47 -33.06
CA CYS M 75 13.28 12.78 -34.00
C CYS M 75 13.33 11.89 -35.24
N ASP M 76 12.20 11.76 -35.93
CA ASP M 76 12.19 10.94 -37.13
C ASP M 76 11.93 11.79 -38.36
N GLY M 77 11.92 13.11 -38.16
CA GLY M 77 11.71 14.01 -39.28
C GLY M 77 10.29 14.45 -39.57
N GLU M 78 9.33 13.83 -38.90
CA GLU M 78 7.92 14.17 -39.10
C GLU M 78 7.24 14.65 -37.80
N LYS M 79 6.78 15.91 -37.79
CA LYS M 79 6.09 16.48 -36.62
C LYS M 79 5.02 15.52 -36.09
N ASP M 80 5.34 14.79 -35.03
CA ASP M 80 4.37 13.85 -34.43
C ASP M 80 3.64 14.43 -33.20
N CYS M 81 4.32 15.31 -32.48
CA CYS M 81 3.71 15.93 -31.32
C CYS M 81 2.84 17.07 -31.79
N ARG M 82 1.78 17.33 -31.03
CA ARG M 82 0.84 18.40 -31.34
C ARG M 82 1.55 19.68 -31.76
N ASP M 83 2.60 20.04 -31.04
CA ASP M 83 3.38 21.25 -31.30
C ASP M 83 4.70 21.03 -32.04
N GLY M 84 5.12 19.77 -32.15
CA GLY M 84 6.37 19.48 -32.85
C GLY M 84 7.55 19.39 -31.91
N SER M 85 7.26 19.35 -30.63
CA SER M 85 8.30 19.26 -29.62
C SER M 85 9.12 18.00 -29.80
N ASP M 86 8.55 17.00 -30.43
CA ASP M 86 9.30 15.78 -30.63
C ASP M 86 10.34 15.96 -31.70
N GLU M 87 10.37 17.13 -32.33
CA GLU M 87 11.35 17.34 -33.38
C GLU M 87 12.24 18.57 -33.22
N ASP M 88 11.98 19.41 -32.23
CA ASP M 88 12.81 20.59 -32.03
C ASP M 88 14.19 20.15 -31.57
N PRO M 89 15.25 20.89 -31.91
CA PRO M 89 16.62 20.56 -31.53
C PRO M 89 16.87 20.28 -30.05
N GLU M 90 16.27 21.05 -29.15
CA GLU M 90 16.46 20.86 -27.71
C GLU M 90 16.11 19.43 -27.27
N THR M 91 15.49 18.68 -28.16
CA THR M 91 15.08 17.32 -27.86
C THR M 91 15.96 16.31 -28.55
N CYS M 92 16.23 16.56 -29.82
CA CYS M 92 17.06 15.67 -30.63
C CYS M 92 18.54 15.97 -30.54
N SER M 93 18.96 16.69 -29.49
CA SER M 93 20.36 17.03 -29.32
C SER M 93 21.15 15.75 -29.29
N LEU M 94 22.24 15.71 -30.04
CA LEU M 94 23.09 14.53 -30.08
C LEU M 94 24.13 14.71 -28.99
N ASN M 95 24.12 15.90 -28.38
CA ASN M 95 25.06 16.24 -27.31
C ASN M 95 25.44 14.97 -26.50
N ILE M 96 24.48 14.12 -26.15
CA ILE M 96 24.78 12.92 -25.37
C ILE M 96 25.54 11.84 -26.13
N THR M 97 25.06 11.49 -27.31
CA THR M 97 25.68 10.42 -28.08
C THR M 97 26.91 10.82 -28.86
N HIS M 98 27.56 11.91 -28.48
CA HIS M 98 28.75 12.34 -29.23
C HIS M 98 29.91 11.42 -28.96
N VAL M 99 30.62 11.05 -30.01
CA VAL M 99 31.76 10.15 -29.88
C VAL M 99 32.66 10.65 -28.80
N GLY M 100 33.21 9.73 -28.02
CA GLY M 100 34.09 10.13 -26.95
C GLY M 100 33.36 10.54 -25.69
N SER M 101 32.04 10.71 -25.75
CA SER M 101 31.27 11.10 -24.57
C SER M 101 31.51 10.12 -23.43
N SER M 102 31.68 10.64 -22.23
CA SER M 102 31.95 9.80 -21.10
C SER M 102 31.23 10.27 -19.82
N TYR M 103 30.57 9.34 -19.17
CA TYR M 103 29.85 9.63 -17.95
C TYR M 103 30.38 8.75 -16.82
N THR M 104 30.62 9.35 -15.65
CA THR M 104 31.10 8.58 -14.51
C THR M 104 30.46 8.98 -13.21
N GLY M 105 30.50 8.06 -12.26
CA GLY M 105 29.95 8.30 -10.94
C GLY M 105 30.53 7.26 -10.02
N LEU M 106 30.02 7.18 -8.80
CA LEU M 106 30.53 6.16 -7.89
C LEU M 106 29.56 5.01 -7.82
N ALA M 107 29.98 3.90 -8.39
CA ALA M 107 29.15 2.71 -8.43
C ALA M 107 29.18 2.02 -7.08
N THR M 108 28.00 1.78 -6.54
CA THR M 108 27.85 1.11 -5.26
C THR M 108 27.04 -0.14 -5.59
N TRP M 109 27.70 -1.30 -5.59
CA TRP M 109 27.06 -2.55 -5.96
C TRP M 109 26.14 -3.15 -4.93
N THR M 110 24.99 -3.62 -5.40
CA THR M 110 23.98 -4.20 -4.54
C THR M 110 23.58 -5.63 -4.95
N SER M 111 24.23 -6.22 -5.95
CA SER M 111 23.83 -7.54 -6.34
C SER M 111 24.72 -8.46 -7.16
N CYS M 112 25.87 -8.05 -7.66
CA CYS M 112 26.63 -9.02 -8.42
C CYS M 112 28.12 -9.10 -8.24
N GLU M 113 28.65 -8.40 -7.23
CA GLU M 113 30.08 -8.46 -7.00
C GLU M 113 30.54 -7.90 -5.65
N ASP M 114 31.41 -8.65 -4.96
CA ASP M 114 31.97 -8.28 -3.68
C ASP M 114 32.14 -6.77 -3.62
N LEU M 115 32.98 -6.29 -4.54
CA LEU M 115 33.34 -4.90 -4.72
C LEU M 115 32.61 -3.89 -3.86
N ASN M 116 33.40 -3.02 -3.24
CA ASN M 116 32.87 -1.95 -2.42
C ASN M 116 32.83 -0.74 -3.33
N PRO M 117 31.87 0.16 -3.12
CA PRO M 117 31.77 1.35 -3.96
C PRO M 117 33.07 1.69 -4.65
N ASP M 118 33.00 1.75 -5.99
CA ASP M 118 34.15 2.06 -6.84
C ASP M 118 33.67 2.96 -7.98
N HIS M 119 34.61 3.47 -8.75
CA HIS M 119 34.27 4.36 -9.84
C HIS M 119 33.86 3.65 -11.11
N ALA M 120 32.70 4.05 -11.62
CA ALA M 120 32.17 3.48 -12.86
C ALA M 120 32.28 4.52 -13.97
N ILE M 121 32.62 4.07 -15.17
CA ILE M 121 32.78 4.98 -16.30
C ILE M 121 32.26 4.43 -17.61
N VAL M 122 31.11 4.93 -18.04
CA VAL M 122 30.56 4.47 -19.29
C VAL M 122 30.87 5.55 -20.28
N THR M 123 31.69 5.22 -21.28
CA THR M 123 32.10 6.18 -22.30
C THR M 123 31.83 5.68 -23.74
N ILE M 124 31.31 6.57 -24.60
CA ILE M 124 30.92 6.25 -25.98
C ILE M 124 32.09 6.13 -26.95
N THR M 125 32.21 4.98 -27.61
CA THR M 125 33.34 4.72 -28.53
C THR M 125 33.11 4.95 -30.00
N ALA M 126 31.86 4.93 -30.42
CA ALA M 126 31.53 5.18 -31.82
C ALA M 126 30.03 5.18 -31.92
N ALA M 127 29.48 5.95 -32.86
CA ALA M 127 28.04 5.99 -32.98
C ALA M 127 27.55 6.59 -34.28
N HIS M 128 26.75 5.81 -35.02
CA HIS M 128 26.21 6.30 -36.27
C HIS M 128 24.69 6.25 -36.22
N ARG M 129 24.07 7.04 -37.08
CA ARG M 129 22.63 7.16 -37.16
C ARG M 129 22.22 6.83 -38.58
N LYS M 130 21.65 5.65 -38.79
CA LYS M 130 21.23 5.23 -40.11
C LYS M 130 20.33 6.30 -40.74
N SER M 131 20.73 6.82 -41.90
CA SER M 131 20.00 7.88 -42.61
C SER M 131 18.47 7.76 -42.68
N PHE M 132 17.97 6.55 -42.91
CA PHE M 132 16.53 6.32 -43.02
C PHE M 132 15.82 5.97 -41.71
N PHE M 133 16.56 5.80 -40.63
CA PHE M 133 15.91 5.47 -39.37
C PHE M 133 16.55 6.29 -38.27
N PRO M 134 16.17 7.56 -38.20
CA PRO M 134 16.65 8.55 -37.24
C PRO M 134 16.25 8.33 -35.79
N ASN M 135 15.11 7.68 -35.57
CA ASN M 135 14.64 7.43 -34.22
C ASN M 135 15.75 6.92 -33.31
N ARG M 136 16.68 6.13 -33.84
CA ARG M 136 17.76 5.60 -33.02
C ARG M 136 19.16 5.90 -33.49
N VAL M 137 20.00 6.25 -32.53
CA VAL M 137 21.39 6.56 -32.75
C VAL M 137 22.18 5.37 -32.27
N TRP M 138 22.32 4.38 -33.11
CA TRP M 138 23.07 3.17 -32.75
C TRP M 138 24.48 3.55 -32.33
N LEU M 139 24.99 2.91 -31.29
CA LEU M 139 26.34 3.25 -30.85
C LEU M 139 27.08 2.14 -30.13
N ARG M 140 28.34 2.42 -29.83
CA ARG M 140 29.19 1.49 -29.12
C ARG M 140 29.95 2.29 -28.08
N ALA M 141 30.14 1.67 -26.91
CA ALA M 141 30.82 2.29 -25.80
C ALA M 141 31.57 1.26 -24.97
N THR M 142 32.12 1.72 -23.86
CA THR M 142 32.90 0.88 -22.96
C THR M 142 32.48 1.17 -21.52
N LEU M 143 32.34 0.13 -20.70
CA LEU M 143 32.01 0.32 -19.29
C LEU M 143 33.22 -0.12 -18.49
N SER M 144 33.79 0.78 -17.70
CA SER M 144 34.96 0.44 -16.90
C SER M 144 34.70 0.76 -15.44
N TYR M 145 35.06 -0.16 -14.55
CA TYR M 145 34.90 0.09 -13.12
C TYR M 145 36.09 -0.51 -12.39
N GLU M 146 36.65 0.25 -11.45
CA GLU M 146 37.81 -0.15 -10.68
C GLU M 146 37.60 -1.46 -9.92
N LEU M 147 38.64 -2.28 -9.82
CA LEU M 147 38.53 -3.55 -9.12
C LEU M 147 39.11 -3.48 -7.75
N ASP M 148 40.43 -3.33 -7.70
CA ASP M 148 41.17 -3.24 -6.44
C ASP M 148 41.64 -1.80 -6.24
N GLU M 149 40.96 -1.08 -5.36
CA GLU M 149 41.29 0.31 -5.07
C GLU M 149 42.78 0.50 -4.78
N HIS M 150 43.49 -0.58 -4.48
CA HIS M 150 44.91 -0.49 -4.15
C HIS M 150 45.88 -0.67 -5.32
N ASP M 151 45.79 -1.78 -6.05
CA ASP M 151 46.70 -1.97 -7.18
C ASP M 151 46.11 -1.44 -8.47
N HIS M 152 44.93 -0.84 -8.34
CA HIS M 152 44.20 -0.22 -9.45
C HIS M 152 43.83 -1.05 -10.66
N THR M 153 43.53 -2.33 -10.46
CA THR M 153 43.12 -3.14 -11.59
C THR M 153 41.76 -2.59 -11.97
N VAL M 154 41.37 -2.73 -13.22
CA VAL M 154 40.07 -2.23 -13.64
C VAL M 154 39.46 -3.02 -14.83
N SER M 155 38.18 -3.35 -14.69
CA SER M 155 37.47 -4.11 -15.70
C SER M 155 36.97 -3.22 -16.79
N THR M 156 37.14 -3.67 -18.03
CA THR M 156 36.70 -2.89 -19.17
C THR M 156 35.99 -3.77 -20.19
N THR M 157 34.66 -3.72 -20.17
CA THR M 157 33.84 -4.51 -21.08
C THR M 157 33.40 -3.61 -22.24
N GLN M 158 33.39 -4.14 -23.47
CA GLN M 158 32.93 -3.37 -24.62
C GLN M 158 31.41 -3.52 -24.74
N LEU M 159 30.72 -2.47 -25.18
CA LEU M 159 29.28 -2.55 -25.27
C LEU M 159 28.76 -2.12 -26.63
N ARG M 160 27.49 -2.46 -26.88
CA ARG M 160 26.78 -2.10 -28.10
C ARG M 160 25.42 -1.62 -27.63
N GLY M 161 24.72 -0.86 -28.46
CA GLY M 161 23.41 -0.38 -28.06
C GLY M 161 23.01 0.89 -28.76
N PHE M 162 22.00 1.57 -28.23
CA PHE M 162 21.52 2.80 -28.83
C PHE M 162 21.14 3.82 -27.78
N TYR M 163 20.61 4.94 -28.23
CA TYR M 163 20.16 5.95 -27.32
C TYR M 163 18.75 6.32 -27.73
N ASN M 164 17.82 6.23 -26.78
CA ASN M 164 16.42 6.53 -27.02
C ASN M 164 16.10 7.99 -26.73
N PHE M 165 15.74 8.73 -27.78
CA PHE M 165 15.41 10.15 -27.63
C PHE M 165 14.22 10.33 -26.73
N GLY M 166 13.23 9.48 -26.93
CA GLY M 166 12.04 9.56 -26.13
C GLY M 166 12.36 9.50 -24.65
N LYS M 167 12.70 8.31 -24.16
CA LYS M 167 13.00 8.09 -22.75
C LYS M 167 14.26 8.83 -22.33
N ARG M 168 15.01 9.33 -23.30
CA ARG M 168 16.24 10.07 -23.00
C ARG M 168 17.16 9.12 -22.24
N GLU M 169 17.14 7.86 -22.64
CA GLU M 169 17.90 6.80 -21.98
C GLU M 169 18.94 6.11 -22.85
N LEU M 170 20.10 5.91 -22.26
CA LEU M 170 21.19 5.26 -22.93
C LEU M 170 21.11 3.79 -22.54
N LEU M 171 21.01 2.89 -23.52
CA LEU M 171 20.92 1.45 -23.22
C LEU M 171 22.04 0.63 -23.87
N LEU M 172 23.00 0.20 -23.07
CA LEU M 172 24.12 -0.57 -23.61
C LEU M 172 24.25 -1.96 -23.03
N ALA M 173 24.72 -2.89 -23.84
CA ALA M 173 24.89 -4.27 -23.41
C ALA M 173 26.23 -4.78 -23.94
N PRO M 174 26.76 -5.87 -23.37
CA PRO M 174 28.03 -6.41 -23.82
C PRO M 174 27.94 -6.92 -25.24
N LEU M 175 29.06 -6.84 -25.96
CA LEU M 175 29.15 -7.24 -27.35
C LEU M 175 28.87 -8.70 -27.70
N LYS M 176 28.76 -9.57 -26.70
CA LYS M 176 28.47 -10.98 -26.93
C LYS M 176 29.73 -11.78 -27.27
N GLY M 177 30.33 -12.40 -26.26
CA GLY M 177 31.53 -13.18 -26.45
C GLY M 177 32.78 -12.49 -25.93
N GLN M 178 32.82 -12.25 -24.62
CA GLN M 178 33.98 -11.61 -24.00
C GLN M 178 33.94 -11.66 -22.47
N SER M 179 33.64 -12.83 -21.93
CA SER M 179 33.57 -12.99 -20.48
C SER M 179 32.19 -12.65 -19.94
N GLU M 180 31.25 -12.45 -20.86
CA GLU M 180 29.87 -12.10 -20.51
C GLU M 180 29.82 -11.23 -19.23
N GLY M 181 30.14 -9.95 -19.42
CA GLY M 181 30.15 -9.01 -18.31
C GLY M 181 28.80 -8.36 -18.05
N TYR M 182 28.77 -7.05 -17.87
CA TYR M 182 27.51 -6.38 -17.59
C TYR M 182 27.07 -5.44 -18.66
N GLY M 183 25.89 -4.87 -18.44
CA GLY M 183 25.33 -3.90 -19.37
C GLY M 183 25.18 -2.64 -18.56
N VAL M 184 24.42 -1.67 -19.07
CA VAL M 184 24.26 -0.43 -18.33
C VAL M 184 23.13 0.40 -18.89
N ILE M 185 22.35 0.99 -18.01
CA ILE M 185 21.22 1.83 -18.41
C ILE M 185 21.44 3.20 -17.78
N CYS M 186 21.41 4.27 -18.56
CA CYS M 186 21.58 5.60 -18.00
C CYS M 186 20.45 6.48 -18.42
N ASP M 187 19.77 7.08 -17.46
CA ASP M 187 18.67 7.98 -17.78
C ASP M 187 19.20 9.40 -17.66
N PHE M 188 18.97 10.23 -18.67
CA PHE M 188 19.43 11.58 -18.60
C PHE M 188 18.27 12.50 -18.32
N ASN M 189 17.29 11.95 -17.60
CA ASN M 189 16.08 12.68 -17.23
C ASN M 189 16.37 13.69 -16.16
N LEU M 190 17.65 13.91 -15.90
CA LEU M 190 18.08 14.85 -14.87
C LEU M 190 18.04 16.33 -15.26
N GLY M 191 17.52 16.63 -16.44
CA GLY M 191 17.44 18.03 -16.81
C GLY M 191 18.36 18.51 -17.91
N ASP M 192 19.62 18.08 -17.89
CA ASP M 192 20.55 18.50 -18.92
C ASP M 192 21.22 17.29 -19.53
N ASP M 193 22.13 17.56 -20.45
CA ASP M 193 22.85 16.53 -21.17
C ASP M 193 24.12 16.04 -20.50
N ASP M 194 24.38 16.47 -19.27
CA ASP M 194 25.61 16.06 -18.60
C ASP M 194 25.43 15.22 -17.31
N HIS M 195 24.22 15.14 -16.78
CA HIS M 195 23.98 14.35 -15.59
C HIS M 195 23.04 13.20 -15.92
N ALA M 196 23.30 12.03 -15.34
CA ALA M 196 22.46 10.87 -15.58
C ALA M 196 22.40 9.91 -14.40
N ASP M 197 21.36 9.12 -14.36
CA ASP M 197 21.11 8.15 -13.31
C ASP M 197 21.41 6.76 -13.85
N CYS M 198 22.69 6.42 -13.91
CA CYS M 198 23.07 5.12 -14.45
C CYS M 198 22.98 3.94 -13.50
N LYS M 199 22.73 2.75 -14.05
CA LYS M 199 22.66 1.54 -13.27
C LYS M 199 23.23 0.37 -14.06
N ILE M 200 24.27 -0.25 -13.51
CA ILE M 200 24.92 -1.39 -14.15
C ILE M 200 23.99 -2.59 -14.02
N VAL M 201 23.56 -3.13 -15.15
CA VAL M 201 22.64 -4.25 -15.14
C VAL M 201 23.23 -5.53 -15.67
N VAL M 202 22.44 -6.57 -15.60
CA VAL M 202 22.85 -7.82 -16.15
C VAL M 202 22.09 -7.88 -17.46
N PRO M 203 22.81 -7.80 -18.59
CA PRO M 203 22.21 -7.82 -19.93
C PRO M 203 20.96 -8.66 -20.07
N SER M 204 21.10 -9.93 -19.71
CA SER M 204 20.00 -10.88 -19.79
C SER M 204 18.63 -10.35 -19.31
N SER M 205 18.56 -9.99 -18.03
CA SER M 205 17.31 -9.54 -17.44
C SER M 205 17.24 -8.08 -17.07
N LEU M 206 18.25 -7.31 -17.46
CA LEU M 206 18.26 -5.89 -17.12
C LEU M 206 18.11 -5.70 -15.61
N PHE M 207 18.46 -6.74 -14.86
CA PHE M 207 18.36 -6.67 -13.44
C PHE M 207 19.56 -5.86 -12.93
N VAL M 208 19.25 -4.88 -12.09
CA VAL M 208 20.24 -3.98 -11.47
C VAL M 208 21.35 -4.59 -10.61
N CYS M 209 22.54 -4.74 -11.17
CA CYS M 209 23.65 -5.30 -10.41
C CYS M 209 24.23 -4.27 -9.47
N ALA M 210 24.17 -3.00 -9.88
CA ALA M 210 24.70 -1.90 -9.08
C ALA M 210 24.18 -0.58 -9.65
N HIS M 211 24.23 0.47 -8.83
CA HIS M 211 23.74 1.79 -9.24
C HIS M 211 24.78 2.89 -8.99
N PHE M 212 24.85 3.84 -9.91
CA PHE M 212 25.79 4.98 -9.75
C PHE M 212 25.24 6.21 -10.47
N ASN M 213 25.14 7.31 -9.73
CA ASN M 213 24.63 8.56 -10.26
C ASN M 213 25.79 9.20 -10.98
N ALA M 214 25.68 9.41 -12.28
CA ALA M 214 26.80 9.93 -13.04
C ALA M 214 26.77 11.37 -13.54
N GLN M 215 27.98 11.86 -13.82
CA GLN M 215 28.20 13.20 -14.36
C GLN M 215 29.09 13.00 -15.56
N ARG M 216 29.14 14.02 -16.40
CA ARG M 216 29.90 13.94 -17.62
C ARG M 216 31.20 14.65 -17.64
N TYR M 217 32.16 14.03 -18.32
CA TYR M 217 33.50 14.55 -18.59
C TYR M 217 34.58 13.54 -18.85
N LEU N 1 28.51 81.54 -15.17
CA LEU N 1 27.31 81.04 -15.90
C LEU N 1 26.30 80.48 -14.90
N ASP N 2 25.69 81.39 -14.13
CA ASP N 2 24.71 81.06 -13.10
C ASP N 2 23.58 80.10 -13.48
N PRO N 3 23.13 80.12 -14.75
CA PRO N 3 22.04 79.22 -15.17
C PRO N 3 22.43 77.74 -15.37
N ARG N 4 23.39 77.49 -16.27
CA ARG N 4 23.81 76.11 -16.54
C ARG N 4 24.39 75.42 -15.30
N LEU N 5 24.87 76.20 -14.34
CA LEU N 5 25.43 75.66 -13.11
C LEU N 5 24.42 75.58 -11.97
N GLY N 6 23.54 76.59 -11.91
CA GLY N 6 22.52 76.61 -10.87
C GLY N 6 21.39 75.65 -11.20
N ALA N 7 21.34 75.21 -12.46
CA ALA N 7 20.32 74.28 -12.92
C ALA N 7 20.89 72.85 -12.88
N ASN N 8 22.20 72.75 -13.08
CA ASN N 8 22.88 71.45 -13.06
C ASN N 8 22.69 70.86 -11.67
N ALA N 9 22.05 71.64 -10.79
CA ALA N 9 21.78 71.21 -9.42
C ALA N 9 20.44 70.47 -9.37
N PHE N 10 19.40 71.04 -10.00
CA PHE N 10 18.10 70.40 -10.03
C PHE N 10 18.28 69.03 -10.63
N LEU N 11 19.44 68.83 -11.24
CA LEU N 11 19.80 67.56 -11.86
C LEU N 11 20.40 66.64 -10.79
N ILE N 12 21.20 67.23 -9.91
CA ILE N 12 21.83 66.48 -8.85
C ILE N 12 20.85 66.15 -7.73
N ILE N 13 20.00 67.11 -7.39
CA ILE N 13 19.02 66.88 -6.35
C ILE N 13 18.24 65.61 -6.68
N ARG N 14 18.05 65.38 -7.99
CA ARG N 14 17.34 64.20 -8.44
C ARG N 14 18.07 62.96 -7.95
N LEU N 15 19.34 62.85 -8.30
CA LEU N 15 20.13 61.70 -7.89
C LEU N 15 20.05 61.47 -6.39
N ASP N 16 19.78 62.53 -5.63
CA ASP N 16 19.69 62.42 -4.18
C ASP N 16 18.45 61.62 -3.78
N ARG N 17 17.32 61.92 -4.40
CA ARG N 17 16.09 61.19 -4.10
C ARG N 17 16.26 59.78 -4.66
N ILE N 18 16.84 59.68 -5.85
CA ILE N 18 17.06 58.40 -6.50
C ILE N 18 17.89 57.46 -5.64
N ILE N 19 19.10 57.92 -5.31
CA ILE N 19 20.00 57.14 -4.50
C ILE N 19 19.29 56.68 -3.23
N GLU N 20 18.44 57.53 -2.67
CA GLU N 20 17.71 57.20 -1.45
C GLU N 20 16.70 56.09 -1.69
N LYS N 21 15.83 56.28 -2.68
CA LYS N 21 14.81 55.30 -3.03
C LYS N 21 15.52 53.99 -3.32
N LEU N 22 16.70 54.10 -3.91
CA LEU N 22 17.52 52.95 -4.27
C LEU N 22 17.91 52.16 -3.03
N ARG N 23 18.04 52.85 -1.89
CA ARG N 23 18.39 52.20 -0.63
C ARG N 23 17.24 51.28 -0.23
N THR N 24 16.02 51.76 -0.40
CA THR N 24 14.83 50.99 -0.07
C THR N 24 14.78 49.70 -0.89
N LYS N 25 15.16 49.79 -2.16
CA LYS N 25 15.15 48.63 -3.04
C LYS N 25 16.18 47.60 -2.60
N LEU N 26 17.34 48.07 -2.17
CA LEU N 26 18.38 47.16 -1.73
C LEU N 26 17.92 46.45 -0.46
N ASP N 27 16.92 47.03 0.21
CA ASP N 27 16.39 46.44 1.44
C ASP N 27 15.37 45.38 1.06
N GLU N 28 14.59 45.66 0.01
CA GLU N 28 13.59 44.72 -0.48
C GLU N 28 14.30 43.52 -1.08
N ALA N 29 15.41 43.79 -1.75
CA ALA N 29 16.21 42.76 -2.41
C ALA N 29 16.82 41.73 -1.46
N GLU N 30 17.17 42.17 -0.26
CA GLU N 30 17.78 41.27 0.72
C GLU N 30 16.76 40.25 1.25
N LYS N 31 15.48 40.58 1.13
CA LYS N 31 14.39 39.72 1.60
C LYS N 31 14.08 38.60 0.61
N ILE N 32 14.24 38.89 -0.67
CA ILE N 32 13.99 37.91 -1.70
C ILE N 32 15.31 37.31 -2.18
N ASP N 33 15.85 36.38 -1.41
CA ASP N 33 17.11 35.75 -1.77
C ASP N 33 16.87 34.49 -2.58
N PRO N 34 17.45 34.43 -3.79
CA PRO N 34 17.32 33.29 -4.72
C PRO N 34 18.16 32.08 -4.33
N GLU N 35 19.48 32.25 -4.28
CA GLU N 35 20.36 31.13 -3.93
C GLU N 35 19.90 30.44 -2.64
N HIS N 36 19.09 31.14 -1.86
CA HIS N 36 18.56 30.61 -0.62
C HIS N 36 17.28 29.84 -0.92
N PHE N 37 16.34 30.51 -1.56
CA PHE N 37 15.07 29.89 -1.93
C PHE N 37 15.32 28.56 -2.66
N VAL N 38 16.15 28.61 -3.69
CA VAL N 38 16.45 27.40 -4.46
C VAL N 38 16.86 26.30 -3.49
N SER N 39 17.73 26.62 -2.54
CA SER N 39 18.18 25.65 -1.57
C SER N 39 17.01 25.07 -0.79
N GLU N 40 16.01 25.91 -0.50
CA GLU N 40 14.84 25.43 0.23
C GLU N 40 14.13 24.36 -0.58
N ILE N 41 14.00 24.61 -1.89
CA ILE N 41 13.35 23.63 -2.73
C ILE N 41 14.20 22.38 -2.81
N ASP N 42 15.50 22.53 -3.05
CA ASP N 42 16.35 21.35 -3.11
C ASP N 42 16.06 20.47 -1.90
N ALA N 43 16.32 21.00 -0.72
CA ALA N 43 16.09 20.26 0.50
C ALA N 43 14.65 19.77 0.57
N ARG N 44 13.71 20.65 0.23
CA ARG N 44 12.30 20.30 0.28
C ARG N 44 12.01 19.03 -0.55
N VAL N 45 12.64 18.96 -1.71
CA VAL N 45 12.47 17.85 -2.61
C VAL N 45 13.27 16.67 -2.19
N THR N 46 14.53 16.88 -1.84
CA THR N 46 15.37 15.77 -1.41
C THR N 46 14.64 15.01 -0.31
N LYS N 47 13.87 15.75 0.48
CA LYS N 47 13.08 15.19 1.58
C LYS N 47 12.05 14.20 1.05
N ILE N 48 11.54 14.44 -0.15
CA ILE N 48 10.56 13.57 -0.77
C ILE N 48 11.25 12.40 -1.41
N GLU N 49 12.33 12.70 -2.13
CA GLU N 49 13.11 11.68 -2.82
C GLU N 49 13.68 10.77 -1.75
N GLY N 50 14.12 11.38 -0.65
CA GLY N 50 14.67 10.63 0.45
C GLY N 50 16.08 10.13 0.19
N THR N 51 17.02 10.46 1.07
CA THR N 51 18.40 10.00 0.91
C THR N 51 18.34 8.52 0.62
N HIS N 52 19.20 8.06 -0.27
CA HIS N 52 19.18 6.65 -0.60
C HIS N 52 19.90 5.79 0.42
N CYS N 53 20.10 6.35 1.62
CA CYS N 53 20.77 5.60 2.68
C CYS N 53 19.83 5.23 3.80
N GLU N 54 20.07 4.06 4.39
CA GLU N 54 19.24 3.57 5.49
C GLU N 54 19.32 4.52 6.69
N LYS N 55 18.31 4.46 7.55
CA LYS N 55 18.22 5.30 8.74
C LYS N 55 19.56 5.32 9.46
N ARG N 56 19.95 6.47 10.01
CA ARG N 56 21.22 6.62 10.74
C ARG N 56 22.46 6.58 9.84
N THR N 57 22.30 6.95 8.58
CA THR N 57 23.41 6.95 7.65
C THR N 57 23.48 8.27 6.91
N PHE N 58 24.68 8.63 6.48
CA PHE N 58 24.91 9.90 5.79
C PHE N 58 25.19 9.75 4.31
N GLN N 59 24.38 10.43 3.49
CA GLN N 59 24.51 10.38 2.05
C GLN N 59 25.53 11.36 1.55
N CYS N 60 26.45 10.90 0.73
CA CYS N 60 27.49 11.79 0.22
C CYS N 60 27.24 12.39 -1.15
N GLY N 61 28.02 13.40 -1.49
CA GLY N 61 27.91 14.10 -2.76
C GLY N 61 27.13 13.45 -3.88
N GLY N 62 26.20 14.20 -4.46
CA GLY N 62 25.38 13.68 -5.53
C GLY N 62 26.14 13.02 -6.69
N ASN N 63 27.47 13.08 -6.69
CA ASN N 63 28.24 12.46 -7.77
C ASN N 63 28.81 11.09 -7.38
N GLU N 64 29.46 11.04 -6.23
CA GLU N 64 30.04 9.80 -5.73
C GLU N 64 29.17 9.36 -4.53
N GLN N 65 27.90 9.04 -4.84
CA GLN N 65 26.92 8.61 -3.83
C GLN N 65 27.37 7.38 -3.04
N GLU N 66 27.23 7.44 -1.73
CA GLU N 66 27.65 6.36 -0.88
C GLU N 66 27.23 6.63 0.58
N CYS N 67 26.89 5.59 1.32
CA CYS N 67 26.44 5.71 2.72
C CYS N 67 27.50 5.63 3.84
N ILE N 68 27.39 6.54 4.82
CA ILE N 68 28.32 6.55 5.96
C ILE N 68 27.58 6.60 7.28
N SER N 69 28.05 5.84 8.26
CA SER N 69 27.38 5.85 9.56
C SER N 69 27.56 7.18 10.24
N ASP N 70 26.49 7.74 10.77
CA ASP N 70 26.63 9.02 11.44
C ASP N 70 27.56 9.03 12.65
N LEU N 71 28.30 7.96 12.89
CA LEU N 71 29.24 7.94 13.99
C LEU N 71 30.53 8.52 13.41
N LEU N 72 30.46 8.83 12.12
CA LEU N 72 31.58 9.39 11.39
C LEU N 72 31.06 10.61 10.70
N VAL N 73 29.73 10.78 10.70
CA VAL N 73 29.05 11.92 10.10
C VAL N 73 30.03 13.06 9.86
N CYS N 74 30.61 13.55 10.95
CA CYS N 74 31.59 14.62 10.91
C CYS N 74 32.62 14.41 12.03
N ASP N 75 33.43 13.38 11.91
CA ASP N 75 34.42 13.02 12.94
C ASP N 75 35.84 13.51 12.79
N GLY N 76 36.16 14.06 11.62
CA GLY N 76 37.51 14.56 11.41
C GLY N 76 38.34 13.73 10.45
N HIS N 77 37.87 12.52 10.13
CA HIS N 77 38.58 11.66 9.21
C HIS N 77 37.80 11.48 7.92
N LYS N 78 38.45 11.71 6.79
CA LYS N 78 37.80 11.59 5.50
C LYS N 78 37.23 10.18 5.31
N ASP N 79 35.90 10.04 5.40
CA ASP N 79 35.25 8.76 5.24
C ASP N 79 34.55 8.53 3.91
N CYS N 80 34.07 9.58 3.28
CA CYS N 80 33.42 9.44 1.98
C CYS N 80 34.41 9.68 0.87
N HIS N 81 34.14 9.13 -0.30
CA HIS N 81 35.04 9.30 -1.42
C HIS N 81 35.21 10.78 -1.78
N ASN N 82 34.14 11.56 -1.64
CA ASN N 82 34.20 12.97 -1.95
C ASN N 82 34.47 13.78 -0.70
N ALA N 83 34.64 13.08 0.41
CA ALA N 83 34.91 13.72 1.71
C ALA N 83 33.80 14.64 2.15
N HIS N 84 32.63 14.54 1.51
CA HIS N 84 31.50 15.40 1.82
C HIS N 84 31.12 15.22 3.27
N ASP N 85 31.68 14.21 3.92
CA ASP N 85 31.38 13.99 5.31
C ASP N 85 32.38 14.70 6.18
N GLU N 86 32.88 15.84 5.73
CA GLU N 86 33.82 16.61 6.52
C GLU N 86 33.82 17.99 5.91
N ASP N 87 33.01 18.15 4.87
CA ASP N 87 32.84 19.41 4.19
C ASP N 87 32.45 20.40 5.28
N PRO N 88 33.17 21.51 5.40
CA PRO N 88 32.83 22.49 6.43
C PRO N 88 31.34 22.77 6.57
N ASP N 89 30.73 23.24 5.50
CA ASP N 89 29.30 23.58 5.50
C ASP N 89 28.34 22.53 6.11
N VAL N 90 28.79 21.28 6.21
CA VAL N 90 27.95 20.25 6.78
C VAL N 90 28.03 20.31 8.28
N CYS N 91 29.20 20.68 8.75
CA CYS N 91 29.49 20.74 10.17
C CYS N 91 29.75 22.16 10.63
N ASP N 92 28.78 23.02 10.38
CA ASP N 92 28.87 24.40 10.80
C ASP N 92 28.40 24.28 12.23
N THR N 93 29.25 24.63 13.18
CA THR N 93 28.88 24.54 14.58
C THR N 93 27.81 25.59 14.88
N SER N 94 27.85 26.67 14.12
CA SER N 94 26.94 27.78 14.30
C SER N 94 25.45 27.44 14.31
N VAL N 95 25.06 26.33 13.69
CA VAL N 95 23.61 26.01 13.66
C VAL N 95 23.03 26.10 15.07
N VAL N 96 23.77 25.50 16.00
CA VAL N 96 23.37 25.46 17.38
C VAL N 96 24.45 26.11 18.25
N LYS N 97 24.84 27.32 17.89
CA LYS N 97 25.84 28.03 18.65
C LYS N 97 25.16 28.42 19.94
N ALA N 98 25.89 28.37 21.05
CA ALA N 98 25.31 28.74 22.33
C ALA N 98 24.83 30.18 22.17
N GLY N 99 23.62 30.47 22.62
CA GLY N 99 23.13 31.83 22.50
C GLY N 99 22.13 32.00 21.36
N ASN N 100 22.03 31.00 20.50
CA ASN N 100 21.07 31.06 19.41
C ASN N 100 19.70 30.84 20.03
N VAL N 101 18.71 31.56 19.51
CA VAL N 101 17.37 31.43 20.01
C VAL N 101 16.39 31.14 18.90
N PHE N 102 15.56 30.13 19.09
CA PHE N 102 14.58 29.76 18.10
C PHE N 102 13.16 29.88 18.68
N SER N 103 12.28 30.55 17.94
CA SER N 103 10.92 30.73 18.39
C SER N 103 10.02 30.22 17.29
N GLY N 104 8.73 30.13 17.60
CA GLY N 104 7.78 29.67 16.61
C GLY N 104 6.53 29.18 17.30
N THR N 105 5.51 28.93 16.50
CA THR N 105 4.24 28.45 17.03
C THR N 105 4.17 26.93 17.13
N SER N 106 3.71 26.47 18.27
CA SER N 106 3.58 25.06 18.56
C SER N 106 2.10 24.72 18.50
N THR N 107 1.69 24.05 17.43
CA THR N 107 0.30 23.64 17.27
C THR N 107 0.22 22.24 17.86
N TRP N 108 -0.70 22.06 18.80
CA TRP N 108 -0.84 20.76 19.45
C TRP N 108 -1.94 19.89 18.88
N HIS N 109 -1.60 18.61 18.70
CA HIS N 109 -2.51 17.61 18.13
C HIS N 109 -2.32 16.24 18.75
N GLY N 110 -1.59 16.15 19.86
CA GLY N 110 -1.38 14.83 20.41
C GLY N 110 -1.45 14.53 21.89
N CYS N 111 -0.78 15.29 22.74
CA CYS N 111 -0.80 14.94 24.14
C CYS N 111 -1.10 16.05 25.12
N LEU N 112 -1.80 17.08 24.67
CA LEU N 112 -2.12 18.20 25.55
C LEU N 112 -3.25 19.07 25.01
N ALA N 113 -4.15 19.50 25.87
CA ALA N 113 -5.24 20.34 25.43
C ALA N 113 -4.79 21.79 25.44
N ARG N 114 -3.73 22.07 24.68
CA ARG N 114 -3.19 23.44 24.63
C ARG N 114 -3.64 24.23 23.40
N GLU N 115 -3.85 25.52 23.60
CA GLU N 115 -4.23 26.41 22.52
C GLU N 115 -2.96 26.75 21.77
N ASP N 116 -3.05 26.92 20.46
CA ASP N 116 -1.89 27.27 19.65
C ASP N 116 -1.05 28.35 20.36
N HIS N 117 0.06 27.95 20.96
CA HIS N 117 0.91 28.89 21.65
C HIS N 117 2.28 28.91 21.03
N VAL N 118 3.19 29.66 21.60
CA VAL N 118 4.54 29.75 21.08
C VAL N 118 5.57 29.09 22.00
N THR N 119 6.62 28.55 21.41
CA THR N 119 7.69 27.90 22.17
C THR N 119 8.94 28.68 21.83
N ARG N 120 9.89 28.73 22.76
CA ARG N 120 11.11 29.47 22.52
C ARG N 120 12.31 28.68 22.97
N ILE N 121 12.92 27.95 22.05
CA ILE N 121 14.08 27.14 22.34
C ILE N 121 15.31 28.01 22.24
N THR N 122 16.09 28.07 23.31
CA THR N 122 17.30 28.88 23.33
C THR N 122 18.47 28.08 23.90
N ILE N 123 19.51 27.92 23.08
CA ILE N 123 20.68 27.16 23.48
C ILE N 123 21.44 27.79 24.60
N THR N 124 21.54 27.09 25.73
CA THR N 124 22.26 27.58 26.90
C THR N 124 23.77 27.40 26.73
N ALA N 125 24.22 26.15 26.56
CA ALA N 125 25.64 25.83 26.39
C ALA N 125 25.88 24.76 25.32
N SER N 126 27.14 24.53 24.97
CA SER N 126 27.48 23.56 23.94
C SER N 126 28.91 23.06 23.95
N LYS N 127 29.14 21.84 24.44
CA LYS N 127 30.48 21.24 24.48
C LYS N 127 30.68 20.33 23.27
N ARG N 128 31.92 20.17 22.84
CA ARG N 128 32.23 19.29 21.70
C ARG N 128 33.50 18.50 21.98
N ARG N 129 33.36 17.31 22.57
CA ARG N 129 34.50 16.45 22.92
C ARG N 129 35.55 16.39 21.81
N LYS N 130 36.76 16.88 22.09
CA LYS N 130 37.84 16.89 21.11
C LYS N 130 38.26 15.52 20.62
N PHE N 131 37.84 14.47 21.31
CA PHE N 131 38.18 13.10 20.91
C PHE N 131 36.99 12.38 20.27
N PHE N 132 35.91 13.13 20.04
CA PHE N 132 34.69 12.61 19.43
C PHE N 132 33.88 13.81 18.92
N THR N 133 34.24 14.30 17.73
CA THR N 133 33.59 15.47 17.15
C THR N 133 32.25 15.24 16.52
N ALA N 134 31.96 14.01 16.13
CA ALA N 134 30.69 13.69 15.47
C ALA N 134 29.41 14.19 16.14
N ARG N 135 29.52 14.81 17.31
CA ARG N 135 28.33 15.31 18.02
C ARG N 135 28.56 16.57 18.87
N ILE N 136 27.58 17.45 18.85
CA ILE N 136 27.65 18.66 19.65
C ILE N 136 26.71 18.45 20.84
N TRP N 137 27.27 18.31 22.02
CA TRP N 137 26.43 18.12 23.19
C TRP N 137 26.01 19.49 23.64
N LEU N 138 24.76 19.63 24.08
CA LEU N 138 24.31 20.95 24.50
C LEU N 138 23.16 21.01 25.49
N ARG N 139 23.11 22.12 26.22
CA ARG N 139 22.07 22.39 27.20
C ARG N 139 21.27 23.54 26.61
N ALA N 140 19.98 23.58 26.90
CA ALA N 140 19.15 24.65 26.38
C ALA N 140 17.94 24.91 27.23
N LEU N 141 17.31 26.05 26.99
CA LEU N 141 16.15 26.47 27.75
C LEU N 141 14.92 26.55 26.91
N VAL N 142 13.91 25.77 27.26
CA VAL N 142 12.68 25.77 26.49
C VAL N 142 11.58 26.49 27.24
N GLU N 143 11.03 27.54 26.64
CA GLU N 143 9.96 28.31 27.27
C GLU N 143 8.72 28.24 26.40
N SER N 144 7.55 28.32 27.01
CA SER N 144 6.30 28.27 26.24
C SER N 144 5.27 29.27 26.75
N GLU N 145 5.24 30.45 26.13
CA GLU N 145 4.30 31.49 26.52
C GLU N 145 2.89 31.10 26.12
N LEU N 146 2.17 30.46 27.04
CA LEU N 146 0.80 30.03 26.78
C LEU N 146 -0.18 30.60 27.79
N GLU N 147 -1.43 30.73 27.36
CA GLU N 147 -2.48 31.26 28.21
C GLU N 147 -3.25 30.15 28.91
N ARG N 148 -3.42 30.31 30.22
CA ARG N 148 -4.15 29.35 31.05
C ARG N 148 -5.26 30.05 31.79
N HIS N 149 -5.64 29.47 32.93
CA HIS N 149 -6.70 30.02 33.77
C HIS N 149 -6.39 31.50 34.05
N GLY N 150 -7.02 32.40 33.30
CA GLY N 150 -6.79 33.82 33.52
C GLY N 150 -5.94 34.55 32.47
N GLU N 151 -4.69 34.84 32.82
CA GLU N 151 -3.78 35.55 31.92
C GLU N 151 -2.59 34.75 31.38
N ASN N 152 -1.62 35.49 30.84
CA ASN N 152 -0.40 34.94 30.27
C ASN N 152 0.52 34.30 31.31
N VAL N 153 0.87 33.03 31.10
CA VAL N 153 1.74 32.29 31.99
C VAL N 153 2.95 31.85 31.17
N THR N 154 3.92 31.23 31.82
CA THR N 154 5.11 30.75 31.12
C THR N 154 5.55 29.41 31.67
N SER N 155 5.43 28.36 30.86
CA SER N 155 5.83 27.01 31.25
C SER N 155 7.15 26.68 30.60
N SER N 156 8.22 26.84 31.38
CA SER N 156 9.56 26.59 30.87
C SER N 156 10.28 25.50 31.65
N PHE N 157 11.38 25.01 31.05
CA PHE N 157 12.20 23.96 31.65
C PHE N 157 13.57 23.89 31.01
N ASN N 158 14.53 23.37 31.76
CA ASN N 158 15.89 23.26 31.28
C ASN N 158 16.05 21.93 30.57
N ALA N 159 16.83 21.92 29.49
CA ALA N 159 17.03 20.71 28.72
C ALA N 159 18.48 20.42 28.40
N LYS N 160 18.76 19.15 28.14
CA LYS N 160 20.10 18.69 27.77
C LYS N 160 19.90 17.82 26.54
N GLY N 161 20.89 17.78 25.67
CA GLY N 161 20.77 16.99 24.47
C GLY N 161 21.98 17.07 23.55
N TYR N 162 21.75 16.83 22.27
CA TYR N 162 22.82 16.87 21.30
C TYR N 162 22.37 17.26 19.89
N TYR N 163 23.34 17.60 19.06
CA TYR N 163 23.08 17.97 17.67
C TYR N 163 23.89 17.03 16.81
N ASN N 164 23.22 16.47 15.81
CA ASN N 164 23.86 15.53 14.92
C ASN N 164 23.96 16.11 13.53
N PHE N 165 25.19 16.33 13.07
CA PHE N 165 25.43 16.92 11.75
C PHE N 165 24.79 16.13 10.63
N ALA N 166 25.02 14.84 10.65
CA ALA N 166 24.51 13.95 9.63
C ALA N 166 23.06 14.22 9.30
N SER N 167 22.22 14.32 10.31
CA SER N 167 20.81 14.53 10.08
C SER N 167 20.38 15.94 10.42
N ARG N 168 21.31 16.75 10.87
CA ARG N 168 21.00 18.12 11.28
C ARG N 168 19.84 18.12 12.25
N ARG N 169 19.82 17.09 13.12
CA ARG N 169 18.78 16.92 14.14
C ARG N 169 19.29 17.48 15.44
N LEU N 170 18.39 18.09 16.18
CA LEU N 170 18.73 18.68 17.46
C LEU N 170 17.78 18.00 18.42
N ILE N 171 18.28 17.24 19.39
CA ILE N 171 17.37 16.61 20.35
C ILE N 171 17.54 17.21 21.71
N LEU N 172 16.44 17.67 22.29
CA LEU N 172 16.48 18.27 23.59
C LEU N 172 15.56 17.57 24.56
N LEU N 173 16.17 16.96 25.58
CA LEU N 173 15.43 16.24 26.60
C LEU N 173 15.42 17.06 27.85
N PRO N 174 14.41 16.87 28.70
CA PRO N 174 14.32 17.62 29.94
C PRO N 174 15.39 17.19 30.94
N THR N 175 15.93 18.14 31.70
CA THR N 175 16.96 17.84 32.69
C THR N 175 16.29 17.23 33.91
N ASP N 176 15.73 16.05 33.70
CA ASP N 176 15.03 15.30 34.72
C ASP N 176 13.96 16.11 35.45
N ASP N 177 13.57 17.25 34.88
CA ASP N 177 12.54 18.06 35.46
C ASP N 177 11.32 17.17 35.64
N HIS N 178 11.15 16.69 36.86
CA HIS N 178 10.05 15.79 37.24
C HIS N 178 8.63 16.36 37.09
N ASP N 179 8.48 17.40 36.27
CA ASP N 179 7.19 18.03 36.01
C ASP N 179 6.58 17.47 34.72
N ASP N 180 7.27 16.50 34.12
CA ASP N 180 6.84 15.84 32.90
C ASP N 180 6.66 16.77 31.71
N HIS N 181 7.78 17.10 31.07
CA HIS N 181 7.76 17.98 29.90
C HIS N 181 8.09 17.14 28.66
N LEU N 182 7.51 17.50 27.53
CA LEU N 182 7.76 16.77 26.30
C LEU N 182 9.05 17.19 25.64
N ALA N 183 9.92 16.22 25.44
CA ALA N 183 11.19 16.47 24.80
C ALA N 183 10.92 17.09 23.43
N VAL N 184 11.73 18.06 23.06
CA VAL N 184 11.58 18.73 21.78
C VAL N 184 12.60 18.16 20.82
N VAL N 185 12.25 18.14 19.54
CA VAL N 185 13.13 17.61 18.51
C VAL N 185 13.03 18.43 17.24
N CYS N 186 14.16 18.96 16.81
CA CYS N 186 14.21 19.77 15.62
C CYS N 186 15.15 19.25 14.56
N SER N 187 14.74 19.44 13.31
CA SER N 187 15.54 19.06 12.16
C SER N 187 15.75 20.36 11.38
N PHE N 188 16.97 20.64 10.95
CA PHE N 188 17.23 21.85 10.20
C PHE N 188 17.23 21.61 8.70
N ASN N 189 16.21 20.89 8.25
CA ASN N 189 16.04 20.57 6.85
C ASN N 189 15.22 21.68 6.25
N ARG N 190 15.90 22.65 5.67
CA ARG N 190 15.20 23.76 5.04
C ARG N 190 16.18 24.49 4.15
N GLY N 191 17.40 23.97 4.07
CA GLY N 191 18.42 24.56 3.22
C GLY N 191 19.28 25.59 3.91
N ASP N 192 19.00 25.87 5.17
CA ASP N 192 19.77 26.86 5.92
C ASP N 192 19.92 26.47 7.37
N ASN N 193 20.60 27.32 8.13
CA ASN N 193 20.84 27.07 9.54
C ASN N 193 19.92 27.97 10.37
N GLU N 194 19.05 28.70 9.69
CA GLU N 194 18.14 29.61 10.37
C GLU N 194 16.82 28.98 10.79
N ARG N 195 16.26 28.14 9.93
CA ARG N 195 14.96 27.52 10.22
C ARG N 195 15.02 26.03 10.46
N ALA N 196 14.11 25.54 11.30
CA ALA N 196 14.07 24.12 11.60
C ALA N 196 12.65 23.66 11.83
N GLU N 197 12.43 22.36 11.62
CA GLU N 197 11.12 21.73 11.79
C GLU N 197 11.20 20.94 13.06
N CYS N 198 10.34 21.26 14.02
CA CYS N 198 10.35 20.55 15.30
C CYS N 198 9.06 19.84 15.68
N HIS N 199 9.16 19.02 16.72
CA HIS N 199 8.03 18.28 17.23
C HIS N 199 8.26 18.02 18.69
N ARG N 200 7.20 18.03 19.48
CA ARG N 200 7.33 17.73 20.90
C ARG N 200 7.03 16.25 20.92
N VAL N 201 7.80 15.48 21.68
CA VAL N 201 7.57 14.05 21.70
C VAL N 201 7.85 13.39 23.02
N THR N 202 7.42 12.14 23.16
CA THR N 202 7.67 11.36 24.36
C THR N 202 9.03 10.73 24.14
N GLU N 203 9.95 10.93 25.07
CA GLU N 203 11.30 10.39 24.96
C GLU N 203 11.34 8.90 24.63
N ALA N 204 10.31 8.17 25.06
CA ALA N 204 10.23 6.74 24.83
C ALA N 204 9.90 6.37 23.40
N THR N 205 8.65 6.56 23.01
CA THR N 205 8.18 6.22 21.66
C THR N 205 8.56 7.23 20.58
N LEU N 206 8.88 8.45 20.99
CA LEU N 206 9.24 9.50 20.05
C LEU N 206 7.98 9.86 19.27
N HIS N 207 6.82 9.48 19.84
CA HIS N 207 5.52 9.76 19.27
C HIS N 207 5.36 11.27 19.23
N GLN N 208 4.85 11.79 18.12
CA GLN N 208 4.71 13.22 17.93
C GLN N 208 3.46 13.86 18.52
N CYS N 209 3.65 14.64 19.58
CA CYS N 209 2.54 15.32 20.25
C CYS N 209 2.21 16.66 19.63
N ALA N 210 3.20 17.30 19.00
CA ALA N 210 2.94 18.58 18.39
C ALA N 210 3.94 19.00 17.33
N ASP N 211 3.48 19.86 16.43
CA ASP N 211 4.28 20.39 15.33
C ASP N 211 4.76 21.78 15.71
N LEU N 212 6.04 22.05 15.48
CA LEU N 212 6.60 23.35 15.84
C LEU N 212 7.65 23.79 14.81
N PHE N 213 7.36 24.85 14.07
CA PHE N 213 8.32 25.35 13.10
C PHE N 213 9.01 26.61 13.64
N VAL N 214 10.29 26.47 13.98
CA VAL N 214 11.05 27.56 14.53
C VAL N 214 11.90 28.30 13.53
N THR N 215 12.26 29.49 13.93
CA THR N 215 13.09 30.38 13.14
C THR N 215 14.05 31.07 14.10
N LEU N 216 15.30 31.21 13.68
CA LEU N 216 16.29 31.85 14.50
C LEU N 216 15.98 33.34 14.61
N GLU N 217 15.89 33.86 15.83
CA GLU N 217 15.60 35.29 16.05
C GLU N 217 16.76 36.21 15.66
N GLU N 218 16.46 37.33 14.98
CA GLU N 218 17.47 38.28 14.55
C GLU N 218 18.04 39.04 15.75
N HIS N 219 19.34 39.34 15.71
CA HIS N 219 20.01 40.07 16.79
C HIS N 219 20.25 41.56 16.47
N ASP N 220 19.17 42.28 16.14
CA ASP N 220 19.24 43.71 15.82
C ASP N 220 17.92 44.44 16.10
N GLN O 1 38.71 77.37 -19.83
CA GLN O 1 39.78 76.83 -18.94
C GLN O 1 39.58 77.29 -17.48
N SER O 2 38.65 78.23 -17.28
CA SER O 2 38.35 78.75 -15.95
C SER O 2 36.83 78.68 -15.68
N HIS O 3 36.08 79.69 -16.13
CA HIS O 3 34.64 79.70 -15.93
C HIS O 3 33.96 78.95 -17.08
N ASP O 4 34.76 78.25 -17.89
CA ASP O 4 34.27 77.48 -19.02
C ASP O 4 34.58 75.99 -18.89
N GLU O 5 35.84 75.65 -18.65
CA GLU O 5 36.27 74.26 -18.52
C GLU O 5 36.09 73.65 -17.12
N ILE O 6 35.94 74.51 -16.11
CA ILE O 6 35.76 74.04 -14.74
C ILE O 6 34.27 73.89 -14.44
N ILE O 7 33.44 74.33 -15.37
CA ILE O 7 31.98 74.24 -15.24
C ILE O 7 31.46 73.03 -16.00
N ASP O 8 32.19 72.62 -17.03
CA ASP O 8 31.83 71.46 -17.85
C ASP O 8 32.54 70.21 -17.34
N LYS O 9 33.11 70.30 -16.15
CA LYS O 9 33.80 69.17 -15.53
C LYS O 9 32.97 68.75 -14.32
N LEU O 10 32.20 69.72 -13.78
CA LEU O 10 31.32 69.50 -12.64
C LEU O 10 29.95 69.20 -13.22
N ILE O 11 29.95 68.79 -14.48
CA ILE O 11 28.74 68.44 -15.20
C ILE O 11 28.94 67.06 -15.82
N GLU O 12 30.06 66.88 -16.53
CA GLU O 12 30.36 65.60 -17.17
C GLU O 12 30.67 64.56 -16.10
N ARG O 13 30.69 65.00 -14.84
CA ARG O 13 30.95 64.13 -13.71
C ARG O 13 29.62 63.82 -13.03
N THR O 14 28.67 64.75 -13.16
CA THR O 14 27.36 64.58 -12.57
C THR O 14 26.69 63.42 -13.28
N ASN O 15 26.94 63.33 -14.58
CA ASN O 15 26.35 62.27 -15.39
C ASN O 15 27.14 60.97 -15.20
N LYS O 16 28.46 61.08 -15.14
CA LYS O 16 29.31 59.91 -14.96
C LYS O 16 28.91 59.10 -13.71
N ILE O 17 28.08 59.70 -12.86
CA ILE O 17 27.60 59.03 -11.66
C ILE O 17 26.15 58.66 -11.84
N THR O 18 25.39 59.57 -12.45
CA THR O 18 23.97 59.35 -12.69
C THR O 18 23.82 58.04 -13.47
N THR O 19 24.93 57.56 -14.04
CA THR O 19 24.92 56.32 -14.79
C THR O 19 25.14 55.17 -13.80
N SER O 20 26.24 55.24 -13.06
CA SER O 20 26.56 54.22 -12.08
C SER O 20 25.39 54.02 -11.14
N ILE O 21 24.58 55.05 -10.99
CA ILE O 21 23.42 54.96 -10.11
C ILE O 21 22.34 54.10 -10.76
N SER O 22 21.78 54.57 -11.86
CA SER O 22 20.74 53.81 -12.54
C SER O 22 21.24 52.44 -12.95
N HIS O 23 22.55 52.28 -13.03
CA HIS O 23 23.14 50.99 -13.37
C HIS O 23 22.78 49.98 -12.29
N VAL O 24 22.91 50.41 -11.04
CA VAL O 24 22.59 49.55 -9.90
C VAL O 24 21.09 49.38 -9.79
N GLU O 25 20.36 50.49 -9.89
CA GLU O 25 18.91 50.46 -9.80
C GLU O 25 18.38 49.40 -10.75
N SER O 26 19.18 49.06 -11.75
CA SER O 26 18.78 48.02 -12.70
C SER O 26 19.05 46.67 -12.07
N LEU O 27 20.28 46.43 -11.65
CA LEU O 27 20.66 45.17 -11.04
C LEU O 27 19.73 44.81 -9.89
N LEU O 28 19.18 45.82 -9.23
CA LEU O 28 18.26 45.61 -8.13
C LEU O 28 16.94 45.16 -8.72
N ASP O 29 16.39 45.96 -9.62
CA ASP O 29 15.13 45.63 -10.25
C ASP O 29 15.16 44.23 -10.84
N ASP O 30 16.35 43.76 -11.19
CA ASP O 30 16.51 42.43 -11.77
C ASP O 30 16.25 41.32 -10.75
N ARG O 31 16.45 41.62 -9.47
CA ARG O 31 16.21 40.62 -8.45
C ARG O 31 14.81 40.76 -7.85
N LEU O 32 14.11 41.83 -8.23
CA LEU O 32 12.76 42.05 -7.74
C LEU O 32 11.77 41.82 -8.88
N ASP O 33 12.33 41.57 -10.06
CA ASP O 33 11.54 41.32 -11.27
C ASP O 33 10.38 40.43 -10.89
N PRO O 34 9.18 41.02 -10.75
CA PRO O 34 7.99 40.25 -10.37
C PRO O 34 7.79 39.01 -11.23
N LYS O 35 8.09 39.12 -12.52
CA LYS O 35 7.93 38.00 -13.44
C LYS O 35 8.78 36.83 -12.95
N ARG O 36 9.89 37.13 -12.29
CA ARG O 36 10.75 36.07 -11.76
C ARG O 36 10.09 35.48 -10.52
N ILE O 37 9.52 36.34 -9.68
CA ILE O 37 8.86 35.93 -8.45
C ILE O 37 7.82 34.86 -8.73
N ARG O 38 6.72 35.25 -9.38
CA ARG O 38 5.67 34.30 -9.69
C ARG O 38 6.24 33.04 -10.31
N LYS O 39 7.07 33.20 -11.32
CA LYS O 39 7.65 32.05 -12.01
C LYS O 39 8.30 31.07 -11.03
N ALA O 40 8.96 31.61 -10.02
CA ALA O 40 9.60 30.77 -9.02
C ALA O 40 8.57 30.27 -8.03
N GLY O 41 7.72 31.18 -7.55
CA GLY O 41 6.67 30.79 -6.63
C GLY O 41 5.84 29.69 -7.24
N SER O 42 5.58 29.82 -8.53
CA SER O 42 4.82 28.82 -9.26
C SER O 42 5.48 27.47 -9.07
N LEU O 43 6.80 27.43 -9.22
CA LEU O 43 7.55 26.19 -9.04
C LEU O 43 7.32 25.66 -7.64
N ARG O 44 7.39 26.56 -6.66
CA ARG O 44 7.16 26.16 -5.27
C ARG O 44 5.88 25.36 -5.20
N HIS O 45 4.80 25.92 -5.76
CA HIS O 45 3.53 25.23 -5.73
C HIS O 45 3.65 23.79 -6.16
N ARG O 46 4.13 23.56 -7.37
CA ARG O 46 4.27 22.20 -7.88
C ARG O 46 4.80 21.26 -6.79
N VAL O 47 5.74 21.75 -6.01
CA VAL O 47 6.32 20.99 -4.92
C VAL O 47 5.32 20.81 -3.79
N GLU O 48 4.68 21.90 -3.36
CA GLU O 48 3.68 21.87 -2.29
C GLU O 48 2.64 20.78 -2.56
N GLU O 49 2.43 20.50 -3.86
CA GLU O 49 1.46 19.50 -4.28
C GLU O 49 1.99 18.07 -4.05
N LEU O 50 3.30 17.89 -4.10
CA LEU O 50 3.89 16.57 -3.89
C LEU O 50 4.02 16.25 -2.40
N GLU O 51 4.26 17.27 -1.59
CA GLU O 51 4.41 17.08 -0.16
C GLU O 51 3.08 16.65 0.46
N ASP O 52 3.16 15.94 1.57
CA ASP O 52 1.93 15.52 2.28
C ASP O 52 1.14 16.80 2.51
N PRO O 53 -0.19 16.70 2.58
CA PRO O 53 -0.99 17.90 2.81
C PRO O 53 -0.54 18.65 4.06
N SER O 54 -0.39 19.97 3.93
CA SER O 54 0.06 20.82 5.03
C SER O 54 -1.04 21.05 6.07
N CYS O 55 -2.29 21.05 5.61
CA CYS O 55 -3.46 21.24 6.48
C CYS O 55 -4.54 20.21 6.17
N ASP O 56 -5.52 20.12 7.06
CA ASP O 56 -6.61 19.17 6.89
C ASP O 56 -7.31 19.33 5.54
N GLU O 57 -8.25 18.43 5.26
CA GLU O 57 -8.99 18.43 4.01
C GLU O 57 -9.63 19.77 3.67
N HIS O 58 -10.40 20.32 4.60
CA HIS O 58 -11.06 21.59 4.35
C HIS O 58 -10.46 22.82 5.03
N GLU O 59 -9.14 22.94 5.00
CA GLU O 59 -8.44 24.06 5.62
C GLU O 59 -7.45 24.72 4.66
N HIS O 60 -7.17 26.01 4.88
CA HIS O 60 -6.27 26.77 4.03
C HIS O 60 -4.97 27.04 4.73
N GLN O 61 -3.87 26.76 4.04
CA GLN O 61 -2.54 26.95 4.60
C GLN O 61 -2.08 28.37 4.37
N CYS O 62 -1.61 29.03 5.41
CA CYS O 62 -1.14 30.40 5.28
C CYS O 62 0.34 30.55 4.96
N GLY O 63 1.06 29.44 4.92
CA GLY O 63 2.47 29.46 4.59
C GLY O 63 3.32 30.39 5.43
N GLY O 64 4.52 30.69 4.92
CA GLY O 64 5.43 31.55 5.65
C GLY O 64 6.37 30.70 6.47
N ASP O 65 7.22 31.33 7.28
CA ASP O 65 8.16 30.57 8.09
C ASP O 65 7.49 30.05 9.37
N ASP O 66 6.19 30.32 9.50
CA ASP O 66 5.40 29.88 10.64
C ASP O 66 3.97 29.65 10.16
N PRO O 67 3.67 28.40 9.78
CA PRO O 67 2.39 27.91 9.26
C PRO O 67 1.19 27.92 10.21
N GLN O 68 0.02 28.13 9.62
CA GLN O 68 -1.22 28.19 10.37
C GLN O 68 -2.37 27.76 9.47
N CYS O 69 -3.15 26.79 9.94
CA CYS O 69 -4.29 26.30 9.19
C CYS O 69 -5.61 26.98 9.61
N ILE O 70 -6.33 27.56 8.65
CA ILE O 70 -7.60 28.19 8.94
C ILE O 70 -8.60 27.62 7.96
N SER O 71 -9.88 27.72 8.27
CA SER O 71 -10.89 27.18 7.36
C SER O 71 -10.99 27.88 6.02
N LYS O 72 -11.12 27.09 4.96
CA LYS O 72 -11.20 27.63 3.61
C LYS O 72 -12.33 28.64 3.50
N LEU O 73 -13.30 28.53 4.39
CA LEU O 73 -14.42 29.44 4.38
C LEU O 73 -14.00 30.82 4.89
N PHE O 74 -12.73 30.95 5.26
CA PHE O 74 -12.26 32.22 5.76
C PHE O 74 -11.37 32.97 4.79
N VAL O 75 -10.85 32.25 3.79
CA VAL O 75 -9.99 32.89 2.82
C VAL O 75 -10.76 33.98 2.11
N CYS O 76 -10.20 35.19 2.08
CA CYS O 76 -10.83 36.34 1.46
C CYS O 76 -12.29 36.50 1.90
N ASP O 77 -12.51 36.73 3.17
CA ASP O 77 -13.85 36.92 3.70
C ASP O 77 -14.02 38.31 4.28
N GLY O 78 -12.90 38.99 4.48
CA GLY O 78 -12.95 40.32 5.04
C GLY O 78 -12.35 40.41 6.43
N HIS O 79 -12.24 39.27 7.10
CA HIS O 79 -11.67 39.22 8.45
C HIS O 79 -10.23 38.69 8.40
N ASN O 80 -9.33 39.26 9.20
CA ASN O 80 -7.94 38.81 9.21
C ASN O 80 -7.85 37.58 10.09
N ASP O 81 -8.02 36.40 9.49
CA ASP O 81 -7.98 35.15 10.26
C ASP O 81 -6.61 34.53 10.48
N CYS O 82 -5.68 34.76 9.56
CA CYS O 82 -4.33 34.23 9.69
C CYS O 82 -3.37 35.23 10.27
N ARG O 83 -2.48 34.76 11.14
CA ARG O 83 -1.50 35.64 11.74
C ARG O 83 -0.81 36.46 10.65
N ASN O 84 -0.23 35.79 9.67
CA ASN O 84 0.46 36.46 8.57
C ASN O 84 -0.48 37.26 7.67
N GLY O 85 -1.71 36.80 7.51
CA GLY O 85 -2.64 37.54 6.68
C GLY O 85 -2.92 36.97 5.29
N GLU O 86 -2.17 35.96 4.86
CA GLU O 86 -2.38 35.36 3.53
C GLU O 86 -3.86 35.26 3.19
N ASP O 87 -4.63 34.74 4.13
CA ASP O 87 -6.06 34.56 3.95
C ASP O 87 -6.78 35.82 3.51
N GLU O 88 -6.04 36.91 3.32
CA GLU O 88 -6.68 38.14 2.93
C GLU O 88 -5.87 39.06 2.06
N LYS O 89 -4.60 38.76 1.82
CA LYS O 89 -3.82 39.67 0.99
C LYS O 89 -3.77 39.37 -0.50
N ASP O 90 -4.21 38.16 -0.88
CA ASP O 90 -4.20 37.78 -2.30
C ASP O 90 -5.61 37.39 -2.75
N CYS O 91 -6.46 38.39 -2.98
CA CYS O 91 -7.83 38.16 -3.40
C CYS O 91 -8.20 38.79 -4.74
N THR O 92 -7.40 38.52 -5.76
CA THR O 92 -7.64 39.04 -7.10
C THR O 92 -8.30 37.96 -7.96
N LEU O 93 -9.44 38.27 -8.55
CA LEU O 93 -10.18 37.33 -9.38
C LEU O 93 -9.58 37.26 -10.79
N PRO O 94 -9.06 36.10 -11.18
CA PRO O 94 -8.44 35.86 -12.48
C PRO O 94 -9.38 35.89 -13.65
N THR O 95 -10.38 35.02 -13.61
CA THR O 95 -11.35 34.94 -14.69
C THR O 95 -12.47 35.93 -14.47
N LYS O 96 -12.27 37.18 -14.91
CA LYS O 96 -13.29 38.21 -14.75
C LYS O 96 -13.87 38.64 -16.09
N ALA O 97 -15.16 38.97 -16.06
CA ALA O 97 -15.92 39.38 -17.21
C ALA O 97 -15.12 40.02 -18.33
N GLY O 98 -15.29 39.49 -19.54
CA GLY O 98 -14.59 40.01 -20.69
C GLY O 98 -13.44 39.11 -21.09
N ASP O 99 -12.80 38.50 -20.10
CA ASP O 99 -11.67 37.62 -20.34
C ASP O 99 -12.02 36.37 -21.15
N LYS O 100 -11.07 35.90 -21.95
CA LYS O 100 -11.24 34.71 -22.77
C LYS O 100 -10.05 33.79 -22.57
N PHE O 101 -10.29 32.49 -22.51
CA PHE O 101 -9.24 31.50 -22.32
C PHE O 101 -9.33 30.42 -23.37
N ILE O 102 -8.22 30.15 -24.03
CA ILE O 102 -8.17 29.12 -25.05
C ILE O 102 -7.54 27.84 -24.51
N GLY O 103 -8.26 26.74 -24.62
CA GLY O 103 -7.72 25.50 -24.11
C GLY O 103 -7.23 24.58 -25.21
N ASP O 104 -6.06 24.01 -25.01
CA ASP O 104 -5.50 23.07 -25.98
C ASP O 104 -5.69 21.67 -25.36
N VAL O 105 -6.39 20.80 -26.08
CA VAL O 105 -6.67 19.46 -25.59
C VAL O 105 -5.37 18.70 -25.50
N CYS O 106 -5.40 17.59 -24.77
CA CYS O 106 -4.21 16.77 -24.65
C CYS O 106 -4.58 15.41 -24.07
N PHE O 107 -5.86 15.17 -23.86
CA PHE O 107 -6.32 13.94 -23.25
C PHE O 107 -7.82 14.09 -23.16
N ASP O 108 -8.54 13.51 -24.11
CA ASP O 108 -9.98 13.62 -24.14
C ASP O 108 -10.65 12.27 -24.31
N HIS O 109 -11.33 11.83 -23.26
CA HIS O 109 -12.01 10.56 -23.23
C HIS O 109 -13.50 10.70 -22.95
N CYS O 110 -14.07 11.88 -23.16
CA CYS O 110 -15.49 12.02 -22.88
C CYS O 110 -16.23 13.08 -23.66
N THR O 111 -15.62 14.25 -23.87
CA THR O 111 -16.30 15.30 -24.61
C THR O 111 -17.00 14.68 -25.82
N LYS O 112 -18.13 15.26 -26.20
CA LYS O 112 -18.89 14.75 -27.32
C LYS O 112 -18.18 14.99 -28.64
N ARG O 113 -17.38 16.06 -28.72
CA ARG O 113 -16.67 16.39 -29.97
C ARG O 113 -15.18 16.03 -30.03
N ARG O 114 -14.59 15.65 -28.90
CA ARG O 114 -13.16 15.32 -28.86
C ARG O 114 -12.44 16.35 -29.73
N PRO O 115 -12.71 17.64 -29.47
CA PRO O 115 -12.17 18.81 -30.16
C PRO O 115 -10.70 19.05 -29.92
N GLU O 116 -10.09 19.78 -30.85
CA GLU O 116 -8.68 20.13 -30.78
C GLU O 116 -8.49 21.28 -29.80
N HIS O 117 -9.41 22.23 -29.81
CA HIS O 117 -9.34 23.37 -28.92
C HIS O 117 -10.66 23.52 -28.19
N MET O 118 -10.79 24.60 -27.44
CA MET O 118 -11.98 24.83 -26.68
C MET O 118 -11.86 26.21 -26.02
N THR O 119 -12.59 27.19 -26.54
CA THR O 119 -12.56 28.53 -26.00
C THR O 119 -13.51 28.69 -24.80
N LEU O 120 -13.08 29.48 -23.83
CA LEU O 120 -13.83 29.68 -22.61
C LEU O 120 -14.06 31.16 -22.36
N ALA O 121 -15.20 31.68 -22.78
CA ALA O 121 -15.51 33.11 -22.61
C ALA O 121 -16.27 33.41 -21.35
N PHE O 122 -15.78 34.39 -20.58
CA PHE O 122 -16.44 34.78 -19.34
C PHE O 122 -17.35 35.95 -19.59
N GLU O 123 -18.66 35.71 -19.53
CA GLU O 123 -19.64 36.75 -19.77
C GLU O 123 -19.76 37.71 -18.58
N SER O 124 -20.22 37.23 -17.43
CA SER O 124 -20.38 38.07 -16.25
C SER O 124 -19.75 37.49 -15.00
N SER O 125 -19.53 38.34 -13.99
CA SER O 125 -18.94 37.90 -12.74
C SER O 125 -19.32 38.88 -11.66
N SER O 126 -19.96 38.40 -10.60
CA SER O 126 -20.35 39.26 -9.48
C SER O 126 -20.07 38.61 -8.13
N ILE O 127 -19.59 39.41 -7.18
CA ILE O 127 -19.29 38.89 -5.85
C ILE O 127 -20.30 39.42 -4.84
N ALA O 128 -20.84 38.52 -4.02
CA ALA O 128 -21.81 38.90 -3.00
C ALA O 128 -21.10 39.70 -1.93
N ALA O 129 -21.55 40.93 -1.73
CA ALA O 129 -20.96 41.86 -0.77
C ALA O 129 -20.66 41.32 0.64
N PHE O 130 -21.44 40.30 1.05
CA PHE O 130 -21.27 39.72 2.38
C PHE O 130 -20.54 38.37 2.43
N PHE O 131 -20.22 37.82 1.28
CA PHE O 131 -19.54 36.56 1.25
C PHE O 131 -18.46 36.67 0.17
N THR O 132 -17.35 37.33 0.53
CA THR O 132 -16.26 37.53 -0.40
C THR O 132 -15.51 36.28 -0.84
N PRO O 133 -15.52 35.18 -0.06
CA PRO O 133 -14.80 33.95 -0.44
C PRO O 133 -15.17 33.24 -1.73
N ILE O 134 -16.27 33.65 -2.35
CA ILE O 134 -16.72 33.04 -3.58
C ILE O 134 -17.29 34.03 -4.58
N ALA O 135 -16.78 34.01 -5.80
CA ALA O 135 -17.25 34.91 -6.84
C ALA O 135 -18.01 34.06 -7.85
N ASP O 136 -19.25 34.44 -8.13
CA ASP O 136 -20.08 33.71 -9.08
C ASP O 136 -19.85 34.14 -10.53
N LEU O 137 -19.75 33.18 -11.44
CA LEU O 137 -19.50 33.46 -12.84
C LEU O 137 -20.53 32.89 -13.79
N HIS O 138 -20.61 33.47 -14.98
CA HIS O 138 -21.50 33.02 -16.06
C HIS O 138 -20.55 32.90 -17.24
N VAL O 139 -20.45 31.71 -17.80
CA VAL O 139 -19.53 31.44 -18.89
C VAL O 139 -20.10 30.70 -20.09
N HIS O 140 -19.58 31.04 -21.27
CA HIS O 140 -19.97 30.43 -22.52
C HIS O 140 -18.78 29.59 -22.95
N ILE O 141 -19.01 28.30 -23.13
CA ILE O 141 -17.94 27.39 -23.56
C ILE O 141 -18.09 27.17 -25.06
N GLU O 142 -17.24 27.80 -25.85
CA GLU O 142 -17.34 27.72 -27.30
C GLU O 142 -16.55 26.55 -27.87
N ILE O 143 -17.06 25.95 -28.95
CA ILE O 143 -16.39 24.81 -29.58
C ILE O 143 -16.56 24.74 -31.09
N GLU O 144 -15.45 24.54 -31.79
CA GLU O 144 -15.42 24.46 -33.26
C GLU O 144 -15.17 23.04 -33.76
N SER O 145 -16.24 22.27 -33.95
CA SER O 145 -16.13 20.90 -34.44
C SER O 145 -16.26 20.84 -35.97
N GLU O 146 -15.90 19.72 -36.58
CA GLU O 146 -16.00 19.57 -38.04
C GLU O 146 -15.73 18.16 -38.54
N THR O 147 -16.78 17.44 -38.92
CA THR O 147 -16.64 16.07 -39.41
C THR O 147 -16.83 15.95 -40.91
N ASP O 148 -17.17 14.74 -41.37
CA ASP O 148 -17.39 14.44 -42.78
C ASP O 148 -18.85 14.71 -43.15
N GLU O 149 -19.76 14.21 -42.32
CA GLU O 149 -21.20 14.35 -42.54
C GLU O 149 -21.73 15.75 -42.22
N ASP O 150 -20.93 16.54 -41.50
CA ASP O 150 -21.36 17.89 -41.15
C ASP O 150 -20.23 18.74 -40.57
N GLU O 151 -20.59 19.93 -40.09
CA GLU O 151 -19.64 20.84 -39.49
C GLU O 151 -20.40 21.71 -38.49
N SER O 152 -20.26 21.38 -37.21
CA SER O 152 -20.94 22.08 -36.14
C SER O 152 -20.10 23.09 -35.36
N GLU O 153 -20.80 23.99 -34.70
CA GLU O 153 -20.20 25.03 -33.86
C GLU O 153 -21.06 25.03 -32.61
N VAL O 154 -20.47 25.28 -31.44
CA VAL O 154 -21.24 25.30 -30.21
C VAL O 154 -20.80 26.38 -29.24
N SER O 155 -21.75 26.87 -28.46
CA SER O 155 -21.48 27.90 -27.47
C SER O 155 -22.38 27.68 -26.26
N MET O 156 -22.19 26.56 -25.57
CA MET O 156 -22.98 26.22 -24.41
C MET O 156 -22.65 27.13 -23.24
N PRO O 157 -23.68 27.67 -22.59
CA PRO O 157 -23.56 28.57 -21.45
C PRO O 157 -23.72 27.81 -20.15
N ALA O 158 -22.94 28.21 -19.14
CA ALA O 158 -23.00 27.54 -17.84
C ALA O 158 -22.64 28.48 -16.69
N ASP O 159 -23.19 28.18 -15.52
CA ASP O 159 -22.92 28.96 -14.34
C ASP O 159 -21.66 28.37 -13.70
N GLY O 160 -21.08 29.10 -12.75
CA GLY O 160 -19.89 28.64 -12.07
C GLY O 160 -19.37 29.64 -11.08
N GLU O 161 -18.52 29.17 -10.16
CA GLU O 161 -17.95 30.04 -9.14
C GLU O 161 -16.44 29.90 -9.11
N TYR O 162 -15.78 30.86 -8.47
CA TYR O 162 -14.34 30.82 -8.34
C TYR O 162 -14.07 30.98 -6.87
N SER O 163 -13.34 30.03 -6.29
CA SER O 163 -13.04 30.05 -4.87
C SER O 163 -11.62 30.52 -4.59
N PHE O 164 -11.50 31.71 -4.00
CA PHE O 164 -10.19 32.26 -3.68
C PHE O 164 -9.54 31.30 -2.71
N ALA O 165 -10.37 30.48 -2.08
CA ALA O 165 -9.89 29.52 -1.12
C ALA O 165 -8.77 28.66 -1.70
N ASP O 166 -8.94 28.19 -2.94
CA ASP O 166 -7.91 27.36 -3.58
C ASP O 166 -7.72 27.66 -5.07
N HIS O 167 -8.01 28.90 -5.46
CA HIS O 167 -7.86 29.33 -6.84
C HIS O 167 -8.43 28.32 -7.81
N ARG O 168 -9.60 27.81 -7.51
CA ARG O 168 -10.24 26.81 -8.37
C ARG O 168 -11.63 27.20 -8.81
N LEU O 169 -11.78 27.42 -10.11
CA LEU O 169 -13.09 27.78 -10.67
C LEU O 169 -13.79 26.49 -11.09
N THR O 170 -15.04 26.36 -10.66
CA THR O 170 -15.83 25.20 -10.98
C THR O 170 -16.91 25.69 -11.92
N ILE O 171 -17.01 25.07 -13.10
CA ILE O 171 -18.02 25.49 -14.06
C ILE O 171 -19.05 24.40 -14.14
N HIS O 172 -20.23 24.66 -13.58
CA HIS O 172 -21.31 23.67 -13.58
C HIS O 172 -21.60 23.12 -14.95
N PRO O 173 -22.00 21.83 -15.03
CA PRO O 173 -22.31 21.15 -16.29
C PRO O 173 -23.22 21.96 -17.23
N PRO O 174 -22.73 22.21 -18.44
CA PRO O 174 -23.48 22.97 -19.44
C PRO O 174 -24.64 22.15 -20.00
N GLU O 175 -24.32 20.98 -20.55
CA GLU O 175 -25.31 20.05 -21.12
C GLU O 175 -25.72 19.06 -20.06
N GLU O 176 -26.91 18.50 -20.20
CA GLU O 176 -27.40 17.53 -19.23
C GLU O 176 -26.77 16.15 -19.46
N ASP O 177 -25.44 16.12 -19.56
CA ASP O 177 -24.70 14.88 -19.75
C ASP O 177 -23.74 14.66 -18.58
N GLY O 178 -23.99 15.39 -17.49
CA GLY O 178 -23.17 15.27 -16.28
C GLY O 178 -21.69 15.57 -16.41
N LEU O 179 -21.36 16.45 -17.36
CA LEU O 179 -19.96 16.80 -17.60
C LEU O 179 -19.70 18.26 -17.30
N GLY O 180 -18.82 18.49 -16.34
CA GLY O 180 -18.47 19.85 -15.95
C GLY O 180 -16.97 20.10 -16.00
N LEU O 181 -16.58 21.37 -15.99
CA LEU O 181 -15.17 21.75 -16.02
C LEU O 181 -14.71 22.23 -14.68
N VAL O 182 -13.47 21.88 -14.37
CA VAL O 182 -12.85 22.24 -13.11
C VAL O 182 -11.40 22.59 -13.34
N GLY O 183 -11.11 23.88 -13.36
CA GLY O 183 -9.74 24.31 -13.56
C GLY O 183 -9.19 24.89 -12.27
N GLU O 184 -8.03 24.41 -11.85
CA GLU O 184 -7.41 24.92 -10.63
C GLU O 184 -6.19 25.75 -11.00
N PHE O 185 -6.16 26.98 -10.51
CA PHE O 185 -5.07 27.88 -10.82
C PHE O 185 -3.79 27.64 -10.06
N ASP O 186 -2.69 27.98 -10.72
CA ASP O 186 -1.33 27.86 -10.21
C ASP O 186 -1.19 28.44 -8.82
N GLY O 187 -1.72 29.63 -8.62
CA GLY O 187 -1.61 30.29 -7.35
C GLY O 187 -0.90 31.58 -7.64
N TYR O 188 0.09 31.51 -8.52
CA TYR O 188 0.87 32.67 -8.90
C TYR O 188 0.77 33.03 -10.37
N ASN O 189 0.32 32.10 -11.22
CA ASN O 189 0.25 32.37 -12.65
C ASN O 189 -0.93 33.21 -13.13
N PHE O 190 -2.05 32.57 -13.39
CA PHE O 190 -3.26 33.29 -13.82
C PHE O 190 -3.36 33.62 -15.30
N ASP O 191 -2.56 32.94 -16.11
CA ASP O 191 -2.58 33.16 -17.55
C ASP O 191 -2.56 31.77 -18.17
N ARG O 192 -2.68 30.77 -17.31
CA ARG O 192 -2.65 29.37 -17.74
C ARG O 192 -3.11 28.50 -16.59
N PHE O 193 -4.10 27.65 -16.84
CA PHE O 193 -4.60 26.75 -15.80
C PHE O 193 -4.99 25.43 -16.43
N VAL O 194 -4.75 24.32 -15.75
CA VAL O 194 -5.12 23.02 -16.29
C VAL O 194 -6.60 22.83 -16.09
N GLY O 195 -7.29 22.52 -17.17
CA GLY O 195 -8.72 22.34 -17.09
C GLY O 195 -9.15 20.90 -17.24
N HIS O 196 -9.68 20.37 -16.16
CA HIS O 196 -10.14 18.99 -16.14
C HIS O 196 -11.64 18.93 -16.38
N ILE O 197 -12.05 18.08 -17.32
CA ILE O 197 -13.46 17.93 -17.55
C ILE O 197 -13.85 16.71 -16.76
N VAL O 198 -14.82 16.87 -15.88
CA VAL O 198 -15.25 15.75 -15.03
C VAL O 198 -16.73 15.50 -14.97
N HIS O 199 -17.10 14.36 -14.37
CA HIS O 199 -18.49 14.01 -14.17
C HIS O 199 -18.78 14.64 -12.82
N GLU O 200 -19.63 15.66 -12.79
CA GLU O 200 -19.92 16.33 -11.53
C GLU O 200 -20.16 15.35 -10.39
N LEU O 201 -21.18 14.51 -10.53
CA LEU O 201 -21.51 13.53 -9.51
C LEU O 201 -20.30 12.77 -8.99
N SER O 202 -19.62 12.02 -9.87
CA SER O 202 -18.44 11.24 -9.50
C SER O 202 -17.21 12.08 -9.15
N GLU O 203 -16.87 13.02 -10.03
CA GLU O 203 -15.71 13.89 -9.88
C GLU O 203 -14.57 13.21 -10.61
N GLU O 204 -14.96 12.38 -11.58
CA GLU O 204 -14.02 11.63 -12.40
C GLU O 204 -13.42 12.52 -13.46
N VAL O 205 -12.10 12.48 -13.59
CA VAL O 205 -11.44 13.26 -14.61
C VAL O 205 -11.48 12.46 -15.90
N CYS O 206 -11.81 13.08 -17.01
CA CYS O 206 -11.84 12.35 -18.27
C CYS O 206 -11.45 13.21 -19.46
N ALA O 207 -10.88 14.37 -19.17
CA ALA O 207 -10.45 15.30 -20.21
C ALA O 207 -9.64 16.40 -19.58
N GLU O 208 -8.44 16.59 -20.12
CA GLU O 208 -7.53 17.61 -19.64
C GLU O 208 -7.21 18.55 -20.80
N PHE O 209 -7.29 19.85 -20.52
CA PHE O 209 -6.99 20.86 -21.50
C PHE O 209 -6.16 21.88 -20.78
N ILE O 210 -5.14 22.41 -21.44
CA ILE O 210 -4.32 23.45 -20.83
C ILE O 210 -4.91 24.76 -21.33
N PHE O 211 -5.46 25.56 -20.43
CA PHE O 211 -6.06 26.80 -20.84
C PHE O 211 -5.09 27.97 -20.70
N HIS O 212 -4.98 28.77 -21.76
CA HIS O 212 -4.13 29.95 -21.80
C HIS O 212 -5.05 31.17 -21.93
N ARG O 213 -4.72 32.25 -21.22
CA ARG O 213 -5.51 33.46 -21.30
C ARG O 213 -5.24 34.07 -22.66
N LYS O 214 -6.28 34.26 -23.47
CA LYS O 214 -6.12 34.85 -24.80
C LYS O 214 -5.92 36.35 -24.63
N LYS O 215 -4.67 36.77 -24.75
CA LYS O 215 -4.31 38.18 -24.61
C LYS O 215 -3.93 38.76 -25.97
#